data_5MSV
#
_entry.id   5MSV
#
_cell.length_a   92.110
_cell.length_b   92.110
_cell.length_c   363.500
_cell.angle_alpha   90.00
_cell.angle_beta   90.00
_cell.angle_gamma   90.00
#
_symmetry.space_group_name_H-M   'P 43'
#
loop_
_entity.id
_entity.type
_entity.pdbx_description
1 polymer 'Thioester reductase domain-containing protein'
2 non-polymer "4'-PHOSPHOPANTETHEINE"
3 non-polymer 'NADP NICOTINAMIDE-ADENINE-DINUCLEOTIDE PHOSPHATE'
4 water water
#
_entity_poly.entity_id   1
_entity_poly.type   'polypeptide(L)'
_entity_poly.pdbx_seq_one_letter_code
;MTESQSYETRQARPAGQSLAERVARLVAIDPQAAAAVPDKAVAERATQQGLRLAQRIEAFLSGYGDRPALAQRAFEITKD
PITGRAVATLLPKFETVSYRELLERSHAIASELANHAEAPVKAGEFIATIGFTSTDYTSLDIAGVLLGLTSVPLQTGATT
DTLKAIAEETAPAVFGASVEHLDNAVTTALATPSVRRLLVFDYRQGVDEDREAVEAARSRLAEAGSAVLVDTLDEVIARG
RALPRVALPPATDAGDDSLSLLIYTSGSTGTPKGAMYPERNVAQFWGGIWHNAFDDGDSAPDVPDIMVNFMPLSHVAGRI
GLMGTLSSGGTTYFIAKSDLSTFFEDYSLARPTKLFFVPRICEMIYQHYQSELDRIGAADGSPQAEAIKTELREKLLGGR
VLTAGSGSAPMSPELTAFIESVLQVHLVDGYGSTEAGPVWRDRKLVKPPVTEHKLIDVPELGYFSTDSPYPRGELAIKTQ
TILPGYYKRPETTAEVFDEDGFYLTGDVVAEVAPEEFVYVDRRKNVLKLSQGEFVALSKLEAAYGTSPLVRQISVYGSSQ
RSYLLAVVVPTPEALAKYGDGEAVKSALGDSLQKIAREEGLQSYEVPRDFIIETDPFTIENGILSDAGKTLRPKVKARYG
ERLEALYAQLAETQAGELRSIRVGAGERPVIETVQRAAAALLGASAAEVDPEAHFSDLGGDSLSALTYSNFLHEIFQVEV
PVSVIVSAANNLRSVAAHIEKERSSGSDRPTFASVHGAGATTIRASDLKLEKFLDAQTLAAAPSLPRPASEVRTVLLTGS
NGWLGRFLALAWLERLVPQGGKVVVIVRGKDDKAAKARLDSVFESGDPALLAHYEDLADKGLEVLAGDFSDADLGLRKAD
WDRLADEVDLIVHSGALVNHVLPYSQLFGPNVVGTAEVAKLALTKRLKPVTYLSTVAVAVGVEPSAFEEDGDIRDVSAVR
SIDEGYANGYGNSKWAGEVLLREAYEHAGLPVRVFRSDMILAHRKYTGQLNVPDQFTRLILSLLATGIAPKSFYQLDATG
GRQRAHYDGIPVDFTAEAITTLGLAGSDGYHSFDVFNPHHDGVGLDEFVDWLVEAGHPISRVDDYAEWLSRFETSLRGLP
EAQRQHSVLPLLHAFAQPAPAIDGSPFQTKNFQSSVQEAKVGAEHDIPHLDKALIVKYAEDIKQLGLL
;
_entity_poly.pdbx_strand_id   A,B,C,D
#
loop_
_chem_comp.id
_chem_comp.type
_chem_comp.name
_chem_comp.formula
NAP non-polymer 'NADP NICOTINAMIDE-ADENINE-DINUCLEOTIDE PHOSPHATE' 'C21 H28 N7 O17 P3'
PNS non-polymer 4'-PHOSPHOPANTETHEINE 'C11 H23 N2 O7 P S'
#
# COMPACT_ATOMS: atom_id res chain seq x y z
N PRO A 669 16.31 12.81 -34.77
CA PRO A 669 15.32 12.01 -34.03
C PRO A 669 14.48 12.87 -33.05
N VAL A 670 13.16 12.69 -33.10
CA VAL A 670 12.23 13.61 -32.44
C VAL A 670 12.46 13.72 -30.93
N ILE A 671 12.62 12.57 -30.26
CA ILE A 671 12.87 12.53 -28.81
C ILE A 671 14.09 13.34 -28.37
N GLU A 672 15.14 13.38 -29.20
CA GLU A 672 16.35 14.15 -28.89
C GLU A 672 16.08 15.65 -28.84
N THR A 673 15.35 16.15 -29.84
CA THR A 673 14.94 17.56 -29.87
C THR A 673 14.04 17.89 -28.65
N VAL A 674 13.07 17.02 -28.39
CA VAL A 674 12.19 17.12 -27.21
C VAL A 674 13.01 17.23 -25.91
N GLN A 675 13.98 16.34 -25.74
CA GLN A 675 14.88 16.35 -24.58
C GLN A 675 15.72 17.63 -24.47
N ARG A 676 16.33 18.02 -25.57
CA ARG A 676 17.23 19.19 -25.57
C ARG A 676 16.47 20.49 -25.35
N ALA A 677 15.30 20.62 -26.00
CA ALA A 677 14.44 21.79 -25.81
C ALA A 677 14.01 21.95 -24.35
N ALA A 678 13.64 20.83 -23.71
CA ALA A 678 13.25 20.84 -22.29
C ALA A 678 14.39 21.27 -21.39
N ALA A 679 15.57 20.67 -21.61
CA ALA A 679 16.80 21.06 -20.91
C ALA A 679 17.12 22.55 -21.01
N ALA A 680 17.05 23.09 -22.22
CA ALA A 680 17.34 24.51 -22.45
C ALA A 680 16.30 25.41 -21.77
N LEU A 681 15.04 25.01 -21.86
CA LEU A 681 13.94 25.78 -21.29
C LEU A 681 14.00 25.83 -19.75
N LEU A 682 14.19 24.67 -19.13
CA LEU A 682 14.04 24.52 -17.68
C LEU A 682 15.35 24.54 -16.87
N GLY A 683 16.49 24.58 -17.54
CA GLY A 683 17.79 24.66 -16.86
C GLY A 683 18.31 23.36 -16.26
N ALA A 684 18.17 22.27 -17.02
CA ALA A 684 18.60 20.93 -16.61
C ALA A 684 20.02 20.60 -17.05
N VAL A 689 17.69 15.52 -20.30
CA VAL A 689 16.80 14.97 -19.28
C VAL A 689 16.23 13.66 -19.82
N ASP A 690 15.90 12.73 -18.93
CA ASP A 690 15.55 11.35 -19.29
C ASP A 690 14.21 11.35 -20.08
N PRO A 691 14.08 10.52 -21.15
CA PRO A 691 12.79 10.43 -21.86
C PRO A 691 11.57 9.99 -21.04
N GLU A 692 11.80 9.27 -19.95
CA GLU A 692 10.74 8.83 -19.02
C GLU A 692 10.34 9.91 -18.00
N ALA A 693 11.04 11.04 -17.96
CA ALA A 693 10.71 12.16 -17.07
C ALA A 693 9.43 12.87 -17.51
N HIS A 694 8.73 13.40 -16.52
CA HIS A 694 7.55 14.22 -16.76
C HIS A 694 7.97 15.68 -16.73
N PHE A 695 7.36 16.48 -17.60
CA PHE A 695 7.68 17.90 -17.75
C PHE A 695 7.58 18.65 -16.41
N SER A 696 6.56 18.33 -15.62
CA SER A 696 6.36 18.95 -14.30
C SER A 696 7.43 18.59 -13.26
N ASP A 697 7.98 17.38 -13.35
CA ASP A 697 9.08 16.95 -12.47
C ASP A 697 10.39 17.69 -12.73
N LEU A 698 10.56 18.23 -13.95
CA LEU A 698 11.76 18.99 -14.32
C LEU A 698 11.69 20.49 -13.97
N GLY A 699 10.66 20.92 -13.24
CA GLY A 699 10.44 22.34 -12.94
C GLY A 699 9.43 23.02 -13.86
N GLY A 700 8.76 22.25 -14.71
CA GLY A 700 7.79 22.77 -15.66
C GLY A 700 6.44 23.07 -15.05
N ASP A 701 5.74 24.04 -15.62
CA ASP A 701 4.35 24.36 -15.27
C ASP A 701 3.56 24.63 -16.57
N SER A 702 2.28 25.00 -16.44
CA SER A 702 1.43 25.29 -17.61
C SER A 702 1.89 26.49 -18.49
N LEU A 703 2.65 27.42 -17.92
CA LEU A 703 3.13 28.60 -18.67
C LEU A 703 4.45 28.37 -19.39
N SER A 704 5.41 27.73 -18.73
CA SER A 704 6.61 27.25 -19.43
C SER A 704 6.24 26.15 -20.43
N ALA A 705 5.14 25.42 -20.19
CA ALA A 705 4.61 24.48 -21.18
C ALA A 705 4.12 25.16 -22.46
N LEU A 706 3.59 26.38 -22.33
CA LEU A 706 3.17 27.16 -23.50
C LEU A 706 4.37 27.55 -24.37
N THR A 707 5.43 28.04 -23.74
CA THR A 707 6.70 28.32 -24.40
C THR A 707 7.24 27.08 -25.13
N TYR A 708 7.22 25.95 -24.43
CA TYR A 708 7.67 24.65 -24.95
C TYR A 708 6.81 24.23 -26.14
N SER A 709 5.50 24.34 -25.98
CA SER A 709 4.54 24.04 -27.04
C SER A 709 4.79 24.85 -28.33
N ASN A 710 4.97 26.16 -28.19
CA ASN A 710 5.22 27.04 -29.34
C ASN A 710 6.57 26.75 -30.02
N PHE A 711 7.59 26.46 -29.21
CA PHE A 711 8.91 26.10 -29.71
C PHE A 711 8.81 24.84 -30.57
N LEU A 712 8.21 23.79 -30.04
CA LEU A 712 8.09 22.52 -30.76
C LEU A 712 7.16 22.62 -31.98
N HIS A 713 6.10 23.42 -31.84
CA HIS A 713 5.19 23.71 -32.95
C HIS A 713 5.91 24.31 -34.16
N GLU A 714 6.75 25.31 -33.93
CA GLU A 714 7.52 25.96 -35.01
C GLU A 714 8.58 25.04 -35.62
N ILE A 715 9.24 24.23 -34.80
CA ILE A 715 10.23 23.27 -35.30
C ILE A 715 9.60 22.23 -36.21
N PHE A 716 8.56 21.55 -35.73
CA PHE A 716 7.99 20.38 -36.44
C PHE A 716 6.76 20.67 -37.32
N GLN A 717 6.26 21.90 -37.29
CA GLN A 717 5.09 22.31 -38.08
C GLN A 717 3.84 21.42 -37.86
N VAL A 718 3.63 21.02 -36.61
CA VAL A 718 2.42 20.29 -36.18
C VAL A 718 1.92 20.87 -34.87
N GLU A 719 0.71 20.51 -34.48
CA GLU A 719 0.15 20.94 -33.20
C GLU A 719 0.80 20.15 -32.08
N VAL A 720 1.30 20.85 -31.08
CA VAL A 720 1.86 20.22 -29.86
C VAL A 720 1.21 20.88 -28.63
N PRO A 721 -0.05 20.51 -28.31
CA PRO A 721 -0.80 21.21 -27.26
C PRO A 721 -0.20 21.10 -25.87
N VAL A 722 -0.41 22.14 -25.07
CA VAL A 722 0.00 22.17 -23.67
C VAL A 722 -0.52 20.93 -22.92
N SER A 723 -1.75 20.52 -23.21
CA SER A 723 -2.38 19.38 -22.57
C SER A 723 -1.60 18.06 -22.73
N VAL A 724 -0.97 17.87 -23.89
CA VAL A 724 -0.12 16.71 -24.14
C VAL A 724 1.16 16.77 -23.29
N ILE A 725 1.72 17.97 -23.14
CA ILE A 725 2.91 18.18 -22.33
C ILE A 725 2.66 17.99 -20.82
N VAL A 726 1.55 18.51 -20.29
CA VAL A 726 1.32 18.54 -18.81
C VAL A 726 0.47 17.39 -18.23
N SER A 727 -0.21 16.62 -19.08
CA SER A 727 -1.03 15.50 -18.58
C SER A 727 -0.22 14.57 -17.68
N ALA A 728 -0.81 14.19 -16.55
CA ALA A 728 -0.18 13.25 -15.60
C ALA A 728 0.09 11.87 -16.22
N ALA A 729 -0.63 11.53 -17.29
CA ALA A 729 -0.39 10.29 -18.05
C ALA A 729 0.87 10.31 -18.96
N ASN A 730 1.46 11.49 -19.22
CA ASN A 730 2.46 11.67 -20.29
C ASN A 730 3.84 12.06 -19.79
N ASN A 731 4.86 11.47 -20.39
CA ASN A 731 6.26 11.86 -20.18
C ASN A 731 6.78 12.43 -21.51
N LEU A 732 8.06 12.80 -21.56
CA LEU A 732 8.65 13.36 -22.78
C LEU A 732 8.56 12.39 -23.97
N ARG A 733 8.67 11.10 -23.72
CA ARG A 733 8.45 10.08 -24.75
C ARG A 733 7.07 10.26 -25.38
N SER A 734 6.04 10.48 -24.56
CA SER A 734 4.65 10.70 -25.04
C SER A 734 4.52 11.95 -25.93
N VAL A 735 5.27 12.99 -25.58
CA VAL A 735 5.33 14.22 -26.39
C VAL A 735 5.97 13.96 -27.77
N ALA A 736 7.09 13.23 -27.78
CA ALA A 736 7.74 12.81 -29.03
C ALA A 736 6.83 11.94 -29.89
N ALA A 737 6.15 10.99 -29.26
CA ALA A 737 5.21 10.10 -29.95
C ALA A 737 4.05 10.89 -30.58
N HIS A 738 3.56 11.89 -29.86
CA HIS A 738 2.51 12.77 -30.39
C HIS A 738 3.00 13.51 -31.64
N ILE A 739 4.22 14.02 -31.59
CA ILE A 739 4.80 14.73 -32.75
C ILE A 739 4.96 13.80 -33.96
N GLU A 740 5.53 12.62 -33.75
CA GLU A 740 5.70 11.62 -34.82
C GLU A 740 4.38 11.23 -35.49
N LYS A 741 3.33 11.06 -34.67
CA LYS A 741 2.01 10.71 -35.17
C LYS A 741 1.42 11.83 -36.03
N GLU A 742 1.53 13.08 -35.57
CA GLU A 742 1.04 14.23 -36.32
C GLU A 742 1.76 14.44 -37.65
N ARG A 743 3.07 14.15 -37.69
CA ARG A 743 3.86 14.26 -38.93
C ARG A 743 3.54 13.23 -40.02
N SER A 744 3.01 12.06 -39.65
CA SER A 744 2.54 11.07 -40.61
C SER A 744 0.99 10.97 -40.55
N SER A 745 0.35 12.12 -40.68
CA SER A 745 -1.11 12.31 -40.81
C SER A 745 -1.82 12.40 -39.47
N ASP A 748 -7.36 12.89 -36.88
CA ASP A 748 -8.68 13.06 -37.50
C ASP A 748 -9.78 13.58 -36.53
N ARG A 749 -9.35 14.27 -35.48
CA ARG A 749 -10.22 14.80 -34.46
C ARG A 749 -10.63 16.22 -34.87
N PRO A 750 -11.73 16.75 -34.31
CA PRO A 750 -12.05 18.16 -34.59
C PRO A 750 -10.96 19.10 -34.07
N THR A 751 -10.70 20.16 -34.82
CA THR A 751 -9.68 21.15 -34.47
C THR A 751 -10.27 22.55 -34.56
N PHE A 752 -9.51 23.52 -34.04
CA PHE A 752 -9.86 24.93 -34.19
C PHE A 752 -10.10 25.28 -35.66
N ALA A 753 -9.22 24.81 -36.53
CA ALA A 753 -9.28 25.05 -37.98
C ALA A 753 -10.53 24.46 -38.62
N SER A 754 -10.79 23.17 -38.34
CA SER A 754 -11.96 22.47 -38.92
C SER A 754 -13.32 23.02 -38.45
N VAL A 755 -13.36 23.68 -37.29
CA VAL A 755 -14.60 24.20 -36.71
C VAL A 755 -14.79 25.71 -36.94
N HIS A 756 -13.76 26.51 -36.67
CA HIS A 756 -13.85 27.97 -36.75
C HIS A 756 -13.17 28.59 -37.98
N GLY A 757 -12.43 27.79 -38.75
CA GLY A 757 -11.64 28.30 -39.87
C GLY A 757 -10.26 28.75 -39.41
N ALA A 758 -9.23 28.32 -40.13
CA ALA A 758 -7.84 28.61 -39.76
C ALA A 758 -7.56 30.11 -39.73
N GLY A 759 -6.81 30.54 -38.73
CA GLY A 759 -6.47 31.95 -38.55
C GLY A 759 -7.59 32.88 -38.08
N ALA A 760 -8.76 32.35 -37.75
CA ALA A 760 -9.91 33.18 -37.39
C ALA A 760 -9.64 33.90 -36.06
N THR A 761 -9.92 35.20 -36.03
CA THR A 761 -9.78 36.01 -34.82
C THR A 761 -11.14 36.31 -34.17
N THR A 762 -12.23 35.87 -34.80
CA THR A 762 -13.56 35.88 -34.18
C THR A 762 -14.18 34.49 -34.36
N ILE A 763 -15.07 34.13 -33.44
CA ILE A 763 -15.76 32.84 -33.46
C ILE A 763 -17.24 33.07 -33.27
N ARG A 764 -18.06 32.23 -33.89
CA ARG A 764 -19.52 32.38 -33.88
C ARG A 764 -20.16 31.12 -33.32
N ALA A 765 -21.28 31.28 -32.62
CA ALA A 765 -22.06 30.14 -32.14
C ALA A 765 -22.47 29.21 -33.27
N SER A 766 -22.78 29.79 -34.44
CA SER A 766 -23.15 29.01 -35.63
C SER A 766 -22.03 28.12 -36.20
N ASP A 767 -20.77 28.44 -35.88
CA ASP A 767 -19.64 27.52 -36.17
C ASP A 767 -19.78 26.15 -35.46
N LEU A 768 -20.33 26.17 -34.25
CA LEU A 768 -20.33 25.02 -33.34
C LEU A 768 -21.56 24.14 -33.52
N LYS A 769 -21.56 23.37 -34.61
CA LYS A 769 -22.61 22.41 -34.91
C LYS A 769 -22.13 21.00 -34.61
N LEU A 770 -23.07 20.14 -34.19
CA LEU A 770 -22.73 18.78 -33.78
C LEU A 770 -22.15 17.89 -34.88
N GLU A 771 -22.47 18.20 -36.13
CA GLU A 771 -21.97 17.45 -37.30
C GLU A 771 -20.43 17.48 -37.39
N LYS A 772 -19.84 18.59 -36.91
CA LYS A 772 -18.39 18.75 -36.88
C LYS A 772 -17.68 18.02 -35.73
N PHE A 773 -18.43 17.49 -34.76
CA PHE A 773 -17.86 16.79 -33.58
C PHE A 773 -18.28 15.32 -33.48
N LEU A 774 -19.55 15.02 -33.74
CA LEU A 774 -20.09 13.67 -33.62
C LEU A 774 -20.38 13.06 -34.97
N ASP A 775 -20.23 11.74 -35.06
CA ASP A 775 -20.52 10.98 -36.27
C ASP A 775 -22.01 10.99 -36.61
N ALA A 776 -22.30 10.84 -37.90
CA ALA A 776 -23.66 10.92 -38.43
C ALA A 776 -24.61 9.86 -37.87
N GLN A 777 -24.07 8.69 -37.53
CA GLN A 777 -24.87 7.57 -37.03
C GLN A 777 -25.41 7.86 -35.63
N THR A 778 -24.54 8.42 -34.77
CA THR A 778 -24.92 8.87 -33.43
C THR A 778 -26.00 9.94 -33.51
N LEU A 779 -25.79 10.93 -34.38
CA LEU A 779 -26.76 12.04 -34.54
C LEU A 779 -28.10 11.59 -35.12
N ALA A 780 -28.10 10.64 -36.06
CA ALA A 780 -29.34 10.13 -36.65
C ALA A 780 -30.18 9.35 -35.64
N ALA A 781 -29.52 8.53 -34.82
CA ALA A 781 -30.20 7.72 -33.80
C ALA A 781 -30.63 8.49 -32.54
N ALA A 782 -30.07 9.68 -32.32
CA ALA A 782 -30.22 10.38 -31.04
C ALA A 782 -31.64 10.81 -30.67
N PRO A 783 -32.40 11.42 -31.62
CA PRO A 783 -33.75 11.92 -31.29
C PRO A 783 -34.74 10.86 -30.81
N SER A 784 -34.55 9.61 -31.24
CA SER A 784 -35.45 8.51 -30.85
C SER A 784 -34.92 7.64 -29.68
N LEU A 785 -33.86 8.07 -29.01
CA LEU A 785 -33.30 7.30 -27.88
C LEU A 785 -34.27 7.23 -26.71
N PRO A 786 -34.19 6.14 -25.92
CA PRO A 786 -34.97 6.06 -24.68
C PRO A 786 -34.72 7.26 -23.77
N ARG A 787 -35.80 7.71 -23.10
CA ARG A 787 -35.75 8.88 -22.23
C ARG A 787 -34.93 8.59 -20.95
N PRO A 788 -34.57 9.65 -20.18
CA PRO A 788 -33.79 9.40 -18.95
C PRO A 788 -34.45 8.44 -17.97
N ALA A 789 -33.63 7.67 -17.25
CA ALA A 789 -34.14 6.79 -16.19
C ALA A 789 -34.81 7.61 -15.07
N SER A 790 -35.92 7.10 -14.55
CA SER A 790 -36.68 7.75 -13.46
C SER A 790 -35.86 7.87 -12.17
N GLU A 791 -35.04 6.85 -11.89
CA GLU A 791 -34.18 6.81 -10.70
C GLU A 791 -32.69 6.88 -11.05
N VAL A 792 -31.98 7.84 -10.47
CA VAL A 792 -30.53 7.97 -10.64
C VAL A 792 -29.81 7.05 -9.64
N ARG A 793 -29.23 5.97 -10.15
CA ARG A 793 -28.44 5.03 -9.35
C ARG A 793 -26.93 5.11 -9.65
N THR A 794 -26.57 5.44 -10.89
CA THR A 794 -25.18 5.54 -11.31
C THR A 794 -24.90 6.92 -11.95
N VAL A 795 -23.86 7.59 -11.45
CA VAL A 795 -23.45 8.90 -11.94
C VAL A 795 -22.01 8.83 -12.44
N LEU A 796 -21.76 9.40 -13.63
CA LEU A 796 -20.40 9.58 -14.16
C LEU A 796 -20.00 11.02 -13.87
N LEU A 797 -18.84 11.18 -13.26
CA LEU A 797 -18.38 12.49 -12.87
C LEU A 797 -17.00 12.74 -13.47
N THR A 798 -16.92 13.84 -14.18
CA THR A 798 -15.69 14.33 -14.74
C THR A 798 -15.06 15.36 -13.78
N GLY A 799 -13.72 15.45 -13.79
CA GLY A 799 -13.01 16.45 -12.99
C GLY A 799 -12.99 16.24 -11.48
N SER A 800 -13.12 14.98 -11.05
CA SER A 800 -13.24 14.65 -9.62
C SER A 800 -12.04 14.99 -8.74
N ASN A 801 -10.83 15.02 -9.29
CA ASN A 801 -9.66 15.43 -8.50
C ASN A 801 -9.43 16.95 -8.50
N GLY A 802 -10.23 17.66 -9.29
CA GLY A 802 -10.25 19.11 -9.27
C GLY A 802 -10.88 19.67 -8.01
N TRP A 803 -10.90 21.00 -7.94
CA TRP A 803 -11.37 21.68 -6.74
C TRP A 803 -12.86 21.44 -6.45
N LEU A 804 -13.73 21.80 -7.39
CA LEU A 804 -15.16 21.60 -7.18
C LEU A 804 -15.54 20.12 -7.29
N GLY A 805 -14.96 19.43 -8.27
CA GLY A 805 -15.30 18.05 -8.54
C GLY A 805 -15.15 17.07 -7.39
N ARG A 806 -14.15 17.27 -6.53
CA ARG A 806 -13.96 16.40 -5.37
C ARG A 806 -15.14 16.44 -4.41
N PHE A 807 -15.74 17.63 -4.26
CA PHE A 807 -16.92 17.79 -3.40
C PHE A 807 -18.24 17.42 -4.08
N LEU A 808 -18.28 17.51 -5.41
CA LEU A 808 -19.38 16.89 -6.17
C LEU A 808 -19.34 15.36 -6.05
N ALA A 809 -18.13 14.78 -6.08
CA ALA A 809 -17.97 13.32 -5.90
C ALA A 809 -18.47 12.88 -4.53
N LEU A 810 -18.07 13.63 -3.51
CA LEU A 810 -18.45 13.34 -2.14
C LEU A 810 -19.96 13.45 -1.97
N ALA A 811 -20.55 14.50 -2.53
CA ALA A 811 -22.00 14.74 -2.43
C ALA A 811 -22.81 13.62 -3.09
N TRP A 812 -22.32 13.10 -4.21
CA TRP A 812 -22.98 11.98 -4.90
C TRP A 812 -22.79 10.65 -4.16
N LEU A 813 -21.58 10.42 -3.64
CA LEU A 813 -21.31 9.23 -2.83
C LEU A 813 -22.19 9.19 -1.58
N GLU A 814 -22.32 10.32 -0.88
CA GLU A 814 -23.22 10.43 0.30
C GLU A 814 -24.67 10.04 -0.03
N ARG A 815 -25.18 10.49 -1.18
CA ARG A 815 -26.53 10.14 -1.61
C ARG A 815 -26.67 8.69 -2.08
N LEU A 816 -25.73 8.23 -2.91
CA LEU A 816 -25.88 6.96 -3.64
C LEU A 816 -25.41 5.72 -2.89
N VAL A 817 -24.38 5.82 -2.06
CA VAL A 817 -23.86 4.62 -1.36
C VAL A 817 -24.93 3.95 -0.49
N PRO A 818 -25.66 4.71 0.34
CA PRO A 818 -26.76 4.13 1.12
C PRO A 818 -27.91 3.52 0.31
N GLN A 819 -28.04 3.91 -0.97
CA GLN A 819 -29.01 3.32 -1.89
C GLN A 819 -28.44 2.18 -2.75
N GLY A 820 -27.22 1.72 -2.47
CA GLY A 820 -26.54 0.73 -3.31
C GLY A 820 -26.09 1.22 -4.69
N GLY A 821 -26.02 2.54 -4.87
CA GLY A 821 -25.63 3.13 -6.15
C GLY A 821 -24.14 3.27 -6.30
N LYS A 822 -23.73 3.91 -7.40
CA LYS A 822 -22.32 3.97 -7.80
C LYS A 822 -21.96 5.34 -8.39
N VAL A 823 -20.78 5.83 -8.05
CA VAL A 823 -20.21 7.00 -8.71
C VAL A 823 -18.99 6.52 -9.49
N VAL A 824 -18.99 6.70 -10.81
CA VAL A 824 -17.81 6.38 -11.61
C VAL A 824 -17.15 7.70 -12.00
N VAL A 825 -15.81 7.69 -11.99
CA VAL A 825 -15.03 8.92 -12.16
C VAL A 825 -13.89 8.61 -13.16
N ILE A 826 -13.65 9.56 -14.05
CA ILE A 826 -12.58 9.47 -15.04
C ILE A 826 -11.52 10.48 -14.61
N VAL A 827 -10.29 10.00 -14.43
CA VAL A 827 -9.17 10.81 -13.95
C VAL A 827 -7.98 10.58 -14.85
N ARG A 828 -7.23 11.63 -15.18
CA ARG A 828 -6.03 11.48 -15.98
C ARG A 828 -4.94 10.77 -15.17
N GLY A 829 -4.27 9.85 -15.84
CA GLY A 829 -3.17 9.10 -15.22
C GLY A 829 -2.69 8.02 -16.16
N LYS A 830 -1.50 7.50 -15.90
CA LYS A 830 -0.87 6.50 -16.79
C LYS A 830 -1.66 5.18 -16.84
N ASP A 831 -2.27 4.80 -15.72
CA ASP A 831 -3.16 3.63 -15.63
C ASP A 831 -4.17 3.82 -14.48
N ASP A 832 -5.09 2.87 -14.30
CA ASP A 832 -6.15 2.98 -13.28
C ASP A 832 -5.63 3.12 -11.85
N LYS A 833 -4.51 2.49 -11.56
CA LYS A 833 -3.90 2.56 -10.24
C LYS A 833 -3.37 3.97 -9.97
N ALA A 834 -2.64 4.53 -10.92
CA ALA A 834 -2.09 5.89 -10.80
C ALA A 834 -3.20 6.93 -10.72
N ALA A 835 -4.26 6.75 -11.51
CA ALA A 835 -5.42 7.65 -11.51
C ALA A 835 -6.11 7.67 -10.12
N LYS A 836 -6.34 6.49 -9.57
CA LYS A 836 -6.89 6.37 -8.22
C LYS A 836 -6.02 7.05 -7.16
N ALA A 837 -4.70 6.90 -7.26
CA ALA A 837 -3.77 7.53 -6.31
C ALA A 837 -3.87 9.06 -6.34
N ARG A 838 -3.96 9.63 -7.53
CA ARG A 838 -4.12 11.08 -7.71
C ARG A 838 -5.40 11.58 -7.04
N LEU A 839 -6.50 10.87 -7.24
CA LEU A 839 -7.78 11.23 -6.63
C LEU A 839 -7.76 11.10 -5.11
N ASP A 840 -7.24 9.97 -4.62
CA ASP A 840 -7.12 9.75 -3.17
C ASP A 840 -6.32 10.87 -2.50
N SER A 841 -5.24 11.31 -3.14
CA SER A 841 -4.36 12.30 -2.52
C SER A 841 -5.02 13.67 -2.24
N VAL A 842 -6.05 14.05 -3.00
CA VAL A 842 -6.67 15.37 -2.78
C VAL A 842 -7.51 15.45 -1.50
N PHE A 843 -7.92 14.31 -0.97
CA PHE A 843 -8.63 14.24 0.31
C PHE A 843 -7.69 14.12 1.53
N GLU A 844 -6.38 14.08 1.30
CA GLU A 844 -5.36 14.11 2.35
C GLU A 844 -4.83 15.54 2.45
N SER A 845 -5.36 16.30 3.41
CA SER A 845 -4.98 17.69 3.58
C SER A 845 -4.81 18.08 5.06
N GLY A 846 -4.54 17.09 5.93
CA GLY A 846 -4.43 17.30 7.37
C GLY A 846 -5.76 17.31 8.12
N ASP A 847 -6.82 16.79 7.49
CA ASP A 847 -8.14 16.73 8.12
C ASP A 847 -8.56 15.27 8.27
N PRO A 848 -8.43 14.71 9.50
CA PRO A 848 -8.77 13.30 9.72
C PRO A 848 -10.22 12.93 9.37
N ALA A 849 -11.17 13.80 9.72
CA ALA A 849 -12.57 13.55 9.44
C ALA A 849 -12.87 13.47 7.94
N LEU A 850 -12.23 14.33 7.15
CA LEU A 850 -12.39 14.29 5.71
C LEU A 850 -11.93 12.95 5.16
N LEU A 851 -10.71 12.56 5.56
CA LEU A 851 -10.09 11.34 5.06
C LEU A 851 -10.91 10.11 5.41
N ALA A 852 -11.36 10.03 6.67
CA ALA A 852 -12.19 8.91 7.14
C ALA A 852 -13.50 8.80 6.36
N HIS A 853 -14.15 9.94 6.18
CA HIS A 853 -15.41 10.06 5.43
C HIS A 853 -15.23 9.62 3.96
N TYR A 854 -14.18 10.10 3.32
CA TYR A 854 -13.88 9.71 1.93
C TYR A 854 -13.62 8.21 1.80
N GLU A 855 -12.75 7.67 2.64
CA GLU A 855 -12.38 6.25 2.57
C GLU A 855 -13.57 5.32 2.82
N ASP A 856 -14.41 5.70 3.78
CA ASP A 856 -15.67 4.99 4.07
C ASP A 856 -16.55 4.89 2.82
N LEU A 857 -16.81 6.02 2.17
CA LEU A 857 -17.68 6.06 1.00
C LEU A 857 -17.02 5.51 -0.28
N ALA A 858 -15.75 5.83 -0.50
CA ALA A 858 -15.05 5.45 -1.74
C ALA A 858 -14.92 3.94 -1.93
N ASP A 859 -14.58 3.22 -0.87
CA ASP A 859 -14.50 1.76 -0.92
C ASP A 859 -15.83 1.08 -1.24
N LYS A 860 -16.94 1.70 -0.85
CA LYS A 860 -18.27 1.15 -1.11
C LYS A 860 -18.90 1.53 -2.46
N GLY A 861 -18.62 2.72 -2.97
CA GLY A 861 -19.33 3.23 -4.16
C GLY A 861 -18.56 3.90 -5.28
N LEU A 862 -17.24 4.05 -5.15
CA LEU A 862 -16.44 4.77 -6.14
C LEU A 862 -15.70 3.82 -7.08
N GLU A 863 -15.83 4.06 -8.38
CA GLU A 863 -15.07 3.37 -9.40
C GLU A 863 -14.19 4.40 -10.13
N VAL A 864 -12.87 4.19 -10.11
CA VAL A 864 -11.93 5.11 -10.77
C VAL A 864 -11.38 4.49 -12.04
N LEU A 865 -11.53 5.20 -13.16
CA LEU A 865 -10.97 4.80 -14.45
C LEU A 865 -10.00 5.87 -14.91
N ALA A 866 -8.82 5.43 -15.35
CA ALA A 866 -7.90 6.30 -16.07
C ALA A 866 -8.51 6.63 -17.43
N GLY A 867 -8.44 7.90 -17.82
CA GLY A 867 -8.98 8.33 -19.09
C GLY A 867 -8.66 9.77 -19.40
N ASP A 868 -9.31 10.28 -20.43
CA ASP A 868 -9.05 11.62 -20.95
C ASP A 868 -10.23 12.00 -21.83
N PHE A 869 -11.04 12.96 -21.38
CA PHE A 869 -12.27 13.30 -22.12
C PHE A 869 -12.05 14.04 -23.44
N SER A 870 -10.82 14.51 -23.70
CA SER A 870 -10.49 15.07 -25.01
C SER A 870 -10.25 14.00 -26.10
N ASP A 871 -10.08 12.73 -25.71
CA ASP A 871 -9.84 11.62 -26.68
C ASP A 871 -11.11 10.85 -26.98
N ALA A 872 -11.06 10.09 -28.07
CA ALA A 872 -12.17 9.22 -28.47
C ALA A 872 -12.49 8.20 -27.36
N ASP A 873 -13.78 7.91 -27.19
CA ASP A 873 -14.29 7.05 -26.12
C ASP A 873 -13.85 7.47 -24.70
N LEU A 874 -13.67 8.78 -24.51
CA LEU A 874 -13.15 9.36 -23.26
C LEU A 874 -11.81 8.75 -22.80
N GLY A 875 -10.97 8.32 -23.74
CA GLY A 875 -9.68 7.68 -23.44
C GLY A 875 -9.77 6.32 -22.72
N LEU A 876 -10.94 5.68 -22.78
CA LEU A 876 -11.19 4.45 -22.04
C LEU A 876 -10.99 3.23 -22.93
N ARG A 877 -10.94 2.05 -22.29
CA ARG A 877 -11.08 0.80 -23.00
C ARG A 877 -12.49 0.73 -23.59
N LYS A 878 -12.61 0.13 -24.76
CA LYS A 878 -13.88 0.08 -25.46
C LYS A 878 -14.98 -0.59 -24.63
N ALA A 879 -14.63 -1.67 -23.93
CA ALA A 879 -15.60 -2.37 -23.07
C ALA A 879 -16.15 -1.50 -21.95
N ASP A 880 -15.29 -0.68 -21.35
CA ASP A 880 -15.72 0.26 -20.31
C ASP A 880 -16.65 1.35 -20.87
N TRP A 881 -16.27 1.95 -21.99
CA TRP A 881 -17.11 2.95 -22.63
C TRP A 881 -18.50 2.42 -22.97
N ASP A 882 -18.57 1.20 -23.53
CA ASP A 882 -19.86 0.56 -23.85
C ASP A 882 -20.70 0.29 -22.60
N ARG A 883 -20.03 -0.17 -21.54
CA ARG A 883 -20.69 -0.39 -20.25
C ARG A 883 -21.27 0.90 -19.68
N LEU A 884 -20.49 1.99 -19.69
CA LEU A 884 -20.97 3.29 -19.21
C LEU A 884 -22.13 3.84 -20.05
N ALA A 885 -22.10 3.62 -21.35
CA ALA A 885 -23.20 4.00 -22.23
C ALA A 885 -24.53 3.35 -21.82
N ASP A 886 -24.44 2.16 -21.25
CA ASP A 886 -25.60 1.40 -20.76
C ASP A 886 -25.97 1.73 -19.30
N GLU A 887 -24.97 1.81 -18.41
CA GLU A 887 -25.20 1.90 -16.95
C GLU A 887 -25.41 3.32 -16.39
N VAL A 888 -24.77 4.32 -16.99
CA VAL A 888 -24.78 5.67 -16.42
C VAL A 888 -26.15 6.34 -16.63
N ASP A 889 -26.72 6.85 -15.54
CA ASP A 889 -28.01 7.55 -15.55
C ASP A 889 -27.87 9.05 -15.70
N LEU A 890 -26.79 9.61 -15.19
CA LEU A 890 -26.59 11.05 -15.17
C LEU A 890 -25.10 11.36 -15.25
N ILE A 891 -24.75 12.41 -15.99
CA ILE A 891 -23.37 12.83 -16.16
C ILE A 891 -23.15 14.21 -15.55
N VAL A 892 -22.13 14.34 -14.71
CA VAL A 892 -21.72 15.64 -14.17
C VAL A 892 -20.38 16.00 -14.80
N HIS A 893 -20.40 16.98 -15.69
CA HIS A 893 -19.20 17.39 -16.43
C HIS A 893 -18.58 18.62 -15.79
N SER A 894 -17.76 18.40 -14.77
CA SER A 894 -17.03 19.47 -14.06
C SER A 894 -15.61 19.68 -14.55
N GLY A 895 -15.12 18.79 -15.42
CA GLY A 895 -13.71 18.79 -15.78
C GLY A 895 -13.43 19.75 -16.92
N ALA A 896 -12.31 20.45 -16.81
CA ALA A 896 -11.87 21.40 -17.83
C ALA A 896 -10.45 21.82 -17.54
N LEU A 897 -9.79 22.38 -18.54
CA LEU A 897 -8.52 23.07 -18.34
C LEU A 897 -8.86 24.51 -17.95
N VAL A 898 -8.72 24.81 -16.67
CA VAL A 898 -9.09 26.11 -16.10
C VAL A 898 -7.82 26.93 -16.00
N ASN A 899 -7.65 27.85 -16.94
CA ASN A 899 -6.42 28.62 -17.05
C ASN A 899 -6.71 30.00 -17.63
N HIS A 900 -6.31 31.04 -16.92
CA HIS A 900 -6.65 32.44 -17.24
C HIS A 900 -5.68 33.12 -18.22
N VAL A 901 -4.59 32.44 -18.57
CA VAL A 901 -3.55 32.97 -19.44
C VAL A 901 -3.52 32.30 -20.83
N LEU A 902 -3.77 30.99 -20.90
CA LEU A 902 -3.68 30.26 -22.18
C LEU A 902 -4.71 30.73 -23.22
N PRO A 903 -4.32 30.74 -24.50
CA PRO A 903 -5.25 31.13 -25.56
C PRO A 903 -6.28 30.04 -25.87
N TYR A 904 -7.35 30.46 -26.55
CA TYR A 904 -8.47 29.58 -26.94
C TYR A 904 -8.03 28.31 -27.69
N SER A 905 -7.04 28.42 -28.57
CA SER A 905 -6.56 27.26 -29.34
C SER A 905 -6.02 26.14 -28.44
N GLN A 906 -5.35 26.52 -27.36
CA GLN A 906 -4.84 25.57 -26.37
C GLN A 906 -5.92 24.95 -25.48
N LEU A 907 -7.04 25.67 -25.28
CA LEU A 907 -8.16 25.16 -24.47
C LEU A 907 -9.25 24.48 -25.28
N PHE A 908 -9.15 24.54 -26.61
CA PHE A 908 -10.15 23.96 -27.50
C PHE A 908 -10.31 22.45 -27.32
N GLY A 909 -9.19 21.74 -27.27
CA GLY A 909 -9.19 20.29 -27.05
C GLY A 909 -9.90 19.86 -25.76
N PRO A 910 -9.39 20.30 -24.60
CA PRO A 910 -10.02 19.87 -23.34
C PRO A 910 -11.43 20.39 -23.13
N ASN A 911 -11.69 21.64 -23.45
CA ASN A 911 -12.96 22.27 -23.03
C ASN A 911 -14.10 22.21 -24.06
N VAL A 912 -13.76 22.16 -25.36
CA VAL A 912 -14.77 22.14 -26.42
C VAL A 912 -14.95 20.71 -26.94
N VAL A 913 -13.87 20.13 -27.46
CA VAL A 913 -13.92 18.73 -27.92
C VAL A 913 -14.31 17.82 -26.75
N GLY A 914 -13.74 18.09 -25.57
CA GLY A 914 -14.05 17.33 -24.37
C GLY A 914 -15.52 17.31 -24.02
N THR A 915 -16.18 18.47 -24.14
CA THR A 915 -17.61 18.58 -23.87
C THR A 915 -18.42 17.79 -24.92
N ALA A 916 -17.98 17.83 -26.17
CA ALA A 916 -18.59 17.03 -27.23
C ALA A 916 -18.48 15.52 -26.98
N GLU A 917 -17.32 15.06 -26.49
CA GLU A 917 -17.14 13.64 -26.12
C GLU A 917 -18.08 13.21 -25.00
N VAL A 918 -18.24 14.08 -24.00
CA VAL A 918 -19.18 13.83 -22.92
C VAL A 918 -20.60 13.76 -23.47
N ALA A 919 -20.97 14.72 -24.33
CA ALA A 919 -22.28 14.70 -25.00
C ALA A 919 -22.53 13.42 -25.78
N LYS A 920 -21.51 12.92 -26.46
CA LYS A 920 -21.63 11.67 -27.22
C LYS A 920 -22.10 10.52 -26.35
N LEU A 921 -21.48 10.36 -25.18
CA LEU A 921 -21.88 9.33 -24.23
C LEU A 921 -23.32 9.54 -23.76
N ALA A 922 -23.69 10.80 -23.51
CA ALA A 922 -25.05 11.16 -23.14
C ALA A 922 -26.08 10.88 -24.24
N LEU A 923 -25.62 10.85 -25.49
CA LEU A 923 -26.46 10.58 -26.67
C LEU A 923 -26.24 9.18 -27.27
N THR A 924 -25.79 8.22 -26.48
CA THR A 924 -25.58 6.84 -26.94
C THR A 924 -26.35 5.87 -26.06
N LYS A 925 -27.06 4.93 -26.69
CA LYS A 925 -27.84 3.86 -26.01
C LYS A 925 -29.10 4.36 -25.30
N ARG A 926 -28.95 5.31 -24.37
CA ARG A 926 -30.09 6.03 -23.82
C ARG A 926 -29.68 7.42 -23.34
N LEU A 927 -30.66 8.32 -23.23
CA LEU A 927 -30.38 9.69 -22.83
C LEU A 927 -29.97 9.79 -21.37
N LYS A 928 -28.95 10.61 -21.12
CA LYS A 928 -28.40 10.82 -19.80
C LYS A 928 -28.32 12.32 -19.56
N PRO A 929 -29.14 12.85 -18.63
CA PRO A 929 -29.05 14.27 -18.33
C PRO A 929 -27.64 14.72 -17.96
N VAL A 930 -27.28 15.93 -18.35
CA VAL A 930 -25.94 16.47 -18.17
C VAL A 930 -25.97 17.71 -17.30
N THR A 931 -25.21 17.69 -16.21
CA THR A 931 -24.84 18.88 -15.47
C THR A 931 -23.55 19.38 -16.11
N TYR A 932 -23.52 20.64 -16.54
CA TYR A 932 -22.34 21.25 -17.12
C TYR A 932 -21.88 22.44 -16.29
N LEU A 933 -20.61 22.44 -15.91
CA LEU A 933 -20.02 23.59 -15.22
C LEU A 933 -19.50 24.61 -16.24
N SER A 934 -19.90 25.86 -16.03
CA SER A 934 -19.46 26.98 -16.85
C SER A 934 -18.94 28.07 -15.92
N THR A 935 -18.98 29.33 -16.34
CA THR A 935 -18.24 30.37 -15.66
C THR A 935 -18.80 31.75 -15.96
N VAL A 936 -18.68 32.66 -14.99
CA VAL A 936 -18.99 34.09 -15.16
C VAL A 936 -18.23 34.73 -16.33
N ALA A 937 -17.05 34.19 -16.66
CA ALA A 937 -16.27 34.62 -17.81
C ALA A 937 -16.96 34.54 -19.19
N VAL A 938 -18.03 33.75 -19.33
CA VAL A 938 -18.81 33.75 -20.59
C VAL A 938 -19.60 35.07 -20.73
N ALA A 939 -19.84 35.78 -19.64
CA ALA A 939 -20.48 37.10 -19.70
C ALA A 939 -19.56 38.23 -20.18
N VAL A 940 -18.24 38.00 -20.21
CA VAL A 940 -17.30 39.00 -20.76
C VAL A 940 -17.63 39.27 -22.23
N GLY A 941 -17.64 40.56 -22.60
CA GLY A 941 -18.04 41.01 -23.94
C GLY A 941 -19.54 41.18 -24.16
N VAL A 942 -20.34 40.87 -23.13
CA VAL A 942 -21.80 40.98 -23.18
C VAL A 942 -22.20 42.04 -22.19
N GLU A 943 -23.22 42.82 -22.53
CA GLU A 943 -23.72 43.88 -21.66
C GLU A 943 -24.53 43.20 -20.52
N PRO A 944 -24.20 43.52 -19.26
CA PRO A 944 -24.91 42.92 -18.11
C PRO A 944 -26.42 42.82 -18.27
N SER A 945 -27.07 43.90 -18.72
CA SER A 945 -28.53 43.87 -18.99
C SER A 945 -28.97 42.90 -20.10
N ALA A 946 -28.08 42.62 -21.05
CA ALA A 946 -28.32 41.66 -22.12
C ALA A 946 -27.93 40.21 -21.74
N PHE A 947 -27.13 40.03 -20.68
CA PHE A 947 -26.75 38.68 -20.26
C PHE A 947 -27.89 37.96 -19.56
N GLU A 948 -28.70 37.28 -20.36
CA GLU A 948 -29.90 36.59 -19.87
C GLU A 948 -29.46 35.27 -19.23
N GLU A 949 -29.60 35.19 -17.90
CA GLU A 949 -29.21 34.02 -17.10
C GLU A 949 -29.75 32.71 -17.69
N ASP A 950 -31.06 32.63 -17.89
CA ASP A 950 -31.69 31.43 -18.43
C ASP A 950 -32.14 31.60 -19.89
N GLY A 951 -31.41 32.41 -20.65
CA GLY A 951 -31.68 32.57 -22.08
C GLY A 951 -31.00 31.52 -22.93
N ASP A 952 -31.10 31.68 -24.24
CA ASP A 952 -30.34 30.88 -25.19
C ASP A 952 -28.99 31.57 -25.35
N ILE A 953 -27.91 30.86 -24.98
CA ILE A 953 -26.54 31.40 -25.07
C ILE A 953 -26.12 31.75 -26.52
N ARG A 954 -26.71 31.05 -27.49
CA ARG A 954 -26.45 31.31 -28.91
C ARG A 954 -26.95 32.72 -29.35
N ASP A 955 -28.06 33.18 -28.77
CA ASP A 955 -28.56 34.55 -28.98
C ASP A 955 -27.82 35.58 -28.10
N VAL A 956 -27.66 35.26 -26.82
CA VAL A 956 -27.00 36.14 -25.85
C VAL A 956 -25.58 36.48 -26.28
N SER A 957 -24.85 35.49 -26.78
CA SER A 957 -23.48 35.67 -27.23
C SER A 957 -23.26 34.89 -28.53
N ALA A 958 -23.70 35.49 -29.64
CA ALA A 958 -23.63 34.87 -30.96
C ALA A 958 -22.24 34.96 -31.58
N VAL A 959 -21.53 36.03 -31.29
CA VAL A 959 -20.17 36.23 -31.81
C VAL A 959 -19.27 36.71 -30.66
N ARG A 960 -18.04 36.19 -30.66
CA ARG A 960 -17.03 36.56 -29.67
C ARG A 960 -15.70 36.71 -30.37
N SER A 961 -14.83 37.53 -29.80
CA SER A 961 -13.50 37.75 -30.37
C SER A 961 -12.44 36.99 -29.59
N ILE A 962 -11.38 36.62 -30.30
CA ILE A 962 -10.16 36.05 -29.72
C ILE A 962 -9.18 37.20 -29.61
N ASP A 963 -8.65 37.43 -28.41
CA ASP A 963 -7.73 38.54 -28.14
C ASP A 963 -6.91 38.29 -26.88
N GLU A 964 -6.13 39.30 -26.47
CA GLU A 964 -5.17 39.19 -25.37
C GLU A 964 -5.77 39.56 -23.99
N GLY A 965 -7.08 39.78 -23.91
CA GLY A 965 -7.73 40.13 -22.64
C GLY A 965 -7.71 39.00 -21.61
N TYR A 966 -7.79 39.39 -20.33
CA TYR A 966 -7.70 38.46 -19.20
C TYR A 966 -8.75 37.35 -19.32
N ALA A 967 -8.30 36.10 -19.28
CA ALA A 967 -9.15 34.90 -19.37
C ALA A 967 -10.02 34.81 -20.64
N ASN A 968 -9.58 35.45 -21.74
CA ASN A 968 -10.33 35.45 -22.99
C ASN A 968 -10.53 34.04 -23.53
N GLY A 969 -9.43 33.30 -23.64
CA GLY A 969 -9.46 31.91 -24.11
C GLY A 969 -10.34 31.02 -23.27
N TYR A 970 -10.21 31.15 -21.94
CA TYR A 970 -10.99 30.36 -21.00
C TYR A 970 -12.49 30.65 -21.16
N GLY A 971 -12.85 31.92 -21.14
CA GLY A 971 -14.25 32.32 -21.33
C GLY A 971 -14.82 31.78 -22.63
N ASN A 972 -14.07 31.95 -23.71
CA ASN A 972 -14.49 31.42 -25.02
C ASN A 972 -14.68 29.92 -25.01
N SER A 973 -13.73 29.19 -24.41
CA SER A 973 -13.80 27.73 -24.37
C SER A 973 -15.04 27.20 -23.64
N LYS A 974 -15.40 27.85 -22.53
CA LYS A 974 -16.55 27.43 -21.73
C LYS A 974 -17.89 27.80 -22.39
N TRP A 975 -17.93 28.98 -23.01
CA TRP A 975 -19.03 29.39 -23.90
C TRP A 975 -19.26 28.34 -24.99
N ALA A 976 -18.18 27.91 -25.65
CA ALA A 976 -18.28 26.95 -26.76
C ALA A 976 -18.93 25.64 -26.34
N GLY A 977 -18.58 25.17 -25.14
CA GLY A 977 -19.21 23.99 -24.55
C GLY A 977 -20.70 24.17 -24.29
N GLU A 978 -21.08 25.35 -23.79
CA GLU A 978 -22.51 25.66 -23.60
C GLU A 978 -23.28 25.57 -24.92
N VAL A 979 -22.72 26.19 -25.97
CA VAL A 979 -23.34 26.19 -27.29
C VAL A 979 -23.59 24.76 -27.75
N LEU A 980 -22.57 23.91 -27.66
CA LEU A 980 -22.68 22.51 -28.11
C LEU A 980 -23.76 21.73 -27.36
N LEU A 981 -23.86 21.96 -26.05
CA LEU A 981 -24.88 21.30 -25.26
C LEU A 981 -26.27 21.83 -25.58
N ARG A 982 -26.38 23.13 -25.86
CA ARG A 982 -27.65 23.69 -26.33
C ARG A 982 -28.05 23.07 -27.67
N GLU A 983 -27.09 22.91 -28.58
CA GLU A 983 -27.32 22.18 -29.84
C GLU A 983 -27.80 20.74 -29.60
N ALA A 984 -27.18 20.05 -28.64
CA ALA A 984 -27.59 18.69 -28.29
C ALA A 984 -29.03 18.61 -27.75
N TYR A 985 -29.43 19.60 -26.94
CA TYR A 985 -30.81 19.68 -26.47
C TYR A 985 -31.78 19.89 -27.63
N GLU A 986 -31.47 20.83 -28.53
CA GLU A 986 -32.37 21.14 -29.64
C GLU A 986 -32.50 19.98 -30.63
N HIS A 987 -31.41 19.25 -30.86
CA HIS A 987 -31.43 18.10 -31.77
C HIS A 987 -32.08 16.85 -31.19
N ALA A 988 -31.77 16.52 -29.94
CA ALA A 988 -32.20 15.24 -29.34
C ALA A 988 -33.06 15.35 -28.06
N GLY A 989 -33.31 16.56 -27.57
CA GLY A 989 -34.00 16.73 -26.29
C GLY A 989 -33.20 16.29 -25.09
N LEU A 990 -31.87 16.34 -25.20
CA LEU A 990 -30.96 16.02 -24.10
C LEU A 990 -31.17 16.99 -22.95
N PRO A 991 -31.57 16.49 -21.75
CA PRO A 991 -31.73 17.41 -20.62
C PRO A 991 -30.39 17.93 -20.11
N VAL A 992 -30.30 19.25 -19.91
CA VAL A 992 -29.07 19.89 -19.49
C VAL A 992 -29.36 20.92 -18.40
N ARG A 993 -28.43 21.04 -17.46
CA ARG A 993 -28.42 22.14 -16.50
C ARG A 993 -27.01 22.71 -16.48
N VAL A 994 -26.89 23.98 -16.84
CA VAL A 994 -25.62 24.70 -16.79
C VAL A 994 -25.52 25.54 -15.52
N PHE A 995 -24.37 25.47 -14.87
CA PHE A 995 -24.09 26.25 -13.68
C PHE A 995 -22.85 27.08 -13.93
N ARG A 996 -23.04 28.39 -14.05
CA ARG A 996 -21.96 29.32 -14.31
C ARG A 996 -21.42 29.79 -12.97
N SER A 997 -20.20 29.39 -12.64
CA SER A 997 -19.62 29.70 -11.33
C SER A 997 -18.91 31.04 -11.31
N ASP A 998 -18.95 31.66 -10.15
CA ASP A 998 -18.06 32.77 -9.78
C ASP A 998 -16.80 32.13 -9.16
N MET A 999 -16.08 32.83 -8.29
CA MET A 999 -14.99 32.23 -7.53
C MET A 999 -15.54 31.28 -6.45
N ILE A 1000 -15.23 30.00 -6.57
CA ILE A 1000 -15.67 28.98 -5.59
C ILE A 1000 -14.65 28.91 -4.45
N LEU A 1001 -15.02 29.48 -3.30
CA LEU A 1001 -14.07 29.67 -2.18
C LEU A 1001 -14.00 28.42 -1.28
N ALA A 1002 -13.12 28.50 -0.29
CA ALA A 1002 -12.76 27.38 0.57
C ALA A 1002 -13.93 26.67 1.22
N HIS A 1003 -13.72 25.40 1.56
CA HIS A 1003 -14.70 24.61 2.30
C HIS A 1003 -14.76 25.19 3.73
N ARG A 1004 -15.96 25.32 4.28
CA ARG A 1004 -16.12 25.98 5.59
C ARG A 1004 -15.90 25.05 6.79
N LYS A 1005 -16.04 23.74 6.58
CA LYS A 1005 -15.66 22.70 7.54
C LYS A 1005 -14.24 22.10 7.36
N TYR A 1006 -13.99 21.45 6.23
CA TYR A 1006 -12.77 20.66 6.01
C TYR A 1006 -11.52 21.50 5.91
N THR A 1007 -10.56 21.21 6.77
CA THR A 1007 -9.33 21.99 6.87
C THR A 1007 -8.31 21.57 5.80
N GLY A 1008 -7.49 22.52 5.41
CA GLY A 1008 -6.59 22.37 4.27
C GLY A 1008 -7.26 22.26 2.91
N GLN A 1009 -8.55 22.56 2.83
CA GLN A 1009 -9.30 22.46 1.57
C GLN A 1009 -9.65 23.87 1.09
N LEU A 1010 -8.83 24.32 0.13
CA LEU A 1010 -9.04 25.55 -0.61
C LEU A 1010 -8.46 25.33 -2.00
N ASN A 1011 -8.95 26.09 -2.99
CA ASN A 1011 -8.45 25.99 -4.35
C ASN A 1011 -7.13 26.72 -4.42
N VAL A 1012 -6.03 25.97 -4.26
CA VAL A 1012 -4.70 26.56 -4.12
C VAL A 1012 -4.28 27.43 -5.31
N PRO A 1013 -4.48 26.94 -6.57
CA PRO A 1013 -4.08 27.77 -7.70
C PRO A 1013 -5.03 28.91 -8.12
N ASP A 1014 -6.20 29.07 -7.50
CA ASP A 1014 -7.13 30.12 -7.95
C ASP A 1014 -6.64 31.53 -7.61
N GLN A 1015 -7.22 32.50 -8.29
CA GLN A 1015 -6.81 33.90 -8.19
C GLN A 1015 -6.97 34.47 -6.77
N PHE A 1016 -8.08 34.11 -6.10
CA PHE A 1016 -8.33 34.57 -4.73
C PHE A 1016 -7.31 34.03 -3.72
N THR A 1017 -7.10 32.71 -3.71
CA THR A 1017 -6.11 32.09 -2.81
C THR A 1017 -4.73 32.70 -3.05
N ARG A 1018 -4.35 32.83 -4.32
CA ARG A 1018 -3.09 33.47 -4.67
C ARG A 1018 -2.98 34.88 -4.10
N LEU A 1019 -4.07 35.66 -4.21
CA LEU A 1019 -4.10 37.00 -3.62
C LEU A 1019 -3.93 37.00 -2.11
N ILE A 1020 -4.71 36.17 -1.41
CA ILE A 1020 -4.66 36.13 0.06
C ILE A 1020 -3.27 35.72 0.54
N LEU A 1021 -2.72 34.67 -0.07
CA LEU A 1021 -1.35 34.22 0.21
C LEU A 1021 -0.33 35.35 0.00
N SER A 1022 -0.49 36.08 -1.10
CA SER A 1022 0.40 37.19 -1.45
C SER A 1022 0.32 38.35 -0.46
N LEU A 1023 -0.89 38.69 -0.02
CA LEU A 1023 -1.08 39.72 1.00
C LEU A 1023 -0.45 39.35 2.34
N LEU A 1024 -0.61 38.08 2.75
CA LEU A 1024 0.02 37.58 3.97
C LEU A 1024 1.54 37.57 3.85
N ALA A 1025 2.04 37.13 2.70
CA ALA A 1025 3.48 36.98 2.48
C ALA A 1025 4.21 38.32 2.37
N THR A 1026 3.63 39.26 1.61
CA THR A 1026 4.24 40.59 1.42
C THR A 1026 3.96 41.54 2.58
N GLY A 1027 2.84 41.35 3.28
CA GLY A 1027 2.45 42.22 4.39
C GLY A 1027 1.97 43.61 3.99
N ILE A 1028 1.58 43.80 2.72
CA ILE A 1028 1.11 45.11 2.24
C ILE A 1028 -0.10 44.99 1.34
N ALA A 1029 -1.08 45.87 1.58
CA ALA A 1029 -2.33 45.91 0.85
C ALA A 1029 -2.63 47.36 0.50
N PRO A 1030 -3.43 47.59 -0.56
CA PRO A 1030 -3.84 48.95 -0.80
C PRO A 1030 -4.91 49.40 0.19
N LYS A 1031 -5.08 50.71 0.32
CA LYS A 1031 -6.19 51.29 1.08
C LYS A 1031 -7.52 50.77 0.56
N SER A 1032 -7.63 50.68 -0.76
CA SER A 1032 -8.75 50.00 -1.39
C SER A 1032 -8.29 49.28 -2.66
N PHE A 1033 -8.89 48.11 -2.90
CA PHE A 1033 -8.76 47.42 -4.18
C PHE A 1033 -9.67 48.02 -5.24
N TYR A 1034 -10.65 48.81 -4.80
CA TYR A 1034 -11.66 49.39 -5.69
C TYR A 1034 -11.42 50.89 -5.90
N GLN A 1035 -12.16 51.47 -6.88
CA GLN A 1035 -12.05 52.91 -7.22
C GLN A 1035 -12.48 53.74 -6.02
N LEU A 1036 -11.63 54.70 -5.65
CA LEU A 1036 -11.94 55.66 -4.59
C LEU A 1036 -13.04 56.62 -5.08
N ASP A 1037 -13.75 57.25 -4.14
CA ASP A 1037 -14.73 58.30 -4.49
C ASP A 1037 -13.99 59.62 -4.78
N ALA A 1038 -14.74 60.64 -5.21
CA ALA A 1038 -14.16 61.96 -5.56
C ALA A 1038 -13.16 62.52 -4.54
N THR A 1039 -13.45 62.39 -3.25
CA THR A 1039 -12.60 62.92 -2.17
C THR A 1039 -11.41 62.01 -1.76
N GLY A 1040 -11.26 60.84 -2.41
CA GLY A 1040 -10.18 59.89 -2.12
C GLY A 1040 -10.50 58.84 -1.07
N GLY A 1041 -11.79 58.61 -0.83
CA GLY A 1041 -12.26 57.71 0.22
C GLY A 1041 -12.73 56.36 -0.29
N ARG A 1042 -12.58 55.36 0.56
CA ARG A 1042 -13.01 53.99 0.29
C ARG A 1042 -14.53 53.89 0.04
N GLN A 1043 -14.92 53.15 -1.00
CA GLN A 1043 -16.34 52.99 -1.36
C GLN A 1043 -16.86 51.58 -1.07
N ARG A 1044 -18.19 51.47 -0.94
CA ARG A 1044 -18.83 50.18 -0.70
C ARG A 1044 -18.65 49.27 -1.93
N ALA A 1045 -18.24 48.02 -1.68
CA ALA A 1045 -17.99 47.05 -2.75
C ALA A 1045 -18.23 45.61 -2.27
N HIS A 1046 -18.36 44.70 -3.23
CA HIS A 1046 -18.77 43.31 -2.99
C HIS A 1046 -17.88 42.34 -3.75
N TYR A 1047 -17.46 41.26 -3.09
CA TYR A 1047 -16.71 40.19 -3.76
C TYR A 1047 -17.67 39.08 -4.19
N ASP A 1048 -17.61 38.71 -5.46
CA ASP A 1048 -18.49 37.70 -6.03
C ASP A 1048 -17.88 36.31 -5.79
N GLY A 1049 -18.24 35.73 -4.65
CA GLY A 1049 -17.69 34.44 -4.23
C GLY A 1049 -18.70 33.66 -3.41
N ILE A 1050 -18.70 32.34 -3.60
CA ILE A 1050 -19.54 31.41 -2.86
C ILE A 1050 -18.66 30.24 -2.39
N PRO A 1051 -18.77 29.84 -1.10
CA PRO A 1051 -17.95 28.69 -0.62
C PRO A 1051 -18.39 27.36 -1.25
N VAL A 1052 -17.41 26.47 -1.43
CA VAL A 1052 -17.58 25.22 -2.17
C VAL A 1052 -18.58 24.27 -1.54
N ASP A 1053 -18.67 24.28 -0.21
CA ASP A 1053 -19.61 23.38 0.49
C ASP A 1053 -21.07 23.70 0.17
N PHE A 1054 -21.40 24.98 0.03
CA PHE A 1054 -22.70 25.38 -0.46
C PHE A 1054 -22.85 25.08 -1.96
N THR A 1055 -21.86 25.47 -2.75
CA THR A 1055 -21.91 25.29 -4.20
C THR A 1055 -22.12 23.83 -4.60
N ALA A 1056 -21.38 22.92 -3.97
CA ALA A 1056 -21.49 21.49 -4.27
C ALA A 1056 -22.85 20.91 -3.92
N GLU A 1057 -23.47 21.37 -2.82
CA GLU A 1057 -24.79 20.90 -2.44
C GLU A 1057 -25.86 21.43 -3.41
N ALA A 1058 -25.79 22.72 -3.72
CA ALA A 1058 -26.72 23.37 -4.66
C ALA A 1058 -26.69 22.74 -6.04
N ILE A 1059 -25.50 22.59 -6.61
CA ILE A 1059 -25.34 22.00 -7.95
C ILE A 1059 -25.85 20.57 -8.01
N THR A 1060 -25.60 19.80 -6.96
CA THR A 1060 -26.03 18.40 -6.92
C THR A 1060 -27.55 18.30 -6.79
N THR A 1061 -28.15 19.12 -5.91
CA THR A 1061 -29.60 19.14 -5.72
C THR A 1061 -30.34 19.60 -7.00
N LEU A 1062 -29.94 20.75 -7.55
CA LEU A 1062 -30.59 21.29 -8.76
C LEU A 1062 -30.32 20.43 -9.99
N GLY A 1063 -29.11 19.88 -10.09
CA GLY A 1063 -28.76 18.95 -11.17
C GLY A 1063 -29.56 17.67 -11.16
N LEU A 1064 -29.82 17.13 -9.96
CA LEU A 1064 -30.65 15.94 -9.81
C LEU A 1064 -32.10 16.19 -10.25
N ALA A 1065 -32.58 17.42 -10.05
CA ALA A 1065 -33.91 17.80 -10.52
C ALA A 1065 -34.00 18.04 -12.03
N GLY A 1066 -32.87 18.03 -12.74
CA GLY A 1066 -32.84 18.34 -14.18
C GLY A 1066 -32.99 17.16 -15.13
N SER A 1067 -34.02 16.35 -14.94
CA SER A 1067 -34.28 15.21 -15.84
C SER A 1067 -35.04 15.59 -17.12
N ASP A 1068 -35.40 16.87 -17.27
CA ASP A 1068 -36.12 17.37 -18.44
C ASP A 1068 -35.76 18.82 -18.76
N GLY A 1069 -35.76 19.18 -20.04
CA GLY A 1069 -35.55 20.57 -20.47
C GLY A 1069 -34.10 21.05 -20.40
N TYR A 1070 -33.90 22.33 -20.70
CA TYR A 1070 -32.60 22.98 -20.68
C TYR A 1070 -32.74 24.23 -19.86
N HIS A 1071 -31.93 24.37 -18.81
CA HIS A 1071 -31.92 25.57 -17.99
C HIS A 1071 -30.51 25.91 -17.53
N SER A 1072 -30.27 27.20 -17.33
CA SER A 1072 -28.98 27.70 -16.92
C SER A 1072 -29.15 28.43 -15.59
N PHE A 1073 -28.09 28.42 -14.79
CA PHE A 1073 -28.05 29.12 -13.51
C PHE A 1073 -26.78 29.93 -13.40
N ASP A 1074 -26.90 31.15 -12.87
CA ASP A 1074 -25.75 31.98 -12.56
C ASP A 1074 -25.46 31.81 -11.08
N VAL A 1075 -24.40 31.06 -10.78
CA VAL A 1075 -24.01 30.74 -9.42
C VAL A 1075 -23.10 31.87 -8.95
N PHE A 1076 -23.69 33.06 -8.81
CA PHE A 1076 -22.95 34.26 -8.39
C PHE A 1076 -23.54 34.70 -7.04
N ASN A 1077 -22.76 35.46 -6.29
CA ASN A 1077 -23.18 36.03 -5.02
C ASN A 1077 -23.84 37.40 -5.27
N PRO A 1078 -25.17 37.49 -5.16
CA PRO A 1078 -25.89 38.72 -5.52
C PRO A 1078 -26.12 39.73 -4.39
N HIS A 1079 -25.60 39.48 -3.19
CA HIS A 1079 -25.97 40.27 -2.02
C HIS A 1079 -25.37 41.66 -2.06
N HIS A 1080 -26.21 42.67 -1.81
CA HIS A 1080 -25.76 44.05 -1.64
C HIS A 1080 -25.36 44.26 -0.19
N ASP A 1081 -24.32 43.55 0.23
CA ASP A 1081 -23.91 43.47 1.64
C ASP A 1081 -22.62 44.20 1.96
N GLY A 1082 -21.99 44.80 0.96
CA GLY A 1082 -20.74 45.53 1.18
C GLY A 1082 -19.56 44.71 1.65
N VAL A 1083 -19.62 43.38 1.45
CA VAL A 1083 -18.52 42.50 1.87
C VAL A 1083 -17.63 42.25 0.65
N GLY A 1084 -16.47 42.91 0.63
CA GLY A 1084 -15.53 42.78 -0.48
C GLY A 1084 -14.10 42.68 0.00
N LEU A 1085 -13.16 42.83 -0.94
CA LEU A 1085 -11.74 42.59 -0.66
C LEU A 1085 -11.18 43.43 0.48
N ASP A 1086 -11.66 44.66 0.64
CA ASP A 1086 -11.20 45.54 1.72
C ASP A 1086 -11.64 45.07 3.11
N GLU A 1087 -12.83 44.49 3.20
CA GLU A 1087 -13.30 43.89 4.45
C GLU A 1087 -12.44 42.67 4.80
N PHE A 1088 -12.06 41.89 3.79
CA PHE A 1088 -11.22 40.70 4.00
C PHE A 1088 -9.86 41.06 4.57
N VAL A 1089 -9.28 42.16 4.11
CA VAL A 1089 -8.00 42.63 4.65
C VAL A 1089 -8.17 43.08 6.10
N ASP A 1090 -9.24 43.84 6.37
CA ASP A 1090 -9.57 44.29 7.74
C ASP A 1090 -9.67 43.11 8.69
N TRP A 1091 -10.41 42.09 8.27
CA TRP A 1091 -10.60 40.86 9.05
C TRP A 1091 -9.31 40.11 9.32
N LEU A 1092 -8.41 40.04 8.33
CA LEU A 1092 -7.10 39.41 8.54
C LEU A 1092 -6.27 40.20 9.56
N VAL A 1093 -6.32 41.53 9.49
CA VAL A 1093 -5.62 42.40 10.46
C VAL A 1093 -6.22 42.24 11.87
N GLU A 1094 -7.55 42.22 11.97
CA GLU A 1094 -8.22 41.97 13.26
C GLU A 1094 -7.91 40.58 13.85
N ALA A 1095 -7.65 39.59 12.99
CA ALA A 1095 -7.25 38.25 13.45
C ALA A 1095 -5.75 38.14 13.83
N GLY A 1096 -4.98 39.22 13.65
CA GLY A 1096 -3.59 39.28 14.12
C GLY A 1096 -2.52 39.21 13.06
N HIS A 1097 -2.89 39.21 11.78
CA HIS A 1097 -1.92 39.16 10.69
C HIS A 1097 -1.47 40.55 10.30
N PRO A 1098 -0.15 40.83 10.40
CA PRO A 1098 0.36 42.18 10.09
C PRO A 1098 0.30 42.51 8.60
N ILE A 1099 -0.68 43.32 8.22
CA ILE A 1099 -0.81 43.83 6.86
C ILE A 1099 -0.99 45.34 6.97
N SER A 1100 0.02 46.10 6.54
CA SER A 1100 -0.07 47.55 6.51
C SER A 1100 -0.74 48.03 5.21
N ARG A 1101 -1.41 49.16 5.30
CA ARG A 1101 -2.17 49.74 4.20
C ARG A 1101 -1.34 50.83 3.51
N VAL A 1102 -1.12 50.68 2.20
CA VAL A 1102 -0.46 51.70 1.36
C VAL A 1102 -1.56 52.53 0.71
N ASP A 1103 -1.46 53.85 0.82
CA ASP A 1103 -2.57 54.74 0.45
C ASP A 1103 -2.81 54.83 -1.06
N ASP A 1104 -1.74 55.04 -1.83
CA ASP A 1104 -1.84 55.13 -3.30
C ASP A 1104 -1.82 53.74 -3.93
N TYR A 1105 -2.85 53.42 -4.73
CA TYR A 1105 -2.97 52.11 -5.35
C TYR A 1105 -1.81 51.77 -6.28
N ALA A 1106 -1.42 52.72 -7.13
CA ALA A 1106 -0.31 52.52 -8.08
C ALA A 1106 1.04 52.32 -7.37
N GLU A 1107 1.22 52.98 -6.22
CA GLU A 1107 2.40 52.78 -5.38
C GLU A 1107 2.37 51.39 -4.71
N TRP A 1108 1.19 50.99 -4.22
CA TRP A 1108 1.02 49.64 -3.66
C TRP A 1108 1.39 48.60 -4.73
N LEU A 1109 0.74 48.68 -5.89
CA LEU A 1109 0.92 47.72 -6.98
C LEU A 1109 2.37 47.53 -7.38
N SER A 1110 3.12 48.63 -7.37
CA SER A 1110 4.55 48.61 -7.67
C SER A 1110 5.36 47.89 -6.58
N ARG A 1111 5.13 48.26 -5.32
CA ARG A 1111 5.83 47.65 -4.17
C ARG A 1111 5.42 46.18 -3.95
N PHE A 1112 4.14 45.91 -4.17
CA PHE A 1112 3.58 44.55 -4.14
C PHE A 1112 4.30 43.62 -5.10
N GLU A 1113 4.47 44.07 -6.34
CA GLU A 1113 5.21 43.31 -7.36
C GLU A 1113 6.68 43.07 -6.97
N THR A 1114 7.34 44.09 -6.44
CA THR A 1114 8.74 43.98 -6.02
C THR A 1114 8.90 42.97 -4.91
N SER A 1115 8.08 43.11 -3.87
CA SER A 1115 8.03 42.16 -2.75
C SER A 1115 7.79 40.70 -3.22
N LEU A 1116 6.83 40.52 -4.13
CA LEU A 1116 6.53 39.20 -4.71
C LEU A 1116 7.74 38.57 -5.42
N ARG A 1117 8.46 39.37 -6.19
CA ARG A 1117 9.67 38.88 -6.90
C ARG A 1117 10.80 38.51 -5.94
N GLY A 1118 10.84 39.16 -4.77
CA GLY A 1118 11.80 38.84 -3.71
C GLY A 1118 11.50 37.62 -2.85
N LEU A 1119 10.32 37.02 -3.01
CA LEU A 1119 9.95 35.81 -2.23
C LEU A 1119 10.73 34.58 -2.71
N PRO A 1120 10.88 33.55 -1.84
CA PRO A 1120 11.44 32.25 -2.29
C PRO A 1120 10.62 31.61 -3.42
N GLU A 1121 11.27 30.83 -4.29
CA GLU A 1121 10.62 30.29 -5.52
C GLU A 1121 9.28 29.60 -5.31
N ALA A 1122 9.16 28.76 -4.29
CA ALA A 1122 7.90 28.02 -4.03
C ALA A 1122 6.75 28.97 -3.71
N GLN A 1123 7.01 29.92 -2.84
CA GLN A 1123 6.02 30.94 -2.47
C GLN A 1123 5.67 31.87 -3.65
N ARG A 1124 6.68 32.27 -4.42
CA ARG A 1124 6.46 33.11 -5.60
C ARG A 1124 5.59 32.40 -6.65
N GLN A 1125 5.84 31.11 -6.87
CA GLN A 1125 5.01 30.33 -7.81
C GLN A 1125 3.57 30.15 -7.34
N HIS A 1126 3.36 30.10 -6.02
CA HIS A 1126 2.02 30.03 -5.44
C HIS A 1126 1.36 31.41 -5.28
N SER A 1127 2.10 32.48 -5.52
CA SER A 1127 1.60 33.85 -5.36
C SER A 1127 0.73 34.28 -6.55
N VAL A 1128 0.24 35.51 -6.47
CA VAL A 1128 -0.59 36.11 -7.52
C VAL A 1128 0.23 36.71 -8.69
N LEU A 1129 1.56 36.62 -8.62
CA LEU A 1129 2.45 37.18 -9.65
C LEU A 1129 2.09 36.90 -11.12
N PRO A 1130 1.87 35.62 -11.50
CA PRO A 1130 1.49 35.37 -12.91
C PRO A 1130 0.12 35.91 -13.36
N LEU A 1131 -0.72 36.33 -12.41
CA LEU A 1131 -2.01 36.96 -12.70
C LEU A 1131 -2.05 38.43 -12.29
N LEU A 1132 -0.90 39.06 -12.03
CA LEU A 1132 -0.88 40.45 -11.49
C LEU A 1132 -1.54 41.48 -12.44
N HIS A 1133 -1.42 41.24 -13.75
CA HIS A 1133 -2.08 42.07 -14.77
C HIS A 1133 -3.60 42.24 -14.62
N ALA A 1134 -4.26 41.33 -13.91
CA ALA A 1134 -5.67 41.52 -13.50
C ALA A 1134 -5.89 42.70 -12.52
N PHE A 1135 -4.85 43.09 -11.79
CA PHE A 1135 -4.87 44.17 -10.79
C PHE A 1135 -4.17 45.45 -11.30
N ALA A 1136 -4.10 45.65 -12.61
CA ALA A 1136 -3.44 46.83 -13.19
C ALA A 1136 -4.15 48.12 -12.75
N GLN A 1137 -5.48 48.11 -12.84
CA GLN A 1137 -6.33 49.20 -12.39
C GLN A 1137 -7.13 48.77 -11.16
N PRO A 1138 -7.51 49.74 -10.29
CA PRO A 1138 -8.52 49.44 -9.27
C PRO A 1138 -9.82 48.95 -9.90
N ALA A 1139 -10.48 47.99 -9.27
CA ALA A 1139 -11.73 47.44 -9.79
C ALA A 1139 -12.88 48.42 -9.58
N PRO A 1140 -13.95 48.31 -10.39
CA PRO A 1140 -15.09 49.19 -10.12
C PRO A 1140 -15.75 48.86 -8.78
N ALA A 1141 -16.15 49.90 -8.04
CA ALA A 1141 -16.81 49.74 -6.75
C ALA A 1141 -18.27 49.37 -6.96
N ILE A 1142 -18.51 48.07 -7.14
CA ILE A 1142 -19.85 47.54 -7.38
C ILE A 1142 -20.26 46.71 -6.16
N ASP A 1143 -21.47 46.97 -5.68
CA ASP A 1143 -22.09 46.17 -4.63
C ASP A 1143 -23.07 45.24 -5.32
N GLY A 1144 -23.26 44.04 -4.79
CA GLY A 1144 -24.01 42.99 -5.48
C GLY A 1144 -23.32 42.51 -6.75
N SER A 1145 -24.08 41.81 -7.57
CA SER A 1145 -23.63 41.34 -8.88
C SER A 1145 -24.29 42.19 -9.98
N PRO A 1146 -23.52 42.59 -11.02
CA PRO A 1146 -24.17 43.21 -12.20
C PRO A 1146 -25.12 42.28 -12.98
N PHE A 1147 -24.94 40.97 -12.85
CA PHE A 1147 -25.67 39.99 -13.67
C PHE A 1147 -26.87 39.40 -12.96
N GLN A 1148 -27.79 38.82 -13.74
CA GLN A 1148 -28.99 38.18 -13.22
C GLN A 1148 -28.63 36.92 -12.43
N THR A 1149 -29.25 36.74 -11.27
CA THR A 1149 -29.02 35.58 -10.42
C THR A 1149 -30.30 34.93 -9.94
N LYS A 1150 -31.44 35.34 -10.49
CA LYS A 1150 -32.72 35.09 -9.82
C LYS A 1150 -33.16 33.63 -10.00
N ASN A 1151 -32.83 33.02 -11.13
CA ASN A 1151 -33.15 31.60 -11.33
C ASN A 1151 -32.37 30.73 -10.31
N PHE A 1152 -31.09 31.06 -10.08
CA PHE A 1152 -30.28 30.30 -9.13
C PHE A 1152 -30.77 30.57 -7.70
N GLN A 1153 -30.83 31.85 -7.33
CA GLN A 1153 -31.25 32.25 -5.98
C GLN A 1153 -32.61 31.69 -5.61
N SER A 1154 -33.59 31.81 -6.50
CA SER A 1154 -34.94 31.33 -6.20
C SER A 1154 -35.03 29.81 -6.15
N SER A 1155 -34.30 29.11 -7.01
CA SER A 1155 -34.27 27.65 -6.99
C SER A 1155 -33.59 27.11 -5.72
N VAL A 1156 -32.58 27.84 -5.25
CA VAL A 1156 -31.84 27.51 -4.04
C VAL A 1156 -32.71 27.74 -2.78
N GLN A 1157 -33.47 28.85 -2.77
CA GLN A 1157 -34.44 29.11 -1.71
C GLN A 1157 -35.57 28.07 -1.68
N GLU A 1158 -36.10 27.73 -2.85
CA GLU A 1158 -37.19 26.76 -2.96
C GLU A 1158 -36.75 25.36 -2.55
N ALA A 1159 -35.54 24.95 -2.95
CA ALA A 1159 -34.97 23.65 -2.54
C ALA A 1159 -34.48 23.63 -1.08
N LYS A 1160 -34.31 24.82 -0.48
CA LYS A 1160 -33.95 24.98 0.94
C LYS A 1160 -32.59 24.35 1.21
N VAL A 1161 -31.60 24.90 0.50
CA VAL A 1161 -30.25 24.37 0.46
C VAL A 1161 -29.45 24.93 1.63
N GLY A 1162 -28.69 24.04 2.29
CA GLY A 1162 -27.77 24.45 3.35
C GLY A 1162 -28.44 24.95 4.61
N ALA A 1163 -27.68 25.68 5.40
CA ALA A 1163 -28.18 26.31 6.63
C ALA A 1163 -28.82 27.65 6.35
N GLU A 1164 -28.55 28.21 5.17
CA GLU A 1164 -29.00 29.53 4.80
C GLU A 1164 -30.38 29.52 4.14
N HIS A 1165 -30.74 28.42 3.48
CA HIS A 1165 -31.92 28.34 2.61
C HIS A 1165 -31.88 29.47 1.58
N ASP A 1166 -30.67 29.80 1.14
CA ASP A 1166 -30.39 30.99 0.33
C ASP A 1166 -28.88 30.95 0.02
N ILE A 1167 -28.44 31.85 -0.85
CA ILE A 1167 -27.03 31.99 -1.13
C ILE A 1167 -26.38 32.62 0.10
N PRO A 1168 -25.24 32.06 0.56
CA PRO A 1168 -24.58 32.61 1.76
C PRO A 1168 -23.94 33.97 1.57
N HIS A 1169 -23.63 34.61 2.70
CA HIS A 1169 -22.75 35.77 2.73
C HIS A 1169 -21.37 35.27 3.12
N LEU A 1170 -20.33 35.93 2.61
CA LEU A 1170 -18.96 35.61 3.00
C LEU A 1170 -18.69 36.29 4.33
N ASP A 1171 -18.03 35.57 5.23
CA ASP A 1171 -17.87 36.02 6.62
C ASP A 1171 -16.44 35.89 7.12
N LYS A 1172 -16.21 36.46 8.30
CA LYS A 1172 -14.89 36.50 8.92
C LYS A 1172 -14.30 35.10 9.17
N ALA A 1173 -15.13 34.15 9.60
CA ALA A 1173 -14.68 32.77 9.82
C ALA A 1173 -14.04 32.16 8.57
N LEU A 1174 -14.67 32.36 7.41
CA LEU A 1174 -14.15 31.86 6.13
C LEU A 1174 -12.80 32.45 5.78
N ILE A 1175 -12.65 33.76 5.94
CA ILE A 1175 -11.41 34.47 5.56
C ILE A 1175 -10.25 34.12 6.49
N VAL A 1176 -10.53 34.04 7.79
CA VAL A 1176 -9.50 33.63 8.75
C VAL A 1176 -9.07 32.17 8.47
N LYS A 1177 -10.01 31.34 8.05
CA LYS A 1177 -9.69 29.96 7.65
C LYS A 1177 -8.68 29.87 6.49
N TYR A 1178 -8.72 30.82 5.55
CA TYR A 1178 -7.69 30.89 4.50
C TYR A 1178 -6.28 30.95 5.08
N ALA A 1179 -6.07 31.84 6.05
CA ALA A 1179 -4.77 31.97 6.72
C ALA A 1179 -4.37 30.68 7.43
N GLU A 1180 -5.32 30.07 8.14
CA GLU A 1180 -5.08 28.79 8.83
C GLU A 1180 -4.76 27.65 7.84
N ASP A 1181 -5.55 27.54 6.77
CA ASP A 1181 -5.31 26.53 5.72
C ASP A 1181 -3.95 26.70 5.04
N ILE A 1182 -3.58 27.96 4.78
CA ILE A 1182 -2.28 28.28 4.16
C ILE A 1182 -1.11 27.83 5.05
N LYS A 1183 -1.24 28.05 6.36
CA LYS A 1183 -0.25 27.57 7.33
C LYS A 1183 -0.26 26.04 7.42
N GLN A 1184 -1.45 25.44 7.49
CA GLN A 1184 -1.60 23.98 7.62
C GLN A 1184 -0.96 23.22 6.44
N LEU A 1185 -1.12 23.76 5.23
CA LEU A 1185 -0.51 23.19 4.02
C LEU A 1185 0.97 23.57 3.79
N GLY A 1186 1.52 24.46 4.62
CA GLY A 1186 2.92 24.86 4.51
C GLY A 1186 3.25 25.72 3.31
N LEU A 1187 2.28 26.53 2.86
CA LEU A 1187 2.45 27.38 1.69
C LEU A 1187 3.07 28.70 2.08
N LEU A 1188 2.73 29.23 3.25
CA LEU A 1188 3.35 30.39 3.88
C LEU A 1188 3.46 31.61 2.95
N ARG B 668 -37.95 -13.19 -21.53
CA ARG B 668 -37.26 -12.96 -20.22
C ARG B 668 -35.94 -12.18 -20.37
N PRO B 669 -35.52 -11.44 -19.32
CA PRO B 669 -34.23 -10.71 -19.39
C PRO B 669 -33.04 -11.67 -19.43
N VAL B 670 -32.04 -11.33 -20.25
CA VAL B 670 -30.90 -12.23 -20.50
C VAL B 670 -30.19 -12.63 -19.20
N ILE B 671 -29.93 -11.64 -18.34
CA ILE B 671 -29.26 -11.88 -17.05
C ILE B 671 -29.97 -12.92 -16.17
N GLU B 672 -31.30 -12.96 -16.23
CA GLU B 672 -32.09 -13.93 -15.45
C GLU B 672 -31.80 -15.37 -15.90
N THR B 673 -31.79 -15.59 -17.20
CA THR B 673 -31.47 -16.89 -17.77
C THR B 673 -30.03 -17.30 -17.43
N VAL B 674 -29.10 -16.36 -17.59
CA VAL B 674 -27.69 -16.53 -17.21
C VAL B 674 -27.57 -16.97 -15.74
N GLN B 675 -28.27 -16.26 -14.85
CA GLN B 675 -28.30 -16.60 -13.41
C GLN B 675 -28.89 -17.98 -13.13
N ARG B 676 -30.04 -18.27 -13.73
CA ARG B 676 -30.76 -19.53 -13.46
C ARG B 676 -29.99 -20.74 -14.01
N ALA B 677 -29.43 -20.59 -15.21
CA ALA B 677 -28.61 -21.64 -15.82
C ALA B 677 -27.38 -21.98 -14.96
N ALA B 678 -26.72 -20.94 -14.43
CA ALA B 678 -25.57 -21.12 -13.54
C ALA B 678 -25.95 -21.87 -12.26
N ALA B 679 -27.04 -21.42 -11.65
CA ALA B 679 -27.60 -22.06 -10.44
C ALA B 679 -27.89 -23.55 -10.66
N ALA B 680 -28.55 -23.88 -11.77
CA ALA B 680 -28.89 -25.27 -12.10
C ALA B 680 -27.65 -26.12 -12.36
N LEU B 681 -26.68 -25.55 -13.08
CA LEU B 681 -25.45 -26.22 -13.40
C LEU B 681 -24.58 -26.53 -12.17
N LEU B 682 -24.37 -25.52 -11.32
CA LEU B 682 -23.39 -25.59 -10.23
C LEU B 682 -23.97 -25.92 -8.85
N GLY B 683 -25.30 -26.01 -8.73
CA GLY B 683 -25.95 -26.39 -7.47
C GLY B 683 -26.04 -25.28 -6.42
N ALA B 684 -26.38 -24.07 -6.88
CA ALA B 684 -26.51 -22.90 -6.02
C ALA B 684 -27.96 -22.74 -5.56
N GLU B 688 -26.95 -16.02 -3.58
CA GLU B 688 -26.16 -17.09 -4.19
C GLU B 688 -25.64 -16.66 -5.56
N VAL B 689 -26.56 -16.51 -6.54
CA VAL B 689 -26.19 -16.37 -7.96
C VAL B 689 -26.43 -14.92 -8.34
N ASP B 690 -25.72 -14.08 -7.61
CA ASP B 690 -25.72 -12.63 -7.77
C ASP B 690 -25.13 -12.33 -9.16
N PRO B 691 -25.69 -11.33 -9.90
CA PRO B 691 -25.09 -10.96 -11.20
C PRO B 691 -23.64 -10.49 -11.17
N GLU B 692 -23.17 -10.01 -10.02
CA GLU B 692 -21.78 -9.58 -9.81
C GLU B 692 -20.82 -10.74 -9.48
N ALA B 693 -21.36 -11.95 -9.28
CA ALA B 693 -20.53 -13.14 -9.03
C ALA B 693 -19.76 -13.57 -10.28
N HIS B 694 -18.59 -14.15 -10.05
CA HIS B 694 -17.79 -14.76 -11.10
C HIS B 694 -18.10 -16.25 -11.13
N PHE B 695 -18.12 -16.80 -12.34
CA PHE B 695 -18.43 -18.22 -12.57
C PHE B 695 -17.55 -19.16 -11.76
N SER B 696 -16.26 -18.84 -11.67
CA SER B 696 -15.29 -19.63 -10.86
C SER B 696 -15.55 -19.59 -9.35
N ASP B 697 -16.05 -18.46 -8.84
CA ASP B 697 -16.42 -18.33 -7.42
C ASP B 697 -17.63 -19.19 -7.02
N LEU B 698 -18.47 -19.55 -7.99
CA LEU B 698 -19.64 -20.40 -7.74
C LEU B 698 -19.36 -21.91 -7.84
N GLY B 699 -18.09 -22.31 -7.95
CA GLY B 699 -17.71 -23.72 -8.13
C GLY B 699 -17.44 -24.09 -9.57
N GLY B 700 -17.41 -23.11 -10.47
CA GLY B 700 -17.20 -23.34 -11.89
C GLY B 700 -15.74 -23.51 -12.26
N ASP B 701 -15.50 -24.27 -13.32
CA ASP B 701 -14.16 -24.44 -13.91
C ASP B 701 -14.29 -24.39 -15.45
N SER B 702 -13.18 -24.59 -16.16
CA SER B 702 -13.18 -24.59 -17.63
C SER B 702 -14.05 -25.68 -18.30
N LEU B 703 -14.31 -26.80 -17.60
CA LEU B 703 -15.11 -27.92 -18.15
C LEU B 703 -16.62 -27.77 -17.91
N SER B 704 -17.01 -27.36 -16.70
CA SER B 704 -18.40 -26.95 -16.48
C SER B 704 -18.72 -25.66 -17.26
N ALA B 705 -17.71 -24.83 -17.55
CA ALA B 705 -17.89 -23.67 -18.43
C ALA B 705 -18.25 -24.07 -19.86
N LEU B 706 -17.72 -25.21 -20.33
CA LEU B 706 -18.07 -25.73 -21.65
C LEU B 706 -19.55 -26.13 -21.71
N THR B 707 -20.02 -26.84 -20.70
CA THR B 707 -21.44 -27.18 -20.55
C THR B 707 -22.33 -25.93 -20.56
N TYR B 708 -21.91 -24.93 -19.79
CA TYR B 708 -22.59 -23.64 -19.67
C TYR B 708 -22.62 -22.91 -21.01
N SER B 709 -21.47 -22.87 -21.68
CA SER B 709 -21.33 -22.26 -22.99
C SER B 709 -22.29 -22.87 -24.02
N ASN B 710 -22.33 -24.21 -24.09
CA ASN B 710 -23.21 -24.92 -25.05
C ASN B 710 -24.70 -24.70 -24.74
N PHE B 711 -25.04 -24.68 -23.46
CA PHE B 711 -26.40 -24.43 -23.01
C PHE B 711 -26.87 -23.04 -23.48
N LEU B 712 -26.08 -22.02 -23.19
CA LEU B 712 -26.44 -20.64 -23.53
C LEU B 712 -26.41 -20.41 -25.04
N HIS B 713 -25.47 -21.06 -25.72
CA HIS B 713 -25.39 -21.03 -27.18
C HIS B 713 -26.68 -21.52 -27.85
N GLU B 714 -27.20 -22.66 -27.40
CA GLU B 714 -28.46 -23.20 -27.94
C GLU B 714 -29.68 -22.35 -27.61
N ILE B 715 -29.73 -21.79 -26.41
CA ILE B 715 -30.84 -20.91 -26.01
C ILE B 715 -30.90 -19.64 -26.86
N PHE B 716 -29.80 -18.89 -26.93
CA PHE B 716 -29.78 -17.58 -27.57
C PHE B 716 -29.30 -17.53 -29.03
N GLN B 717 -28.87 -18.68 -29.57
CA GLN B 717 -28.40 -18.78 -30.96
C GLN B 717 -27.29 -17.77 -31.32
N VAL B 718 -26.37 -17.55 -30.37
CA VAL B 718 -25.16 -16.75 -30.58
C VAL B 718 -23.97 -17.47 -29.96
N GLU B 719 -22.77 -17.02 -30.30
CA GLU B 719 -21.55 -17.58 -29.71
C GLU B 719 -21.40 -17.08 -28.27
N VAL B 720 -21.19 -18.01 -27.34
CA VAL B 720 -20.94 -17.68 -25.93
C VAL B 720 -19.69 -18.46 -25.49
N PRO B 721 -18.49 -17.99 -25.91
CA PRO B 721 -17.26 -18.76 -25.67
C PRO B 721 -16.93 -18.97 -24.19
N VAL B 722 -16.27 -20.09 -23.91
CA VAL B 722 -15.74 -20.39 -22.57
C VAL B 722 -14.89 -19.24 -22.02
N SER B 723 -14.09 -18.62 -22.89
CA SER B 723 -13.22 -17.51 -22.51
C SER B 723 -13.97 -16.30 -21.91
N VAL B 724 -15.17 -16.02 -22.41
CA VAL B 724 -16.02 -14.97 -21.86
C VAL B 724 -16.50 -15.34 -20.45
N ILE B 725 -16.84 -16.60 -20.25
CA ILE B 725 -17.32 -17.11 -18.98
C ILE B 725 -16.25 -17.14 -17.90
N VAL B 726 -15.02 -17.56 -18.25
CA VAL B 726 -13.97 -17.78 -17.24
C VAL B 726 -12.97 -16.63 -17.05
N SER B 727 -12.93 -15.65 -17.95
CA SER B 727 -12.01 -14.52 -17.81
C SER B 727 -12.14 -13.86 -16.44
N ALA B 728 -11.00 -13.56 -15.82
CA ALA B 728 -10.97 -12.86 -14.53
C ALA B 728 -11.60 -11.46 -14.57
N ALA B 729 -11.69 -10.86 -15.76
CA ALA B 729 -12.37 -9.57 -15.96
C ALA B 729 -13.89 -9.64 -15.95
N ASN B 730 -14.47 -10.84 -16.04
CA ASN B 730 -15.90 -11.00 -16.31
C ASN B 730 -16.69 -11.67 -15.18
N ASN B 731 -17.88 -11.12 -14.92
CA ASN B 731 -18.86 -11.72 -14.01
C ASN B 731 -20.06 -12.13 -14.85
N LEU B 732 -21.09 -12.68 -14.23
CA LEU B 732 -22.29 -13.09 -14.95
C LEU B 732 -22.95 -11.95 -15.73
N ARG B 733 -22.89 -10.73 -15.18
CA ARG B 733 -23.33 -9.54 -15.90
C ARG B 733 -22.61 -9.38 -17.24
N SER B 734 -21.28 -9.58 -17.23
CA SER B 734 -20.48 -9.53 -18.47
C SER B 734 -20.90 -10.58 -19.51
N VAL B 735 -21.27 -11.77 -19.03
CA VAL B 735 -21.75 -12.85 -19.89
C VAL B 735 -23.07 -12.44 -20.55
N ALA B 736 -23.98 -11.89 -19.75
CA ALA B 736 -25.28 -11.38 -20.27
C ALA B 736 -25.08 -10.26 -21.28
N ALA B 737 -24.17 -9.34 -20.97
CA ALA B 737 -23.84 -8.23 -21.88
C ALA B 737 -23.26 -8.72 -23.20
N HIS B 738 -22.40 -9.75 -23.14
CA HIS B 738 -21.87 -10.38 -24.36
C HIS B 738 -23.00 -10.96 -25.22
N ILE B 739 -23.95 -11.65 -24.58
CA ILE B 739 -25.09 -12.23 -25.30
C ILE B 739 -25.95 -11.14 -25.96
N GLU B 740 -26.30 -10.10 -25.20
CA GLU B 740 -27.11 -8.97 -25.73
C GLU B 740 -26.44 -8.29 -26.92
N LYS B 741 -25.12 -8.11 -26.86
CA LYS B 741 -24.37 -7.50 -27.96
C LYS B 741 -24.39 -8.37 -29.21
N GLU B 742 -24.17 -9.67 -29.05
CA GLU B 742 -24.21 -10.62 -30.18
C GLU B 742 -25.59 -10.70 -30.85
N ARG B 743 -26.66 -10.60 -30.05
CA ARG B 743 -28.04 -10.62 -30.58
C ARG B 743 -28.40 -9.35 -31.36
N SER B 744 -27.74 -8.25 -31.06
CA SER B 744 -27.74 -7.02 -31.90
C SER B 744 -26.91 -7.17 -33.18
N ASP B 748 -18.35 -8.84 -36.06
CA ASP B 748 -17.45 -8.77 -37.22
C ASP B 748 -15.95 -8.95 -36.88
N ARG B 749 -15.68 -9.72 -35.84
CA ARG B 749 -14.33 -10.22 -35.56
C ARG B 749 -14.20 -11.50 -36.42
N PRO B 750 -12.96 -11.94 -36.74
CA PRO B 750 -12.82 -13.23 -37.42
C PRO B 750 -13.36 -14.40 -36.56
N THR B 751 -14.01 -15.36 -37.21
CA THR B 751 -14.57 -16.53 -36.54
C THR B 751 -14.10 -17.80 -37.21
N PHE B 752 -14.35 -18.93 -36.56
CA PHE B 752 -14.14 -20.24 -37.17
C PHE B 752 -14.82 -20.35 -38.54
N ALA B 753 -16.07 -19.90 -38.61
CA ALA B 753 -16.87 -19.92 -39.83
C ALA B 753 -16.28 -19.05 -40.94
N SER B 754 -15.95 -17.81 -40.62
CA SER B 754 -15.39 -16.88 -41.62
C SER B 754 -14.01 -17.28 -42.16
N VAL B 755 -13.26 -18.09 -41.41
CA VAL B 755 -11.90 -18.49 -41.78
C VAL B 755 -11.84 -19.91 -42.38
N HIS B 756 -12.48 -20.88 -41.72
CA HIS B 756 -12.41 -22.29 -42.13
C HIS B 756 -13.68 -22.82 -42.81
N GLY B 757 -14.75 -22.04 -42.82
CA GLY B 757 -16.04 -22.47 -43.36
C GLY B 757 -16.84 -23.17 -42.28
N ALA B 758 -18.12 -22.79 -42.15
CA ALA B 758 -19.00 -23.34 -41.11
C ALA B 758 -19.16 -24.85 -41.24
N GLY B 759 -19.15 -25.54 -40.10
CA GLY B 759 -19.28 -26.99 -40.06
C GLY B 759 -18.07 -27.81 -40.52
N ALA B 760 -16.95 -27.16 -40.83
CA ALA B 760 -15.78 -27.87 -41.37
C ALA B 760 -15.18 -28.79 -40.32
N THR B 761 -14.91 -30.04 -40.71
CA THR B 761 -14.26 -31.03 -39.85
C THR B 761 -12.76 -31.22 -40.19
N THR B 762 -12.28 -30.53 -41.22
CA THR B 762 -10.86 -30.44 -41.53
C THR B 762 -10.51 -28.97 -41.77
N ILE B 763 -9.25 -28.61 -41.51
CA ILE B 763 -8.76 -27.25 -41.66
C ILE B 763 -7.46 -27.29 -42.41
N ARG B 764 -7.20 -26.25 -43.21
CA ARG B 764 -6.02 -26.19 -44.08
C ARG B 764 -5.21 -24.94 -43.77
N ALA B 765 -3.90 -25.04 -43.91
CA ALA B 765 -3.02 -23.89 -43.75
C ALA B 765 -3.40 -22.75 -44.70
N SER B 766 -3.84 -23.10 -45.91
CA SER B 766 -4.29 -22.12 -46.91
C SER B 766 -5.55 -21.32 -46.51
N ASP B 767 -6.35 -21.85 -45.58
CA ASP B 767 -7.45 -21.08 -44.96
C ASP B 767 -6.95 -19.84 -44.21
N LEU B 768 -5.78 -19.95 -43.59
CA LEU B 768 -5.28 -18.95 -42.64
C LEU B 768 -4.44 -17.89 -43.33
N LYS B 769 -5.11 -16.99 -44.04
CA LYS B 769 -4.47 -15.85 -44.69
C LYS B 769 -4.71 -14.58 -43.89
N LEU B 770 -3.74 -13.67 -43.94
CA LEU B 770 -3.80 -12.45 -43.14
C LEU B 770 -4.95 -11.50 -43.50
N GLU B 771 -5.45 -11.58 -44.74
CA GLU B 771 -6.57 -10.75 -45.20
C GLU B 771 -7.83 -10.99 -44.37
N LYS B 772 -7.99 -12.21 -43.88
CA LYS B 772 -9.12 -12.59 -43.03
C LYS B 772 -9.03 -12.13 -41.56
N PHE B 773 -7.86 -11.64 -41.14
CA PHE B 773 -7.63 -11.20 -39.75
C PHE B 773 -7.26 -9.72 -39.60
N LEU B 774 -6.42 -9.22 -40.49
CA LEU B 774 -5.95 -7.84 -40.45
C LEU B 774 -6.55 -7.00 -41.57
N ASP B 775 -6.76 -5.72 -41.28
CA ASP B 775 -7.28 -4.76 -42.25
C ASP B 775 -6.30 -4.52 -43.41
N ALA B 776 -6.85 -4.14 -44.55
CA ALA B 776 -6.08 -3.93 -45.79
C ALA B 776 -5.01 -2.84 -45.69
N GLN B 777 -5.29 -1.81 -44.88
CA GLN B 777 -4.36 -0.68 -44.72
C GLN B 777 -3.08 -1.10 -43.98
N THR B 778 -3.24 -1.89 -42.92
CA THR B 778 -2.12 -2.48 -42.17
C THR B 778 -1.27 -3.37 -43.09
N LEU B 779 -1.92 -4.24 -43.85
CA LEU B 779 -1.23 -5.15 -44.76
C LEU B 779 -0.51 -4.45 -45.92
N ALA B 780 -1.11 -3.39 -46.46
CA ALA B 780 -0.49 -2.63 -47.54
C ALA B 780 0.77 -1.88 -47.09
N ALA B 781 0.71 -1.28 -45.90
CA ALA B 781 1.84 -0.54 -45.33
C ALA B 781 2.97 -1.41 -44.74
N ALA B 782 2.69 -2.70 -44.48
CA ALA B 782 3.60 -3.56 -43.71
C ALA B 782 4.97 -3.83 -44.33
N PRO B 783 5.02 -4.20 -45.64
CA PRO B 783 6.32 -4.53 -46.27
C PRO B 783 7.36 -3.41 -46.26
N SER B 784 6.93 -2.15 -46.24
CA SER B 784 7.84 -1.02 -46.24
C SER B 784 8.11 -0.40 -44.84
N LEU B 785 7.68 -1.08 -43.78
CA LEU B 785 7.88 -0.56 -42.42
C LEU B 785 9.37 -0.50 -42.05
N PRO B 786 9.75 0.46 -41.19
CA PRO B 786 11.11 0.47 -40.62
C PRO B 786 11.49 -0.88 -40.00
N ARG B 787 12.75 -1.26 -40.19
CA ARG B 787 13.26 -2.55 -39.71
C ARG B 787 13.39 -2.56 -38.18
N PRO B 788 13.58 -3.76 -37.57
CA PRO B 788 13.69 -3.81 -36.10
C PRO B 788 14.79 -2.92 -35.52
N ALA B 789 14.56 -2.39 -34.32
CA ALA B 789 15.56 -1.60 -33.61
C ALA B 789 16.77 -2.49 -33.28
N SER B 790 17.96 -1.93 -33.42
CA SER B 790 19.19 -2.67 -33.15
C SER B 790 19.38 -3.02 -31.65
N GLU B 791 18.87 -2.16 -30.74
CA GLU B 791 18.90 -2.40 -29.29
C GLU B 791 17.49 -2.61 -28.73
N VAL B 792 17.29 -3.74 -28.04
CA VAL B 792 16.04 -4.04 -27.35
C VAL B 792 16.03 -3.40 -25.96
N ARG B 793 15.24 -2.33 -25.81
CA ARG B 793 15.07 -1.63 -24.52
C ARG B 793 13.68 -1.87 -23.90
N THR B 794 12.64 -2.03 -24.74
CA THR B 794 11.30 -2.33 -24.22
C THR B 794 10.68 -3.59 -24.87
N VAL B 795 10.19 -4.49 -24.02
CA VAL B 795 9.62 -5.76 -24.42
C VAL B 795 8.16 -5.83 -23.97
N LEU B 796 7.27 -6.27 -24.88
CA LEU B 796 5.89 -6.57 -24.53
C LEU B 796 5.79 -8.07 -24.35
N LEU B 797 5.23 -8.49 -23.22
CA LEU B 797 5.13 -9.89 -22.90
C LEU B 797 3.67 -10.25 -22.64
N THR B 798 3.18 -11.24 -23.37
CA THR B 798 1.87 -11.84 -23.08
C THR B 798 2.00 -13.07 -22.20
N GLY B 799 0.94 -13.36 -21.47
CA GLY B 799 0.86 -14.54 -20.64
C GLY B 799 1.73 -14.53 -19.39
N SER B 800 2.05 -13.35 -18.86
CA SER B 800 3.02 -13.22 -17.76
C SER B 800 2.62 -13.86 -16.44
N ASN B 801 1.34 -13.99 -16.17
CA ASN B 801 0.89 -14.65 -14.93
C ASN B 801 0.75 -16.16 -15.11
N GLY B 802 0.95 -16.63 -16.34
CA GLY B 802 1.00 -18.05 -16.63
C GLY B 802 2.28 -18.69 -16.11
N TRP B 803 2.39 -19.99 -16.33
CA TRP B 803 3.50 -20.77 -15.81
C TRP B 803 4.85 -20.35 -16.41
N LEU B 804 5.00 -20.43 -17.73
CA LEU B 804 6.25 -20.08 -18.37
C LEU B 804 6.45 -18.56 -18.37
N GLY B 805 5.39 -17.83 -18.67
CA GLY B 805 5.44 -16.38 -18.80
C GLY B 805 5.98 -15.61 -17.61
N ARG B 806 5.71 -16.08 -16.39
CA ARG B 806 6.22 -15.41 -15.19
C ARG B 806 7.74 -15.40 -15.15
N PHE B 807 8.35 -16.50 -15.61
CA PHE B 807 9.81 -16.61 -15.65
C PHE B 807 10.44 -15.96 -16.88
N LEU B 808 9.68 -15.86 -17.97
CA LEU B 808 10.09 -14.99 -19.08
C LEU B 808 10.07 -13.52 -18.66
N ALA B 809 9.08 -13.12 -17.87
CA ALA B 809 9.01 -11.74 -17.35
C ALA B 809 10.22 -11.43 -16.47
N LEU B 810 10.52 -12.36 -15.57
CA LEU B 810 11.65 -12.22 -14.67
C LEU B 810 12.96 -12.12 -15.45
N ALA B 811 13.14 -12.98 -16.45
CA ALA B 811 14.37 -13.03 -17.24
C ALA B 811 14.58 -11.73 -18.00
N TRP B 812 13.50 -11.14 -18.51
CA TRP B 812 13.57 -9.85 -19.22
C TRP B 812 13.82 -8.68 -18.27
N LEU B 813 13.16 -8.70 -17.11
CA LEU B 813 13.41 -7.69 -16.07
C LEU B 813 14.87 -7.70 -15.60
N GLU B 814 15.42 -8.89 -15.34
CA GLU B 814 16.84 -9.03 -14.97
C GLU B 814 17.80 -8.40 -15.99
N ARG B 815 17.53 -8.61 -17.27
CA ARG B 815 18.34 -8.01 -18.34
C ARG B 815 18.13 -6.50 -18.50
N LEU B 816 16.87 -6.07 -18.50
CA LEU B 816 16.51 -4.70 -18.91
C LEU B 816 16.54 -3.65 -17.82
N VAL B 817 16.21 -4.01 -16.58
CA VAL B 817 16.18 -3.02 -15.49
C VAL B 817 17.53 -2.33 -15.30
N PRO B 818 18.64 -3.10 -15.23
CA PRO B 818 19.97 -2.46 -15.13
C PRO B 818 20.37 -1.58 -16.34
N GLN B 819 19.72 -1.77 -17.49
CA GLN B 819 19.94 -0.91 -18.67
C GLN B 819 18.93 0.23 -18.79
N GLY B 820 18.11 0.46 -17.76
CA GLY B 820 17.03 1.47 -17.82
C GLY B 820 15.86 1.11 -18.73
N GLY B 821 15.74 -0.17 -19.08
CA GLY B 821 14.68 -0.64 -19.98
C GLY B 821 13.40 -0.98 -19.26
N LYS B 822 12.43 -1.50 -20.00
CA LYS B 822 11.08 -1.71 -19.52
C LYS B 822 10.49 -3.02 -20.04
N VAL B 823 9.75 -3.71 -19.19
CA VAL B 823 8.94 -4.84 -19.61
C VAL B 823 7.48 -4.42 -19.41
N VAL B 824 6.70 -4.42 -20.48
CA VAL B 824 5.26 -4.16 -20.37
C VAL B 824 4.51 -5.47 -20.59
N VAL B 825 3.43 -5.62 -19.85
CA VAL B 825 2.77 -6.89 -19.70
C VAL B 825 1.25 -6.65 -19.77
N ILE B 826 0.55 -7.52 -20.50
CA ILE B 826 -0.90 -7.45 -20.62
C ILE B 826 -1.45 -8.66 -19.86
N VAL B 827 -2.33 -8.40 -18.89
CA VAL B 827 -2.91 -9.42 -18.02
C VAL B 827 -4.41 -9.22 -17.97
N ARG B 828 -5.16 -10.31 -18.00
CA ARG B 828 -6.62 -10.24 -17.90
C ARG B 828 -7.03 -9.83 -16.49
N GLY B 829 -7.99 -8.91 -16.42
CA GLY B 829 -8.50 -8.42 -15.16
C GLY B 829 -9.48 -7.29 -15.40
N LYS B 830 -10.29 -6.98 -14.40
CA LYS B 830 -11.33 -5.99 -14.54
C LYS B 830 -10.78 -4.56 -14.79
N ASP B 831 -9.64 -4.25 -14.17
CA ASP B 831 -8.93 -2.98 -14.39
C ASP B 831 -7.43 -3.20 -14.13
N ASP B 832 -6.62 -2.16 -14.33
CA ASP B 832 -5.16 -2.27 -14.16
C ASP B 832 -4.72 -2.69 -12.76
N LYS B 833 -5.46 -2.27 -11.73
CA LYS B 833 -5.16 -2.63 -10.32
C LYS B 833 -5.34 -4.12 -10.14
N ALA B 834 -6.49 -4.64 -10.57
CA ALA B 834 -6.81 -6.05 -10.43
C ALA B 834 -5.86 -6.94 -11.23
N ALA B 835 -5.50 -6.49 -12.43
CA ALA B 835 -4.53 -7.19 -13.27
C ALA B 835 -3.16 -7.30 -12.59
N LYS B 836 -2.69 -6.19 -12.02
CA LYS B 836 -1.43 -6.18 -11.28
C LYS B 836 -1.46 -7.13 -10.09
N ALA B 837 -2.58 -7.16 -9.36
CA ALA B 837 -2.73 -8.04 -8.20
C ALA B 837 -2.63 -9.52 -8.57
N ARG B 838 -3.26 -9.90 -9.69
CA ARG B 838 -3.18 -11.27 -10.21
C ARG B 838 -1.75 -11.70 -10.54
N LEU B 839 -1.02 -10.81 -11.20
CA LEU B 839 0.38 -11.05 -11.55
C LEU B 839 1.26 -11.15 -10.31
N ASP B 840 1.12 -10.18 -9.40
CA ASP B 840 1.88 -10.18 -8.14
C ASP B 840 1.68 -11.49 -7.38
N SER B 841 0.45 -11.99 -7.32
CA SER B 841 0.15 -13.17 -6.51
C SER B 841 0.89 -14.45 -6.95
N VAL B 842 1.28 -14.58 -8.23
CA VAL B 842 1.93 -15.82 -8.68
C VAL B 842 3.36 -15.96 -8.17
N PHE B 843 3.98 -14.84 -7.77
CA PHE B 843 5.31 -14.85 -7.16
C PHE B 843 5.30 -15.04 -5.64
N GLU B 844 4.10 -15.16 -5.05
CA GLU B 844 3.93 -15.49 -3.63
C GLU B 844 3.61 -16.98 -3.54
N SER B 845 4.63 -17.79 -3.24
CA SER B 845 4.48 -19.25 -3.16
C SER B 845 5.23 -19.86 -1.98
N GLY B 846 5.51 -19.06 -0.95
CA GLY B 846 6.30 -19.48 0.21
C GLY B 846 7.81 -19.40 0.03
N ASP B 847 8.27 -18.64 -0.97
CA ASP B 847 9.70 -18.48 -1.24
C ASP B 847 10.08 -17.01 -1.08
N PRO B 848 10.68 -16.64 0.08
CA PRO B 848 11.05 -15.25 0.33
C PRO B 848 11.98 -14.64 -0.73
N ALA B 849 12.97 -15.39 -1.18
CA ALA B 849 13.93 -14.90 -2.17
C ALA B 849 13.27 -14.57 -3.51
N LEU B 850 12.29 -15.39 -3.91
CA LEU B 850 11.56 -15.13 -5.15
C LEU B 850 10.80 -13.82 -5.04
N LEU B 851 10.05 -13.67 -3.94
CA LEU B 851 9.23 -12.48 -3.72
C LEU B 851 10.08 -11.20 -3.67
N ALA B 852 11.18 -11.24 -2.93
CA ALA B 852 12.09 -10.09 -2.83
C ALA B 852 12.67 -9.69 -4.19
N HIS B 853 13.11 -10.70 -4.94
CA HIS B 853 13.67 -10.51 -6.28
C HIS B 853 12.64 -9.91 -7.24
N TYR B 854 11.42 -10.44 -7.23
CA TYR B 854 10.35 -9.90 -8.07
C TYR B 854 10.02 -8.45 -7.73
N GLU B 855 9.80 -8.16 -6.44
CA GLU B 855 9.42 -6.80 -6.00
C GLU B 855 10.50 -5.76 -6.30
N ASP B 856 11.76 -6.13 -6.10
CA ASP B 856 12.91 -5.31 -6.48
C ASP B 856 12.85 -4.91 -7.97
N LEU B 857 12.72 -5.89 -8.86
CA LEU B 857 12.71 -5.64 -10.30
C LEU B 857 11.41 -5.03 -10.83
N ALA B 858 10.27 -5.48 -10.31
CA ALA B 858 8.95 -5.05 -10.80
C ALA B 858 8.69 -3.55 -10.57
N ASP B 859 9.04 -3.05 -9.39
CA ASP B 859 8.89 -1.62 -9.09
C ASP B 859 9.74 -0.73 -9.99
N LYS B 860 10.88 -1.22 -10.47
CA LYS B 860 11.78 -0.46 -11.33
C LYS B 860 11.48 -0.54 -12.83
N GLY B 861 10.97 -1.68 -13.31
CA GLY B 861 10.86 -1.91 -14.76
C GLY B 861 9.58 -2.54 -15.32
N LEU B 862 8.61 -2.89 -14.48
CA LEU B 862 7.41 -3.57 -14.93
C LEU B 862 6.22 -2.61 -15.06
N GLU B 863 5.55 -2.64 -16.20
CA GLU B 863 4.27 -1.94 -16.42
C GLU B 863 3.20 -2.98 -16.65
N VAL B 864 2.15 -2.97 -15.84
CA VAL B 864 1.03 -3.90 -16.00
C VAL B 864 -0.21 -3.18 -16.55
N LEU B 865 -0.73 -3.69 -17.68
CA LEU B 865 -1.96 -3.20 -18.27
C LEU B 865 -2.99 -4.30 -18.29
N ALA B 866 -4.20 -3.99 -17.85
CA ALA B 866 -5.34 -4.88 -18.04
C ALA B 866 -5.68 -4.92 -19.53
N GLY B 867 -5.93 -6.11 -20.05
CA GLY B 867 -6.24 -6.27 -21.45
C GLY B 867 -6.65 -7.68 -21.79
N ASP B 868 -6.73 -7.94 -23.09
CA ASP B 868 -7.20 -9.21 -23.61
C ASP B 868 -6.79 -9.30 -25.08
N PHE B 869 -5.84 -10.18 -25.40
CA PHE B 869 -5.30 -10.23 -26.77
C PHE B 869 -6.27 -10.78 -27.82
N SER B 870 -7.38 -11.38 -27.40
CA SER B 870 -8.42 -11.80 -28.35
C SER B 870 -9.30 -10.63 -28.85
N ASP B 871 -9.26 -9.47 -28.17
CA ASP B 871 -10.03 -8.28 -28.56
C ASP B 871 -9.23 -7.29 -29.38
N ALA B 872 -9.95 -6.38 -30.04
CA ALA B 872 -9.34 -5.32 -30.85
C ALA B 872 -8.46 -4.43 -29.97
N ASP B 873 -7.34 -3.99 -30.54
CA ASP B 873 -6.31 -3.23 -29.82
C ASP B 873 -5.81 -3.93 -28.52
N LEU B 874 -5.80 -5.27 -28.53
CA LEU B 874 -5.42 -6.09 -27.37
C LEU B 874 -6.21 -5.75 -26.09
N GLY B 875 -7.46 -5.31 -26.26
CA GLY B 875 -8.32 -4.90 -25.14
C GLY B 875 -7.86 -3.66 -24.36
N LEU B 876 -6.99 -2.86 -24.95
CA LEU B 876 -6.36 -1.72 -24.27
C LEU B 876 -7.09 -0.43 -24.60
N ARG B 877 -6.76 0.61 -23.85
CA ARG B 877 -7.10 1.98 -24.24
C ARG B 877 -6.35 2.31 -25.51
N LYS B 878 -6.98 3.09 -26.39
CA LYS B 878 -6.39 3.41 -27.69
C LYS B 878 -5.01 4.08 -27.54
N ALA B 879 -4.89 5.00 -26.57
CA ALA B 879 -3.63 5.70 -26.34
C ALA B 879 -2.49 4.75 -25.96
N ASP B 880 -2.80 3.75 -25.15
CA ASP B 880 -1.81 2.75 -24.76
C ASP B 880 -1.38 1.88 -25.94
N TRP B 881 -2.34 1.39 -26.73
CA TRP B 881 -2.03 0.62 -27.93
C TRP B 881 -1.13 1.40 -28.90
N ASP B 882 -1.45 2.68 -29.14
CA ASP B 882 -0.63 3.53 -30.02
C ASP B 882 0.78 3.73 -29.47
N ARG B 883 0.87 3.93 -28.16
CA ARG B 883 2.16 4.07 -27.49
C ARG B 883 3.01 2.81 -27.64
N LEU B 884 2.41 1.64 -27.41
CA LEU B 884 3.11 0.36 -27.57
C LEU B 884 3.55 0.09 -29.02
N ALA B 885 2.72 0.49 -29.99
CA ALA B 885 3.11 0.41 -31.42
C ALA B 885 4.40 1.20 -31.74
N ASP B 886 4.64 2.28 -31.00
CA ASP B 886 5.83 3.11 -31.13
C ASP B 886 7.00 2.63 -30.26
N GLU B 887 6.74 2.30 -28.99
CA GLU B 887 7.82 2.03 -28.00
C GLU B 887 8.37 0.60 -27.97
N VAL B 888 7.52 -0.38 -28.27
CA VAL B 888 7.91 -1.79 -28.10
C VAL B 888 8.91 -2.22 -29.19
N ASP B 889 10.02 -2.80 -28.76
CA ASP B 889 11.07 -3.29 -29.67
C ASP B 889 10.92 -4.76 -29.99
N LEU B 890 10.39 -5.54 -29.06
CA LEU B 890 10.27 -6.98 -29.23
C LEU B 890 9.04 -7.49 -28.48
N ILE B 891 8.35 -8.47 -29.06
CA ILE B 891 7.14 -9.05 -28.48
C ILE B 891 7.36 -10.51 -28.15
N VAL B 892 7.05 -10.91 -26.92
CA VAL B 892 7.11 -12.31 -26.50
C VAL B 892 5.67 -12.77 -26.28
N HIS B 893 5.17 -13.61 -27.19
CA HIS B 893 3.80 -14.07 -27.15
C HIS B 893 3.72 -15.46 -26.53
N SER B 894 3.69 -15.51 -25.21
CA SER B 894 3.55 -16.75 -24.45
C SER B 894 2.11 -17.07 -24.05
N GLY B 895 1.17 -16.15 -24.26
CA GLY B 895 -0.18 -16.30 -23.73
C GLY B 895 -1.07 -17.11 -24.65
N ALA B 896 -1.89 -17.98 -24.05
CA ALA B 896 -2.80 -18.83 -24.79
C ALA B 896 -3.74 -19.50 -23.81
N LEU B 897 -4.85 -20.00 -24.32
CA LEU B 897 -5.71 -20.88 -23.56
C LEU B 897 -5.18 -22.29 -23.75
N VAL B 898 -4.50 -22.79 -22.72
CA VAL B 898 -3.84 -24.09 -22.74
C VAL B 898 -4.78 -25.09 -22.08
N ASN B 899 -5.46 -25.87 -22.91
CA ASN B 899 -6.48 -26.78 -22.43
C ASN B 899 -6.55 -28.02 -23.34
N HIS B 900 -6.41 -29.19 -22.75
CA HIS B 900 -6.29 -30.46 -23.49
C HIS B 900 -7.64 -31.12 -23.84
N VAL B 901 -8.74 -30.57 -23.33
CA VAL B 901 -10.09 -31.10 -23.52
C VAL B 901 -10.95 -30.27 -24.47
N LEU B 902 -10.84 -28.93 -24.41
CA LEU B 902 -11.71 -28.05 -25.20
C LEU B 902 -11.50 -28.20 -26.71
N PRO B 903 -12.59 -28.08 -27.50
CA PRO B 903 -12.48 -28.18 -28.96
C PRO B 903 -11.87 -26.94 -29.60
N TYR B 904 -11.41 -27.10 -30.83
CA TYR B 904 -10.77 -26.03 -31.60
C TYR B 904 -11.59 -24.72 -31.67
N SER B 905 -12.91 -24.85 -31.80
CA SER B 905 -13.78 -23.67 -31.91
C SER B 905 -13.72 -22.77 -30.66
N GLN B 906 -13.59 -23.39 -29.49
CA GLN B 906 -13.43 -22.67 -28.22
C GLN B 906 -12.04 -22.05 -28.04
N LEU B 907 -11.02 -22.62 -28.69
CA LEU B 907 -9.65 -22.10 -28.59
C LEU B 907 -9.28 -21.15 -29.72
N PHE B 908 -10.16 -21.03 -30.73
CA PHE B 908 -9.91 -20.20 -31.90
C PHE B 908 -9.72 -18.73 -31.54
N GLY B 909 -10.59 -18.19 -30.69
CA GLY B 909 -10.51 -16.81 -30.23
C GLY B 909 -9.18 -16.47 -29.55
N PRO B 910 -8.88 -17.13 -28.43
CA PRO B 910 -7.64 -16.80 -27.73
C PRO B 910 -6.36 -17.15 -28.48
N ASN B 911 -6.31 -18.29 -29.16
CA ASN B 911 -5.03 -18.78 -29.69
C ASN B 911 -4.74 -18.41 -31.15
N VAL B 912 -5.79 -18.23 -31.95
CA VAL B 912 -5.63 -17.91 -33.38
C VAL B 912 -5.85 -16.41 -33.61
N VAL B 913 -7.04 -15.92 -33.27
CA VAL B 913 -7.32 -14.48 -33.37
C VAL B 913 -6.34 -13.69 -32.49
N GLY B 914 -6.08 -14.21 -31.29
CA GLY B 914 -5.12 -13.60 -30.37
C GLY B 914 -3.72 -13.43 -30.94
N THR B 915 -3.24 -14.46 -31.65
CA THR B 915 -1.94 -14.38 -32.32
C THR B 915 -1.96 -13.35 -33.44
N ALA B 916 -3.06 -13.28 -34.18
CA ALA B 916 -3.22 -12.25 -35.22
C ALA B 916 -3.20 -10.83 -34.66
N GLU B 917 -3.84 -10.61 -33.50
CA GLU B 917 -3.80 -9.30 -32.81
C GLU B 917 -2.40 -8.91 -32.40
N VAL B 918 -1.64 -9.88 -31.89
CA VAL B 918 -0.24 -9.65 -31.55
C VAL B 918 0.56 -9.30 -32.81
N ALA B 919 0.36 -10.07 -33.89
CA ALA B 919 1.01 -9.78 -35.18
C ALA B 919 0.70 -8.38 -35.70
N LYS B 920 -0.55 -7.94 -35.53
CA LYS B 920 -0.94 -6.59 -35.94
C LYS B 920 -0.07 -5.52 -35.30
N LEU B 921 0.13 -5.62 -33.99
CA LEU B 921 1.00 -4.69 -33.26
C LEU B 921 2.45 -4.76 -33.77
N ALA B 922 2.93 -5.97 -34.04
CA ALA B 922 4.25 -6.19 -34.63
C ALA B 922 4.39 -5.62 -36.04
N LEU B 923 3.27 -5.49 -36.76
CA LEU B 923 3.23 -4.92 -38.11
C LEU B 923 2.65 -3.49 -38.18
N THR B 924 2.74 -2.72 -37.09
CA THR B 924 2.26 -1.33 -37.07
C THR B 924 3.39 -0.40 -36.64
N LYS B 925 3.55 0.70 -37.37
CA LYS B 925 4.52 1.77 -37.07
C LYS B 925 5.98 1.37 -37.34
N ARG B 926 6.45 0.29 -36.72
CA ARG B 926 7.73 -0.34 -37.09
C ARG B 926 7.72 -1.82 -36.75
N LEU B 927 8.59 -2.58 -37.41
CA LEU B 927 8.65 -4.03 -37.22
C LEU B 927 9.22 -4.40 -35.84
N LYS B 928 8.57 -5.37 -35.22
CA LYS B 928 8.92 -5.84 -33.87
C LYS B 928 9.05 -7.34 -33.95
N PRO B 929 10.27 -7.88 -33.77
CA PRO B 929 10.43 -9.34 -33.79
C PRO B 929 9.53 -10.02 -32.77
N VAL B 930 9.02 -11.20 -33.13
CA VAL B 930 8.09 -11.94 -32.30
C VAL B 930 8.68 -13.28 -31.88
N THR B 931 8.72 -13.51 -30.56
CA THR B 931 8.90 -14.85 -30.00
C THR B 931 7.52 -15.43 -29.83
N TYR B 932 7.27 -16.61 -30.41
CA TYR B 932 5.98 -17.29 -30.30
C TYR B 932 6.14 -18.63 -29.62
N LEU B 933 5.35 -18.88 -28.58
CA LEU B 933 5.34 -20.17 -27.93
C LEU B 933 4.36 -21.10 -28.62
N SER B 934 4.83 -22.31 -28.95
CA SER B 934 4.02 -23.35 -29.56
C SER B 934 4.21 -24.62 -28.74
N THR B 935 4.03 -25.79 -29.34
CA THR B 935 3.87 -27.01 -28.58
C THR B 935 4.17 -28.24 -29.43
N VAL B 936 4.68 -29.29 -28.77
CA VAL B 936 4.87 -30.61 -29.37
C VAL B 936 3.58 -31.17 -29.98
N ALA B 937 2.42 -30.76 -29.45
CA ALA B 937 1.10 -31.14 -29.98
C ALA B 937 0.83 -30.77 -31.47
N VAL B 938 1.59 -29.84 -32.03
CA VAL B 938 1.52 -29.50 -33.46
C VAL B 938 2.04 -30.68 -34.31
N ALA B 939 2.91 -31.50 -33.73
CA ALA B 939 3.41 -32.69 -34.42
C ALA B 939 2.41 -33.85 -34.51
N VAL B 940 1.33 -33.80 -33.72
CA VAL B 940 0.28 -34.84 -33.81
C VAL B 940 -0.33 -34.84 -35.22
N GLY B 941 -0.53 -36.03 -35.77
CA GLY B 941 -0.99 -36.22 -37.15
C GLY B 941 0.10 -36.13 -38.22
N VAL B 942 1.34 -35.88 -37.81
CA VAL B 942 2.49 -35.79 -38.72
C VAL B 942 3.45 -36.93 -38.38
N GLU B 943 4.11 -37.48 -39.39
CA GLU B 943 5.10 -38.53 -39.20
C GLU B 943 6.35 -37.92 -38.60
N PRO B 944 6.85 -38.47 -37.48
CA PRO B 944 8.09 -37.96 -36.89
C PRO B 944 9.20 -37.64 -37.88
N SER B 945 9.49 -38.53 -38.82
CA SER B 945 10.51 -38.26 -39.87
C SER B 945 10.15 -37.08 -40.82
N ALA B 946 8.85 -36.82 -40.99
CA ALA B 946 8.38 -35.68 -41.80
C ALA B 946 8.25 -34.38 -40.99
N PHE B 947 8.23 -34.46 -39.65
CA PHE B 947 8.14 -33.25 -38.83
C PHE B 947 9.45 -32.48 -38.82
N GLU B 948 9.59 -31.59 -39.79
CA GLU B 948 10.81 -30.82 -39.95
C GLU B 948 10.81 -29.68 -38.92
N GLU B 949 11.72 -29.77 -37.95
CA GLU B 949 11.86 -28.79 -36.86
C GLU B 949 11.89 -27.34 -37.38
N ASP B 950 12.83 -27.06 -38.28
CA ASP B 950 12.99 -25.71 -38.84
C ASP B 950 12.46 -25.60 -40.29
N GLY B 951 11.44 -26.41 -40.63
CA GLY B 951 10.81 -26.31 -41.94
C GLY B 951 9.71 -25.26 -41.99
N ASP B 952 9.00 -25.21 -43.12
CA ASP B 952 7.79 -24.42 -43.27
C ASP B 952 6.63 -25.27 -42.73
N ILE B 953 5.99 -24.78 -41.67
CA ILE B 953 4.85 -25.49 -41.05
C ILE B 953 3.65 -25.68 -42.01
N ARG B 954 3.51 -24.77 -42.97
CA ARG B 954 2.46 -24.87 -44.00
C ARG B 954 2.64 -26.10 -44.92
N ASP B 955 3.90 -26.47 -45.22
CA ASP B 955 4.21 -27.72 -45.95
C ASP B 955 4.20 -28.95 -45.04
N VAL B 956 4.84 -28.84 -43.87
CA VAL B 956 4.91 -29.94 -42.90
C VAL B 956 3.52 -30.42 -42.47
N SER B 957 2.61 -29.49 -42.23
CA SER B 957 1.25 -29.80 -41.82
C SER B 957 0.26 -28.88 -42.56
N ALA B 958 -0.04 -29.24 -43.81
CA ALA B 958 -0.92 -28.45 -44.69
C ALA B 958 -2.40 -28.66 -44.38
N VAL B 959 -2.76 -29.86 -43.93
CA VAL B 959 -4.14 -30.21 -43.63
C VAL B 959 -4.16 -30.93 -42.28
N ARG B 960 -5.16 -30.61 -41.47
CA ARG B 960 -5.36 -31.26 -40.17
C ARG B 960 -6.83 -31.49 -39.97
N SER B 961 -7.16 -32.50 -39.16
CA SER B 961 -8.54 -32.82 -38.88
C SER B 961 -8.96 -32.33 -37.49
N ILE B 962 -10.25 -32.03 -37.35
CA ILE B 962 -10.87 -31.73 -36.08
C ILE B 962 -11.57 -33.02 -35.65
N ASP B 963 -11.25 -33.49 -34.45
CA ASP B 963 -11.81 -34.74 -33.92
C ASP B 963 -11.70 -34.78 -32.39
N GLU B 964 -12.05 -35.92 -31.80
CA GLU B 964 -12.13 -36.09 -30.35
C GLU B 964 -10.84 -36.59 -29.69
N GLY B 965 -9.74 -36.64 -30.44
CA GLY B 965 -8.45 -37.07 -29.90
C GLY B 965 -7.88 -36.12 -28.86
N TYR B 966 -7.03 -36.66 -27.98
CA TYR B 966 -6.45 -35.92 -26.86
C TYR B 966 -5.72 -34.67 -27.35
N ALA B 967 -6.10 -33.52 -26.81
CA ALA B 967 -5.50 -32.22 -27.13
C ALA B 967 -5.59 -31.81 -28.61
N ASN B 968 -6.58 -32.34 -29.33
CA ASN B 968 -6.73 -32.06 -30.77
C ASN B 968 -6.94 -30.57 -31.02
N GLY B 969 -7.90 -30.00 -30.31
CA GLY B 969 -8.20 -28.57 -30.42
C GLY B 969 -7.00 -27.71 -30.11
N TYR B 970 -6.32 -28.05 -29.01
CA TYR B 970 -5.15 -27.29 -28.56
C TYR B 970 -4.04 -27.33 -29.61
N GLY B 971 -3.70 -28.54 -30.07
CA GLY B 971 -2.69 -28.70 -31.12
C GLY B 971 -3.01 -27.91 -32.38
N ASN B 972 -4.27 -28.04 -32.83
CA ASN B 972 -4.74 -27.26 -33.99
C ASN B 972 -4.66 -25.74 -33.79
N SER B 973 -5.06 -25.25 -32.62
CA SER B 973 -5.02 -23.82 -32.33
C SER B 973 -3.60 -23.24 -32.36
N LYS B 974 -2.63 -23.98 -31.83
CA LYS B 974 -1.23 -23.51 -31.81
C LYS B 974 -0.55 -23.58 -33.17
N TRP B 975 -0.86 -24.64 -33.92
CA TRP B 975 -0.50 -24.76 -35.34
C TRP B 975 -1.01 -23.55 -36.14
N ALA B 976 -2.28 -23.19 -35.94
CA ALA B 976 -2.89 -22.07 -36.67
C ALA B 976 -2.15 -20.76 -36.45
N GLY B 977 -1.73 -20.52 -35.20
CA GLY B 977 -0.91 -19.36 -34.86
C GLY B 977 0.44 -19.36 -35.56
N GLU B 978 1.08 -20.54 -35.65
CA GLU B 978 2.33 -20.66 -36.39
C GLU B 978 2.16 -20.27 -37.86
N VAL B 979 1.10 -20.80 -38.47
CA VAL B 979 0.81 -20.53 -39.88
C VAL B 979 0.68 -19.02 -40.12
N LEU B 980 -0.10 -18.35 -39.27
CA LEU B 980 -0.31 -16.91 -39.40
C LEU B 980 0.97 -16.11 -39.29
N LEU B 981 1.84 -16.50 -38.37
CA LEU B 981 3.13 -15.81 -38.20
C LEU B 981 4.06 -16.09 -39.38
N ARG B 982 4.02 -17.31 -39.91
CA ARG B 982 4.75 -17.61 -41.14
C ARG B 982 4.25 -16.76 -42.32
N GLU B 983 2.93 -16.60 -42.44
CA GLU B 983 2.34 -15.68 -43.42
C GLU B 983 2.82 -14.24 -43.23
N ALA B 984 2.88 -13.78 -41.98
CA ALA B 984 3.39 -12.44 -41.66
C ALA B 984 4.86 -12.25 -42.07
N TYR B 985 5.68 -13.27 -41.87
CA TYR B 985 7.09 -13.22 -42.31
C TYR B 985 7.19 -13.14 -43.84
N GLU B 986 6.43 -13.97 -44.55
CA GLU B 986 6.47 -13.99 -46.02
C GLU B 986 5.94 -12.69 -46.64
N HIS B 987 4.91 -12.09 -46.03
CA HIS B 987 4.34 -10.84 -46.53
C HIS B 987 5.18 -9.60 -46.19
N ALA B 988 5.68 -9.50 -44.96
CA ALA B 988 6.35 -8.27 -44.49
C ALA B 988 7.80 -8.43 -44.02
N GLY B 989 8.34 -9.64 -44.03
CA GLY B 989 9.66 -9.91 -43.46
C GLY B 989 9.73 -9.76 -41.94
N LEU B 990 8.59 -9.97 -41.26
CA LEU B 990 8.52 -9.94 -39.79
C LEU B 990 9.42 -11.04 -39.20
N PRO B 991 10.45 -10.66 -38.42
CA PRO B 991 11.29 -11.70 -37.81
C PRO B 991 10.53 -12.47 -36.72
N VAL B 992 10.61 -13.80 -36.77
CA VAL B 992 9.88 -14.67 -35.85
C VAL B 992 10.79 -15.80 -35.38
N ARG B 993 10.63 -16.17 -34.11
CA ARG B 993 11.21 -17.38 -33.56
C ARG B 993 10.12 -18.14 -32.84
N VAL B 994 9.84 -19.35 -33.32
CA VAL B 994 8.87 -20.23 -32.65
C VAL B 994 9.59 -21.27 -31.79
N PHE B 995 9.07 -21.46 -30.57
CA PHE B 995 9.60 -22.41 -29.62
C PHE B 995 8.49 -23.38 -29.25
N ARG B 996 8.61 -24.62 -29.72
CA ARG B 996 7.62 -25.64 -29.47
C ARG B 996 8.00 -26.37 -28.21
N SER B 997 7.21 -26.20 -27.16
CA SER B 997 7.55 -26.76 -25.86
C SER B 997 7.04 -28.18 -25.69
N ASP B 998 7.80 -28.96 -24.93
CA ASP B 998 7.35 -30.21 -24.34
C ASP B 998 6.71 -29.86 -22.98
N MET B 999 6.69 -30.78 -22.01
CA MET B 999 6.26 -30.46 -20.66
C MET B 999 7.32 -29.60 -19.94
N ILE B 1000 6.95 -28.36 -19.59
CA ILE B 1000 7.86 -27.45 -18.89
C ILE B 1000 7.74 -27.69 -17.38
N LEU B 1001 8.74 -28.36 -16.81
CA LEU B 1001 8.67 -28.83 -15.42
C LEU B 1001 9.11 -27.76 -14.42
N ALA B 1002 9.00 -28.10 -13.13
CA ALA B 1002 9.19 -27.18 -12.01
C ALA B 1002 10.51 -26.40 -12.04
N HIS B 1003 10.49 -25.23 -11.40
CA HIS B 1003 11.70 -24.42 -11.23
C HIS B 1003 12.61 -25.17 -10.26
N ARG B 1004 13.91 -25.21 -10.55
CA ARG B 1004 14.85 -26.02 -9.74
C ARG B 1004 15.37 -25.30 -8.49
N LYS B 1005 15.30 -23.98 -8.48
CA LYS B 1005 15.55 -23.14 -7.30
C LYS B 1005 14.28 -22.74 -6.50
N TYR B 1006 13.40 -21.96 -7.11
CA TYR B 1006 12.27 -21.34 -6.40
C TYR B 1006 11.22 -22.34 -5.93
N THR B 1007 10.96 -22.32 -4.62
CA THR B 1007 10.07 -23.28 -3.98
C THR B 1007 8.61 -22.87 -4.14
N GLY B 1008 7.74 -23.88 -4.16
CA GLY B 1008 6.33 -23.69 -4.49
C GLY B 1008 6.04 -23.29 -5.93
N GLN B 1009 7.04 -23.38 -6.82
CA GLN B 1009 6.88 -23.00 -8.23
C GLN B 1009 6.90 -24.26 -9.10
N LEU B 1010 5.70 -24.68 -9.46
CA LEU B 1010 5.46 -25.77 -10.41
C LEU B 1010 4.15 -25.45 -11.12
N ASN B 1011 3.98 -25.97 -12.33
CA ASN B 1011 2.76 -25.75 -13.09
C ASN B 1011 1.68 -26.66 -12.51
N VAL B 1012 0.89 -26.11 -11.61
CA VAL B 1012 -0.08 -26.90 -10.84
C VAL B 1012 -1.10 -27.63 -11.72
N PRO B 1013 -1.73 -26.95 -12.70
CA PRO B 1013 -2.71 -27.65 -13.54
C PRO B 1013 -2.15 -28.56 -14.67
N ASP B 1014 -0.84 -28.62 -14.90
CA ASP B 1014 -0.33 -29.46 -16.00
C ASP B 1014 -0.47 -30.96 -15.72
N GLN B 1015 -0.39 -31.73 -16.80
CA GLN B 1015 -0.61 -33.18 -16.76
C GLN B 1015 0.39 -33.90 -15.85
N PHE B 1016 1.65 -33.48 -15.90
CA PHE B 1016 2.70 -34.09 -15.07
C PHE B 1016 2.48 -33.87 -13.57
N THR B 1017 2.29 -32.61 -13.16
CA THR B 1017 2.01 -32.28 -11.77
C THR B 1017 0.79 -33.05 -11.26
N ARG B 1018 -0.26 -33.05 -12.07
CA ARG B 1018 -1.47 -33.81 -11.74
C ARG B 1018 -1.16 -35.29 -11.52
N LEU B 1019 -0.34 -35.87 -12.40
CA LEU B 1019 0.09 -37.27 -12.25
C LEU B 1019 0.87 -37.51 -10.95
N ILE B 1020 1.89 -36.69 -10.68
CA ILE B 1020 2.73 -36.86 -9.48
C ILE B 1020 1.90 -36.73 -8.21
N LEU B 1021 1.05 -35.70 -8.15
CA LEU B 1021 0.11 -35.50 -7.05
C LEU B 1021 -0.80 -36.73 -6.85
N SER B 1022 -1.30 -37.27 -7.96
CA SER B 1022 -2.21 -38.42 -7.93
C SER B 1022 -1.49 -39.68 -7.43
N LEU B 1023 -0.26 -39.90 -7.86
CA LEU B 1023 0.54 -41.04 -7.39
C LEU B 1023 0.83 -40.95 -5.90
N LEU B 1024 1.15 -39.76 -5.41
CA LEU B 1024 1.39 -39.54 -3.98
C LEU B 1024 0.10 -39.72 -3.18
N ALA B 1025 -1.01 -39.21 -3.71
CA ALA B 1025 -2.30 -39.25 -3.01
C ALA B 1025 -2.90 -40.66 -2.96
N THR B 1026 -2.87 -41.38 -4.07
CA THR B 1026 -3.42 -42.74 -4.14
C THR B 1026 -2.46 -43.81 -3.59
N GLY B 1027 -1.16 -43.55 -3.64
CA GLY B 1027 -0.15 -44.50 -3.18
C GLY B 1027 0.04 -45.73 -4.06
N ILE B 1028 -0.41 -45.67 -5.32
CA ILE B 1028 -0.28 -46.82 -6.24
C ILE B 1028 0.16 -46.38 -7.63
N ALA B 1029 1.11 -47.13 -8.18
CA ALA B 1029 1.66 -46.88 -9.51
C ALA B 1029 1.74 -48.20 -10.26
N PRO B 1030 1.76 -48.15 -11.60
CA PRO B 1030 1.98 -49.40 -12.31
C PRO B 1030 3.45 -49.82 -12.24
N LYS B 1031 3.71 -51.09 -12.51
CA LYS B 1031 5.06 -51.61 -12.66
C LYS B 1031 5.80 -50.84 -13.75
N SER B 1032 5.08 -50.54 -14.83
CA SER B 1032 5.57 -49.62 -15.84
C SER B 1032 4.44 -48.81 -16.43
N PHE B 1033 4.72 -47.55 -16.73
CA PHE B 1033 3.83 -46.69 -17.50
C PHE B 1033 3.94 -46.99 -19.00
N TYR B 1034 5.01 -47.68 -19.39
CA TYR B 1034 5.28 -47.98 -20.79
C TYR B 1034 5.01 -49.45 -21.11
N GLN B 1035 5.04 -49.75 -22.42
CA GLN B 1035 4.78 -51.11 -22.92
C GLN B 1035 5.89 -52.07 -22.43
N LEU B 1036 5.48 -53.19 -21.84
CA LEU B 1036 6.43 -54.22 -21.39
C LEU B 1036 7.04 -54.93 -22.58
N ASP B 1037 8.18 -55.57 -22.39
CA ASP B 1037 8.77 -56.41 -23.44
C ASP B 1037 8.04 -57.76 -23.52
N ALA B 1038 8.42 -58.59 -24.49
CA ALA B 1038 7.81 -59.92 -24.71
C ALA B 1038 7.62 -60.77 -23.43
N THR B 1039 8.64 -60.79 -22.56
CA THR B 1039 8.62 -61.59 -21.33
C THR B 1039 7.89 -60.95 -20.12
N GLY B 1040 7.35 -59.74 -20.31
CA GLY B 1040 6.61 -59.01 -19.25
C GLY B 1040 7.46 -58.06 -18.41
N GLY B 1041 8.63 -57.68 -18.93
CA GLY B 1041 9.62 -56.89 -18.18
C GLY B 1041 9.65 -55.43 -18.60
N ARG B 1042 10.01 -54.58 -17.62
CA ARG B 1042 10.14 -53.14 -17.81
C ARG B 1042 11.19 -52.77 -18.86
N GLN B 1043 10.86 -51.84 -19.75
CA GLN B 1043 11.77 -51.43 -20.83
C GLN B 1043 12.32 -50.02 -20.62
N ARG B 1044 13.44 -49.73 -21.27
CA ARG B 1044 14.06 -48.41 -21.20
C ARG B 1044 13.15 -47.37 -21.87
N ALA B 1045 12.91 -46.25 -21.19
CA ALA B 1045 12.04 -45.18 -21.69
C ALA B 1045 12.47 -43.81 -21.14
N HIS B 1046 11.97 -42.76 -21.79
CA HIS B 1046 12.41 -41.39 -21.56
C HIS B 1046 11.20 -40.46 -21.44
N TYR B 1047 11.23 -39.55 -20.45
CA TYR B 1047 10.21 -38.52 -20.33
C TYR B 1047 10.66 -37.24 -21.00
N ASP B 1048 9.82 -36.71 -21.88
CA ASP B 1048 10.14 -35.51 -22.64
C ASP B 1048 9.75 -34.27 -21.81
N GLY B 1049 10.70 -33.81 -21.01
CA GLY B 1049 10.50 -32.69 -20.10
C GLY B 1049 11.75 -31.88 -19.89
N ILE B 1050 11.58 -30.56 -19.78
CA ILE B 1050 12.67 -29.63 -19.49
C ILE B 1050 12.21 -28.67 -18.37
N PRO B 1051 13.06 -28.45 -17.34
CA PRO B 1051 12.67 -27.52 -16.27
C PRO B 1051 12.58 -26.07 -16.74
N VAL B 1052 11.66 -25.32 -16.14
CA VAL B 1052 11.32 -23.96 -16.57
C VAL B 1052 12.47 -22.97 -16.46
N ASP B 1053 13.33 -23.14 -15.46
CA ASP B 1053 14.47 -22.23 -15.28
C ASP B 1053 15.47 -22.28 -16.44
N PHE B 1054 15.68 -23.48 -17.00
CA PHE B 1054 16.44 -23.61 -18.24
C PHE B 1054 15.64 -23.08 -19.45
N THR B 1055 14.38 -23.50 -19.57
CA THR B 1055 13.55 -23.12 -20.70
C THR B 1055 13.42 -21.60 -20.84
N ALA B 1056 13.19 -20.92 -19.72
CA ALA B 1056 13.06 -19.46 -19.73
C ALA B 1056 14.35 -18.71 -20.13
N GLU B 1057 15.50 -19.23 -19.71
CA GLU B 1057 16.78 -18.63 -20.11
C GLU B 1057 17.05 -18.86 -21.61
N ALA B 1058 16.83 -20.09 -22.07
CA ALA B 1058 17.05 -20.46 -23.48
C ALA B 1058 16.17 -19.64 -24.42
N ILE B 1059 14.88 -19.60 -24.14
CA ILE B 1059 13.91 -18.88 -24.99
C ILE B 1059 14.23 -17.38 -25.06
N THR B 1060 14.64 -16.81 -23.94
CA THR B 1060 14.99 -15.41 -23.88
C THR B 1060 16.27 -15.10 -24.66
N THR B 1061 17.30 -15.93 -24.47
CA THR B 1061 18.59 -15.77 -25.18
C THR B 1061 18.42 -15.94 -26.70
N LEU B 1062 17.81 -17.04 -27.14
CA LEU B 1062 17.60 -17.31 -28.56
C LEU B 1062 16.63 -16.32 -29.20
N GLY B 1063 15.58 -15.95 -28.46
CA GLY B 1063 14.62 -14.95 -28.93
C GLY B 1063 15.24 -13.58 -29.13
N LEU B 1064 16.15 -13.20 -28.24
CA LEU B 1064 16.86 -11.92 -28.36
C LEU B 1064 17.76 -11.89 -29.61
N ALA B 1065 18.32 -13.04 -29.97
CA ALA B 1065 19.11 -13.18 -31.20
C ALA B 1065 18.27 -13.18 -32.50
N GLY B 1066 16.93 -13.23 -32.39
CA GLY B 1066 16.05 -13.34 -33.56
C GLY B 1066 15.57 -12.04 -34.17
N SER B 1067 16.48 -11.11 -34.45
CA SER B 1067 16.12 -9.84 -35.08
C SER B 1067 15.98 -9.93 -36.62
N ASP B 1068 16.21 -11.12 -37.20
CA ASP B 1068 16.10 -11.32 -38.65
C ASP B 1068 15.66 -12.75 -38.98
N GLY B 1069 14.88 -12.92 -40.05
CA GLY B 1069 14.50 -14.25 -40.53
C GLY B 1069 13.40 -14.93 -39.74
N TYR B 1070 13.09 -16.18 -40.11
CA TYR B 1070 12.08 -17.00 -39.46
C TYR B 1070 12.72 -18.33 -39.15
N HIS B 1071 12.71 -18.72 -37.88
CA HIS B 1071 13.23 -20.03 -37.47
C HIS B 1071 12.40 -20.62 -36.34
N SER B 1072 12.37 -21.93 -36.30
CA SER B 1072 11.61 -22.67 -35.33
C SER B 1072 12.55 -23.55 -34.53
N PHE B 1073 12.19 -23.81 -33.26
CA PHE B 1073 12.96 -24.66 -32.36
C PHE B 1073 12.03 -25.66 -31.70
N ASP B 1074 12.48 -26.91 -31.60
CA ASP B 1074 11.77 -27.93 -30.85
C ASP B 1074 12.43 -28.01 -29.49
N VAL B 1075 11.75 -27.48 -28.48
CA VAL B 1075 12.25 -27.41 -27.11
C VAL B 1075 11.85 -28.71 -26.44
N PHE B 1076 12.44 -29.81 -26.90
CA PHE B 1076 12.16 -31.14 -26.38
C PHE B 1076 13.46 -31.67 -25.76
N ASN B 1077 13.31 -32.63 -24.87
CA ASN B 1077 14.43 -33.32 -24.24
C ASN B 1077 14.85 -34.52 -25.09
N PRO B 1078 16.00 -34.42 -25.80
CA PRO B 1078 16.37 -35.47 -26.75
C PRO B 1078 17.28 -36.59 -26.20
N HIS B 1079 17.58 -36.58 -24.91
CA HIS B 1079 18.61 -37.47 -24.36
C HIS B 1079 18.16 -38.91 -24.34
N HIS B 1080 19.01 -39.80 -24.83
CA HIS B 1080 18.80 -41.24 -24.73
C HIS B 1080 19.39 -41.71 -23.39
N ASP B 1081 18.77 -41.24 -22.30
CA ASP B 1081 19.31 -41.43 -20.94
C ASP B 1081 18.49 -42.39 -20.09
N GLY B 1082 17.40 -42.92 -20.63
CA GLY B 1082 16.56 -43.86 -19.88
C GLY B 1082 15.88 -43.29 -18.64
N VAL B 1083 15.75 -41.96 -18.55
CA VAL B 1083 15.09 -41.31 -17.43
C VAL B 1083 13.64 -41.02 -17.80
N GLY B 1084 12.73 -41.83 -17.29
CA GLY B 1084 11.30 -41.69 -17.59
C GLY B 1084 10.44 -41.85 -16.36
N LEU B 1085 9.13 -42.00 -16.58
CA LEU B 1085 8.16 -42.03 -15.49
C LEU B 1085 8.42 -43.10 -14.43
N ASP B 1086 8.96 -44.25 -14.84
CA ASP B 1086 9.25 -45.35 -13.90
C ASP B 1086 10.42 -45.01 -12.98
N GLU B 1087 11.41 -44.29 -13.49
CA GLU B 1087 12.51 -43.81 -12.65
C GLU B 1087 11.99 -42.79 -11.61
N PHE B 1088 11.06 -41.94 -12.04
CA PHE B 1088 10.48 -40.92 -11.15
C PHE B 1088 9.75 -41.56 -9.97
N VAL B 1089 9.05 -42.66 -10.22
CA VAL B 1089 8.35 -43.40 -9.15
C VAL B 1089 9.38 -44.03 -8.21
N ASP B 1090 10.42 -44.65 -8.77
CA ASP B 1090 11.53 -45.22 -7.97
C ASP B 1090 12.14 -44.18 -7.04
N TRP B 1091 12.44 -43.01 -7.60
CA TRP B 1091 13.02 -41.90 -6.84
C TRP B 1091 12.13 -41.40 -5.72
N LEU B 1092 10.81 -41.32 -5.96
CA LEU B 1092 9.87 -40.93 -4.90
C LEU B 1092 9.84 -41.96 -3.79
N VAL B 1093 9.89 -43.24 -4.14
CA VAL B 1093 9.95 -44.33 -3.14
C VAL B 1093 11.26 -44.29 -2.35
N GLU B 1094 12.38 -44.10 -3.04
CA GLU B 1094 13.69 -43.94 -2.37
C GLU B 1094 13.74 -42.71 -1.45
N ALA B 1095 12.99 -41.66 -1.76
CA ALA B 1095 12.90 -40.47 -0.90
C ALA B 1095 11.94 -40.62 0.29
N GLY B 1096 11.25 -41.76 0.38
CA GLY B 1096 10.43 -42.10 1.55
C GLY B 1096 8.92 -42.07 1.35
N HIS B 1097 8.45 -41.81 0.13
CA HIS B 1097 7.02 -41.76 -0.15
C HIS B 1097 6.47 -43.14 -0.47
N PRO B 1098 5.50 -43.63 0.32
CA PRO B 1098 4.95 -44.97 0.10
C PRO B 1098 4.10 -45.06 -1.18
N ILE B 1099 4.68 -45.66 -2.22
CA ILE B 1099 3.99 -45.94 -3.47
C ILE B 1099 4.24 -47.40 -3.81
N SER B 1100 3.20 -48.24 -3.71
CA SER B 1100 3.30 -49.66 -4.09
C SER B 1100 3.07 -49.83 -5.59
N ARG B 1101 3.70 -50.86 -6.14
CA ARG B 1101 3.66 -51.16 -7.57
C ARG B 1101 2.62 -52.24 -7.85
N VAL B 1102 1.66 -51.94 -8.73
CA VAL B 1102 0.67 -52.91 -9.21
C VAL B 1102 1.18 -53.47 -10.53
N ASP B 1103 1.21 -54.79 -10.65
CA ASP B 1103 1.91 -55.44 -11.77
C ASP B 1103 1.20 -55.27 -13.12
N ASP B 1104 -0.11 -55.53 -13.15
CA ASP B 1104 -0.91 -55.38 -14.38
C ASP B 1104 -1.34 -53.92 -14.58
N TYR B 1105 -1.00 -53.35 -15.74
CA TYR B 1105 -1.34 -51.95 -16.04
C TYR B 1105 -2.84 -51.66 -16.03
N ALA B 1106 -3.64 -52.52 -16.67
CA ALA B 1106 -5.10 -52.36 -16.72
C ALA B 1106 -5.76 -52.48 -15.34
N GLU B 1107 -5.19 -53.32 -14.47
CA GLU B 1107 -5.64 -53.41 -13.07
C GLU B 1107 -5.25 -52.15 -12.28
N TRP B 1108 -4.03 -51.65 -12.49
CA TRP B 1108 -3.61 -50.39 -11.87
C TRP B 1108 -4.58 -49.27 -12.27
N LEU B 1109 -4.75 -49.09 -13.59
CA LEU B 1109 -5.59 -48.01 -14.15
C LEU B 1109 -7.01 -47.99 -13.59
N SER B 1110 -7.55 -49.17 -13.37
CA SER B 1110 -8.87 -49.33 -12.75
C SER B 1110 -8.88 -48.90 -11.28
N ARG B 1111 -7.94 -49.42 -10.50
CA ARG B 1111 -7.81 -49.08 -9.07
C ARG B 1111 -7.42 -47.62 -8.83
N PHE B 1112 -6.52 -47.13 -9.69
CA PHE B 1112 -6.09 -45.73 -9.72
C PHE B 1112 -7.29 -44.77 -9.87
N GLU B 1113 -8.16 -45.06 -10.83
CA GLU B 1113 -9.39 -44.28 -11.04
C GLU B 1113 -10.34 -44.32 -9.84
N THR B 1114 -10.50 -45.50 -9.24
CA THR B 1114 -11.37 -45.67 -8.08
C THR B 1114 -10.86 -44.85 -6.89
N SER B 1115 -9.58 -45.01 -6.59
CA SER B 1115 -8.89 -44.25 -5.53
C SER B 1115 -9.04 -42.73 -5.74
N LEU B 1116 -8.84 -42.28 -6.98
CA LEU B 1116 -8.99 -40.85 -7.34
C LEU B 1116 -10.39 -40.31 -7.07
N ARG B 1117 -11.42 -41.09 -7.41
CA ARG B 1117 -12.82 -40.70 -7.15
C ARG B 1117 -13.16 -40.66 -5.66
N GLY B 1118 -12.47 -41.47 -4.85
CA GLY B 1118 -12.61 -41.44 -3.40
C GLY B 1118 -11.88 -40.33 -2.65
N LEU B 1119 -11.04 -39.54 -3.34
CA LEU B 1119 -10.34 -38.42 -2.69
C LEU B 1119 -11.30 -37.27 -2.36
N PRO B 1120 -10.94 -36.43 -1.36
CA PRO B 1120 -11.68 -35.17 -1.12
C PRO B 1120 -11.72 -34.25 -2.36
N GLU B 1121 -12.78 -33.47 -2.50
CA GLU B 1121 -13.04 -32.63 -3.69
C GLU B 1121 -11.87 -31.80 -4.21
N ALA B 1122 -11.19 -31.08 -3.31
CA ALA B 1122 -10.07 -30.22 -3.69
C ALA B 1122 -8.92 -31.02 -4.31
N GLN B 1123 -8.57 -32.13 -3.68
CA GLN B 1123 -7.52 -33.01 -4.18
C GLN B 1123 -7.91 -33.68 -5.50
N ARG B 1124 -9.16 -34.12 -5.60
CA ARG B 1124 -9.68 -34.75 -6.82
C ARG B 1124 -9.65 -33.77 -8.01
N GLN B 1125 -10.02 -32.52 -7.78
CA GLN B 1125 -9.95 -31.48 -8.82
C GLN B 1125 -8.51 -31.16 -9.26
N HIS B 1126 -7.56 -31.28 -8.35
CA HIS B 1126 -6.13 -31.09 -8.65
C HIS B 1126 -5.44 -32.36 -9.20
N SER B 1127 -6.15 -33.49 -9.18
CA SER B 1127 -5.61 -34.78 -9.64
C SER B 1127 -5.61 -34.88 -11.15
N VAL B 1128 -5.14 -36.03 -11.63
CA VAL B 1128 -5.10 -36.35 -13.07
C VAL B 1128 -6.44 -36.90 -13.63
N LEU B 1129 -7.47 -37.00 -12.78
CA LEU B 1129 -8.79 -37.54 -13.19
C LEU B 1129 -9.40 -36.99 -14.49
N PRO B 1130 -9.51 -35.66 -14.65
CA PRO B 1130 -10.06 -35.14 -15.92
C PRO B 1130 -9.20 -35.40 -17.18
N LEU B 1131 -7.94 -35.81 -17.01
CA LEU B 1131 -7.08 -36.21 -18.13
C LEU B 1131 -6.73 -37.71 -18.14
N LEU B 1132 -7.47 -38.54 -17.39
CA LEU B 1132 -7.12 -39.98 -17.24
C LEU B 1132 -7.14 -40.76 -18.56
N HIS B 1133 -8.03 -40.36 -19.48
CA HIS B 1133 -8.09 -40.92 -20.84
C HIS B 1133 -6.79 -40.88 -21.64
N ALA B 1134 -5.86 -39.98 -21.28
CA ALA B 1134 -4.48 -40.02 -21.84
C ALA B 1134 -3.68 -41.28 -21.45
N PHE B 1135 -4.06 -41.92 -20.34
CA PHE B 1135 -3.39 -43.11 -19.81
C PHE B 1135 -4.20 -44.40 -20.05
N ALA B 1136 -5.05 -44.41 -21.09
CA ALA B 1136 -5.88 -45.59 -21.40
C ALA B 1136 -5.01 -46.80 -21.73
N GLN B 1137 -4.00 -46.58 -22.57
CA GLN B 1137 -3.00 -47.59 -22.93
C GLN B 1137 -1.64 -47.23 -22.34
N PRO B 1138 -0.78 -48.24 -22.07
CA PRO B 1138 0.63 -47.95 -21.79
C PRO B 1138 1.26 -47.20 -22.94
N ALA B 1139 2.14 -46.25 -22.63
CA ALA B 1139 2.81 -45.46 -23.64
C ALA B 1139 3.90 -46.28 -24.34
N PRO B 1140 4.26 -45.90 -25.58
CA PRO B 1140 5.35 -46.64 -26.21
C PRO B 1140 6.68 -46.42 -25.46
N ALA B 1141 7.47 -47.49 -25.33
CA ALA B 1141 8.79 -47.42 -24.68
C ALA B 1141 9.81 -46.81 -25.62
N ILE B 1142 9.84 -45.48 -25.65
CA ILE B 1142 10.75 -44.72 -26.50
C ILE B 1142 11.78 -44.03 -25.61
N ASP B 1143 13.05 -44.17 -25.99
CA ASP B 1143 14.15 -43.44 -25.36
C ASP B 1143 14.49 -42.30 -26.29
N GLY B 1144 14.92 -41.17 -25.73
CA GLY B 1144 15.07 -39.93 -26.50
C GLY B 1144 13.74 -39.39 -26.99
N SER B 1145 13.81 -38.47 -27.94
CA SER B 1145 12.63 -37.91 -28.60
C SER B 1145 12.51 -38.49 -30.02
N PRO B 1146 11.28 -38.84 -30.46
CA PRO B 1146 11.10 -39.19 -31.90
C PRO B 1146 11.35 -38.03 -32.88
N PHE B 1147 11.25 -36.79 -32.42
CA PHE B 1147 11.30 -35.61 -33.28
C PHE B 1147 12.67 -34.97 -33.32
N GLN B 1148 12.90 -34.16 -34.34
CA GLN B 1148 14.15 -33.44 -34.50
C GLN B 1148 14.31 -32.37 -33.42
N THR B 1149 15.50 -32.26 -32.83
CA THR B 1149 15.80 -31.27 -31.80
C THR B 1149 17.10 -30.53 -32.04
N LYS B 1150 17.68 -30.67 -33.22
CA LYS B 1150 19.07 -30.32 -33.43
C LYS B 1150 19.29 -28.81 -33.49
N ASN B 1151 18.32 -28.10 -34.07
CA ASN B 1151 18.41 -26.65 -34.13
C ASN B 1151 18.36 -26.04 -32.71
N PHE B 1152 17.50 -26.58 -31.85
CA PHE B 1152 17.41 -26.11 -30.47
C PHE B 1152 18.67 -26.50 -29.69
N GLN B 1153 18.99 -27.79 -29.68
CA GLN B 1153 20.15 -28.30 -28.95
C GLN B 1153 21.45 -27.62 -29.34
N SER B 1154 21.69 -27.47 -30.64
CA SER B 1154 22.93 -26.83 -31.11
C SER B 1154 22.98 -25.34 -30.81
N SER B 1155 21.85 -24.65 -30.92
CA SER B 1155 21.78 -23.21 -30.58
C SER B 1155 21.98 -22.96 -29.07
N VAL B 1156 21.48 -23.89 -28.26
CA VAL B 1156 21.64 -23.85 -26.81
C VAL B 1156 23.10 -24.13 -26.38
N GLN B 1157 23.74 -25.10 -27.04
CA GLN B 1157 25.18 -25.35 -26.84
C GLN B 1157 26.06 -24.19 -27.27
N GLU B 1158 25.76 -23.61 -28.42
CA GLU B 1158 26.53 -22.49 -28.96
C GLU B 1158 26.39 -21.24 -28.09
N ALA B 1159 25.17 -20.96 -27.62
CA ALA B 1159 24.93 -19.83 -26.71
C ALA B 1159 25.41 -20.09 -25.27
N LYS B 1160 25.68 -21.35 -24.94
CA LYS B 1160 26.25 -21.75 -23.64
C LYS B 1160 25.30 -21.38 -22.51
N VAL B 1161 24.12 -21.97 -22.58
CA VAL B 1161 23.00 -21.64 -21.72
C VAL B 1161 23.09 -22.47 -20.44
N GLY B 1162 22.87 -21.81 -19.31
CA GLY B 1162 22.76 -22.48 -18.02
C GLY B 1162 24.08 -23.03 -17.52
N ALA B 1163 23.97 -23.97 -16.59
CA ALA B 1163 25.12 -24.69 -16.04
C ALA B 1163 25.51 -25.89 -16.92
N GLU B 1164 24.60 -26.29 -17.81
CA GLU B 1164 24.78 -27.49 -18.62
C GLU B 1164 25.49 -27.17 -19.94
N HIS B 1165 25.34 -25.95 -20.44
CA HIS B 1165 25.75 -25.58 -21.80
C HIS B 1165 25.14 -26.55 -22.84
N ASP B 1166 23.91 -26.98 -22.53
CA ASP B 1166 23.25 -28.07 -23.24
C ASP B 1166 21.86 -28.22 -22.59
N ILE B 1167 21.01 -29.04 -23.18
CA ILE B 1167 19.71 -29.34 -22.62
C ILE B 1167 19.97 -30.22 -21.38
N PRO B 1168 19.31 -29.92 -20.24
CA PRO B 1168 19.53 -30.71 -19.03
C PRO B 1168 18.95 -32.11 -19.07
N HIS B 1169 19.40 -32.94 -18.14
CA HIS B 1169 18.76 -34.21 -17.84
C HIS B 1169 17.87 -33.97 -16.62
N LEU B 1170 16.77 -34.70 -16.56
CA LEU B 1170 15.89 -34.65 -15.40
C LEU B 1170 16.51 -35.55 -14.33
N ASP B 1171 16.51 -35.09 -13.08
CA ASP B 1171 17.22 -35.74 -11.99
C ASP B 1171 16.38 -35.88 -10.73
N LYS B 1172 16.91 -36.64 -9.79
CA LYS B 1172 16.24 -36.96 -8.54
C LYS B 1172 15.86 -35.71 -7.71
N ALA B 1173 16.75 -34.72 -7.67
CA ALA B 1173 16.48 -33.47 -6.94
C ALA B 1173 15.21 -32.77 -7.44
N LEU B 1174 15.04 -32.71 -8.75
CA LEU B 1174 13.82 -32.13 -9.35
C LEU B 1174 12.54 -32.87 -8.96
N ILE B 1175 12.56 -34.20 -9.03
CA ILE B 1175 11.37 -35.01 -8.75
C ILE B 1175 10.99 -34.96 -7.28
N VAL B 1176 11.98 -35.03 -6.39
CA VAL B 1176 11.72 -34.93 -4.96
C VAL B 1176 11.17 -33.52 -4.62
N LYS B 1177 11.64 -32.50 -5.33
CA LYS B 1177 11.10 -31.15 -5.18
C LYS B 1177 9.60 -31.04 -5.50
N TYR B 1178 9.09 -31.83 -6.46
CA TYR B 1178 7.63 -31.91 -6.70
C TYR B 1178 6.87 -32.26 -5.43
N ALA B 1179 7.32 -33.30 -4.72
CA ALA B 1179 6.68 -33.71 -3.47
C ALA B 1179 6.75 -32.61 -2.40
N GLU B 1180 7.90 -31.96 -2.28
CA GLU B 1180 8.08 -30.85 -1.34
C GLU B 1180 7.22 -29.64 -1.69
N ASP B 1181 7.19 -29.25 -2.97
CA ASP B 1181 6.33 -28.17 -3.47
C ASP B 1181 4.84 -28.44 -3.22
N ILE B 1182 4.41 -29.69 -3.48
CA ILE B 1182 3.03 -30.12 -3.28
C ILE B 1182 2.61 -29.97 -1.80
N LYS B 1183 3.51 -30.34 -0.89
CA LYS B 1183 3.28 -30.17 0.54
C LYS B 1183 3.30 -28.67 0.92
N GLN B 1184 4.26 -27.92 0.39
CA GLN B 1184 4.40 -26.49 0.71
C GLN B 1184 3.16 -25.68 0.31
N LEU B 1185 2.58 -26.02 -0.84
CA LEU B 1185 1.36 -25.38 -1.32
C LEU B 1185 0.05 -25.94 -0.72
N GLY B 1186 0.13 -27.01 0.06
CA GLY B 1186 -1.04 -27.60 0.72
C GLY B 1186 -2.01 -28.35 -0.21
N LEU B 1187 -1.48 -28.98 -1.25
CA LEU B 1187 -2.31 -29.68 -2.26
C LEU B 1187 -2.72 -31.18 -2.01
N ARG C 668 -18.89 8.17 65.84
CA ARG C 668 -17.90 7.77 64.79
C ARG C 668 -17.31 8.97 64.03
N PRO C 669 -16.08 8.84 63.51
CA PRO C 669 -15.48 9.95 62.72
C PRO C 669 -16.24 10.18 61.40
N VAL C 670 -16.42 11.46 61.04
CA VAL C 670 -17.25 11.84 59.88
C VAL C 670 -16.76 11.16 58.59
N ILE C 671 -15.45 11.19 58.36
CA ILE C 671 -14.85 10.56 57.18
C ILE C 671 -15.19 9.07 57.02
N GLU C 672 -15.32 8.35 58.13
CA GLU C 672 -15.67 6.92 58.10
C GLU C 672 -17.07 6.69 57.55
N THR C 673 -18.02 7.49 58.03
CA THR C 673 -19.40 7.44 57.54
C THR C 673 -19.47 7.80 56.06
N VAL C 674 -18.77 8.88 55.69
CA VAL C 674 -18.63 9.30 54.28
C VAL C 674 -18.09 8.16 53.40
N GLN C 675 -17.02 7.51 53.84
CA GLN C 675 -16.45 6.35 53.14
C GLN C 675 -17.40 5.17 53.01
N ARG C 676 -18.03 4.80 54.12
CA ARG C 676 -18.92 3.63 54.15
C ARG C 676 -20.19 3.86 53.31
N ALA C 677 -20.76 5.06 53.42
CA ALA C 677 -21.94 5.42 52.63
C ALA C 677 -21.66 5.37 51.12
N ALA C 678 -20.49 5.85 50.71
CA ALA C 678 -20.06 5.80 49.31
C ALA C 678 -19.90 4.36 48.83
N ALA C 679 -19.21 3.56 49.62
CA ALA C 679 -19.05 2.11 49.35
C ALA C 679 -20.38 1.39 49.15
N ALA C 680 -21.32 1.63 50.06
CA ALA C 680 -22.64 1.00 49.99
C ALA C 680 -23.43 1.45 48.76
N LEU C 681 -23.34 2.75 48.48
CA LEU C 681 -24.05 3.34 47.34
C LEU C 681 -23.54 2.84 45.99
N LEU C 682 -22.23 2.84 45.81
CA LEU C 682 -21.60 2.60 44.50
C LEU C 682 -21.05 1.19 44.29
N GLY C 683 -21.07 0.36 45.32
CA GLY C 683 -20.45 -0.96 45.31
C GLY C 683 -19.06 -0.83 45.85
N VAL C 689 -12.36 2.59 48.81
CA VAL C 689 -12.97 3.88 49.15
C VAL C 689 -12.02 4.70 50.01
N ASP C 690 -10.88 4.98 49.41
CA ASP C 690 -9.84 5.78 50.07
C ASP C 690 -10.36 7.24 50.23
N PRO C 691 -10.01 7.92 51.33
CA PRO C 691 -10.47 9.31 51.52
C PRO C 691 -10.03 10.32 50.45
N GLU C 692 -8.93 10.02 49.76
CA GLU C 692 -8.42 10.86 48.66
C GLU C 692 -9.12 10.61 47.31
N ALA C 693 -9.99 9.60 47.23
CA ALA C 693 -10.77 9.31 46.03
C ALA C 693 -11.84 10.37 45.77
N HIS C 694 -12.13 10.58 44.49
CA HIS C 694 -13.20 11.46 44.06
C HIS C 694 -14.43 10.60 43.81
N PHE C 695 -15.59 11.16 44.14
CA PHE C 695 -16.89 10.46 43.99
C PHE C 695 -17.11 9.95 42.57
N SER C 696 -16.74 10.75 41.57
CA SER C 696 -16.88 10.37 40.15
C SER C 696 -15.96 9.21 39.72
N ASP C 697 -14.78 9.12 40.34
CA ASP C 697 -13.85 8.01 40.07
C ASP C 697 -14.34 6.66 40.60
N LEU C 698 -15.23 6.68 41.59
CA LEU C 698 -15.81 5.46 42.16
C LEU C 698 -17.07 4.95 41.42
N GLY C 699 -17.41 5.55 40.28
CA GLY C 699 -18.63 5.22 39.54
C GLY C 699 -19.79 6.18 39.78
N GLY C 700 -19.52 7.27 40.50
CA GLY C 700 -20.55 8.24 40.87
C GLY C 700 -20.87 9.21 39.74
N ASP C 701 -22.11 9.70 39.73
CA ASP C 701 -22.55 10.76 38.81
C ASP C 701 -23.42 11.74 39.60
N SER C 702 -23.98 12.75 38.91
CA SER C 702 -24.84 13.75 39.55
C SER C 702 -26.14 13.20 40.19
N LEU C 703 -26.63 12.05 39.71
CA LEU C 703 -27.88 11.46 40.22
C LEU C 703 -27.67 10.54 41.42
N SER C 704 -26.65 9.70 41.37
CA SER C 704 -26.22 8.97 42.57
C SER C 704 -25.65 9.95 43.62
N ALA C 705 -25.12 11.09 43.20
CA ALA C 705 -24.73 12.15 44.14
C ALA C 705 -25.92 12.75 44.90
N LEU C 706 -27.08 12.81 44.27
CA LEU C 706 -28.31 13.27 44.93
C LEU C 706 -28.70 12.32 46.06
N THR C 707 -28.69 11.01 45.77
CA THR C 707 -28.94 9.97 46.76
C THR C 707 -27.97 10.09 47.94
N TYR C 708 -26.69 10.26 47.62
CA TYR C 708 -25.61 10.41 48.59
C TYR C 708 -25.82 11.65 49.44
N SER C 709 -26.14 12.77 48.78
CA SER C 709 -26.43 14.05 49.44
C SER C 709 -27.57 13.93 50.47
N ASN C 710 -28.69 13.31 50.07
CA ASN C 710 -29.84 13.14 50.96
C ASN C 710 -29.54 12.20 52.13
N PHE C 711 -28.79 11.15 51.87
CA PHE C 711 -28.36 10.21 52.91
C PHE C 711 -27.54 10.92 53.98
N LEU C 712 -26.51 11.65 53.55
CA LEU C 712 -25.63 12.34 54.49
C LEU C 712 -26.34 13.50 55.19
N HIS C 713 -27.24 14.18 54.48
CA HIS C 713 -28.08 15.24 55.04
C HIS C 713 -28.92 14.74 56.24
N GLU C 714 -29.57 13.59 56.08
CA GLU C 714 -30.39 13.01 57.15
C GLU C 714 -29.55 12.51 58.33
N ILE C 715 -28.38 11.93 58.05
CA ILE C 715 -27.49 11.47 59.11
C ILE C 715 -26.99 12.63 59.98
N PHE C 716 -26.40 13.65 59.34
CA PHE C 716 -25.71 14.73 60.07
C PHE C 716 -26.53 16.00 60.32
N GLN C 717 -27.74 16.07 59.79
CA GLN C 717 -28.63 17.24 59.94
C GLN C 717 -27.98 18.58 59.53
N VAL C 718 -27.21 18.53 58.45
CA VAL C 718 -26.63 19.73 57.80
C VAL C 718 -26.80 19.62 56.29
N GLU C 719 -26.60 20.73 55.59
CA GLU C 719 -26.65 20.74 54.13
C GLU C 719 -25.39 20.08 53.57
N VAL C 720 -25.58 19.11 52.67
CA VAL C 720 -24.46 18.45 51.97
C VAL C 720 -24.78 18.47 50.46
N PRO C 721 -24.59 19.64 49.81
CA PRO C 721 -25.04 19.79 48.41
C PRO C 721 -24.33 18.89 47.42
N VAL C 722 -25.04 18.52 46.36
CA VAL C 722 -24.48 17.74 45.25
C VAL C 722 -23.19 18.39 44.71
N SER C 723 -23.18 19.71 44.63
CA SER C 723 -22.02 20.47 44.13
C SER C 723 -20.72 20.22 44.92
N VAL C 724 -20.83 20.04 46.24
CA VAL C 724 -19.68 19.70 47.09
C VAL C 724 -19.16 18.29 46.76
N ILE C 725 -20.09 17.36 46.52
CA ILE C 725 -19.75 15.98 46.21
C ILE C 725 -19.09 15.83 44.83
N VAL C 726 -19.61 16.51 43.80
CA VAL C 726 -19.16 16.31 42.40
C VAL C 726 -18.09 17.27 41.89
N SER C 727 -17.83 18.37 42.60
CA SER C 727 -16.78 19.32 42.17
C SER C 727 -15.45 18.62 41.94
N ALA C 728 -14.80 18.97 40.83
CA ALA C 728 -13.48 18.42 40.49
C ALA C 728 -12.39 18.78 41.52
N ALA C 729 -12.62 19.84 42.30
CA ALA C 729 -11.72 20.23 43.39
C ALA C 729 -11.80 19.34 44.65
N ASN C 730 -12.84 18.50 44.76
CA ASN C 730 -13.18 17.84 46.02
C ASN C 730 -13.08 16.33 45.97
N ASN C 731 -12.53 15.76 47.03
CA ASN C 731 -12.51 14.31 47.26
C ASN C 731 -13.39 14.03 48.49
N LEU C 732 -13.48 12.77 48.89
CA LEU C 732 -14.31 12.40 50.06
C LEU C 732 -13.87 13.11 51.33
N ARG C 733 -12.57 13.35 51.49
CA ARG C 733 -12.04 14.17 52.59
C ARG C 733 -12.70 15.56 52.60
N SER C 734 -12.82 16.19 51.42
CA SER C 734 -13.49 17.51 51.29
C SER C 734 -14.96 17.48 51.72
N VAL C 735 -15.64 16.38 51.38
CA VAL C 735 -17.03 16.18 51.78
C VAL C 735 -17.15 16.09 53.30
N ALA C 736 -16.26 15.31 53.93
CA ALA C 736 -16.21 15.19 55.40
C ALA C 736 -15.90 16.51 56.06
N ALA C 737 -14.94 17.25 55.50
CA ALA C 737 -14.57 18.59 56.01
C ALA C 737 -15.74 19.56 55.93
N HIS C 738 -16.50 19.49 54.83
CA HIS C 738 -17.70 20.33 54.68
C HIS C 738 -18.72 20.02 55.78
N ILE C 739 -18.93 18.74 56.05
CA ILE C 739 -19.87 18.31 57.10
C ILE C 739 -19.42 18.80 58.48
N GLU C 740 -18.15 18.59 58.82
CA GLU C 740 -17.58 19.05 60.11
C GLU C 740 -17.73 20.55 60.31
N LYS C 741 -17.49 21.32 59.25
CA LYS C 741 -17.61 22.77 59.30
C LYS C 741 -19.05 23.22 59.55
N GLU C 742 -20.00 22.60 58.84
CA GLU C 742 -21.43 22.91 59.02
C GLU C 742 -21.95 22.56 60.42
N ARG C 743 -21.43 21.48 61.00
CA ARG C 743 -21.82 21.08 62.37
C ARG C 743 -21.34 22.00 63.51
N SER C 744 -20.25 22.74 63.30
CA SER C 744 -19.77 23.74 64.28
C SER C 744 -19.97 25.20 63.79
N SER C 745 -21.24 25.62 63.70
CA SER C 745 -21.72 26.93 63.22
C SER C 745 -21.79 26.97 61.70
N ASP C 748 -23.24 30.93 57.18
CA ASP C 748 -23.89 32.24 56.98
C ASP C 748 -23.77 32.80 55.54
N ARG C 749 -23.72 31.88 54.57
CA ARG C 749 -23.93 32.23 53.17
C ARG C 749 -25.44 32.25 52.96
N PRO C 750 -25.93 32.93 51.91
CA PRO C 750 -27.38 32.85 51.63
C PRO C 750 -27.81 31.42 51.30
N THR C 751 -28.99 31.05 51.77
CA THR C 751 -29.56 29.71 51.55
C THR C 751 -30.97 29.84 51.02
N PHE C 752 -31.52 28.72 50.56
CA PHE C 752 -32.93 28.64 50.17
C PHE C 752 -33.85 29.15 51.29
N ALA C 753 -33.57 28.71 52.52
CA ALA C 753 -34.32 29.10 53.71
C ALA C 753 -34.27 30.60 53.99
N SER C 754 -33.05 31.15 54.00
CA SER C 754 -32.87 32.59 54.31
C SER C 754 -33.46 33.53 53.25
N VAL C 755 -33.63 33.05 52.02
CA VAL C 755 -34.14 33.86 50.90
C VAL C 755 -35.63 33.64 50.62
N HIS C 756 -36.07 32.38 50.53
CA HIS C 756 -37.44 32.03 50.16
C HIS C 756 -38.32 31.55 51.33
N GLY C 757 -37.72 31.34 52.49
CA GLY C 757 -38.43 30.76 53.64
C GLY C 757 -38.40 29.25 53.59
N ALA C 758 -38.06 28.63 54.72
CA ALA C 758 -37.91 27.17 54.82
C ALA C 758 -39.21 26.44 54.48
N GLY C 759 -39.08 25.34 53.73
CA GLY C 759 -40.23 24.56 53.31
C GLY C 759 -41.12 25.15 52.23
N ALA C 760 -40.75 26.29 51.65
CA ALA C 760 -41.61 26.98 50.68
C ALA C 760 -41.72 26.16 49.41
N THR C 761 -42.95 25.98 48.92
CA THR C 761 -43.22 25.29 47.66
C THR C 761 -43.51 26.26 46.50
N THR C 762 -43.53 27.56 46.79
CA THR C 762 -43.60 28.61 45.78
C THR C 762 -42.55 29.65 46.09
N ILE C 763 -42.06 30.32 45.05
CA ILE C 763 -41.03 31.36 45.18
C ILE C 763 -41.47 32.59 44.40
N ARG C 764 -41.09 33.76 44.89
CA ARG C 764 -41.49 35.04 44.30
C ARG C 764 -40.28 35.88 43.94
N ALA C 765 -40.40 36.65 42.86
CA ALA C 765 -39.33 37.59 42.47
C ALA C 765 -38.99 38.57 43.58
N SER C 766 -40.01 38.99 44.35
CA SER C 766 -39.82 39.88 45.50
C SER C 766 -38.99 39.28 46.65
N ASP C 767 -38.90 37.95 46.74
CA ASP C 767 -37.95 37.28 47.66
C ASP C 767 -36.48 37.64 47.37
N LEU C 768 -36.15 37.81 46.08
CA LEU C 768 -34.77 37.91 45.61
C LEU C 768 -34.31 39.35 45.57
N LYS C 769 -34.02 39.88 46.75
CA LYS C 769 -33.46 41.22 46.90
C LYS C 769 -31.97 41.14 47.18
N LEU C 770 -31.22 42.14 46.72
CA LEU C 770 -29.76 42.14 46.86
C LEU C 770 -29.26 42.20 48.30
N GLU C 771 -30.07 42.72 49.22
CA GLU C 771 -29.71 42.83 50.64
C GLU C 771 -29.46 41.45 51.26
N LYS C 772 -30.15 40.43 50.75
CA LYS C 772 -30.02 39.05 51.20
C LYS C 772 -28.79 38.31 50.64
N PHE C 773 -28.10 38.90 49.66
CA PHE C 773 -26.91 38.28 49.03
C PHE C 773 -25.62 39.08 49.19
N LEU C 774 -25.71 40.41 49.03
CA LEU C 774 -24.53 41.29 49.11
C LEU C 774 -24.55 42.12 50.39
N ASP C 775 -23.34 42.41 50.88
CA ASP C 775 -23.15 43.26 52.08
C ASP C 775 -23.59 44.70 51.84
N ALA C 776 -23.97 45.37 52.92
CA ALA C 776 -24.52 46.74 52.88
C ALA C 776 -23.53 47.76 52.32
N GLN C 777 -22.23 47.55 52.55
CA GLN C 777 -21.19 48.48 52.12
C GLN C 777 -21.04 48.49 50.58
N THR C 778 -21.06 47.29 49.99
CA THR C 778 -21.06 47.13 48.52
C THR C 778 -22.29 47.79 47.90
N LEU C 779 -23.47 47.54 48.47
CA LEU C 779 -24.72 48.12 47.97
C LEU C 779 -24.80 49.64 48.13
N ALA C 780 -24.28 50.19 49.21
CA ALA C 780 -24.28 51.64 49.43
C ALA C 780 -23.37 52.37 48.45
N ALA C 781 -22.18 51.80 48.20
CA ALA C 781 -21.20 52.40 47.28
C ALA C 781 -21.53 52.19 45.78
N ALA C 782 -22.42 51.26 45.45
CA ALA C 782 -22.62 50.83 44.06
C ALA C 782 -23.17 51.88 43.10
N PRO C 783 -24.22 52.64 43.49
CA PRO C 783 -24.81 53.63 42.56
C PRO C 783 -23.86 54.72 42.07
N SER C 784 -22.85 55.07 42.87
CA SER C 784 -21.89 56.11 42.51
C SER C 784 -20.57 55.58 41.92
N LEU C 785 -20.51 54.30 41.58
CA LEU C 785 -19.29 53.73 41.00
C LEU C 785 -18.97 54.32 39.62
N PRO C 786 -17.66 54.40 39.27
CA PRO C 786 -17.29 54.77 37.90
C PRO C 786 -18.01 53.91 36.84
N ARG C 787 -18.36 54.56 35.73
CA ARG C 787 -19.11 53.90 34.64
C ARG C 787 -18.21 52.90 33.88
N PRO C 788 -18.81 52.01 33.04
CA PRO C 788 -17.98 51.05 32.30
C PRO C 788 -16.89 51.68 31.45
N ALA C 789 -15.76 50.98 31.33
CA ALA C 789 -14.67 51.42 30.45
C ALA C 789 -15.15 51.45 29.00
N SER C 790 -14.75 52.48 28.26
CA SER C 790 -15.14 52.62 26.85
C SER C 790 -14.53 51.53 25.94
N GLU C 791 -13.33 51.04 26.28
CA GLU C 791 -12.66 49.93 25.54
C GLU C 791 -12.56 48.66 26.40
N VAL C 792 -13.08 47.55 25.87
CA VAL C 792 -12.96 46.24 26.51
C VAL C 792 -11.62 45.60 26.15
N ARG C 793 -10.69 45.55 27.11
CA ARG C 793 -9.39 44.89 26.95
C ARG C 793 -9.28 43.58 27.75
N THR C 794 -9.97 43.50 28.90
CA THR C 794 -9.93 42.32 29.75
C THR C 794 -11.36 41.81 30.03
N VAL C 795 -11.58 40.51 29.79
CA VAL C 795 -12.88 39.86 29.99
C VAL C 795 -12.72 38.72 30.98
N LEU C 796 -13.63 38.64 31.95
CA LEU C 796 -13.73 37.51 32.86
C LEU C 796 -14.83 36.62 32.35
N LEU C 797 -14.53 35.34 32.18
CA LEU C 797 -15.48 34.39 31.63
C LEU C 797 -15.65 33.23 32.59
N THR C 798 -16.90 33.00 32.96
CA THR C 798 -17.30 31.89 33.76
C THR C 798 -17.76 30.71 32.86
N GLY C 799 -17.57 29.48 33.32
CA GLY C 799 -18.06 28.30 32.61
C GLY C 799 -17.29 27.93 31.33
N SER C 800 -16.02 28.31 31.25
CA SER C 800 -15.21 28.13 30.03
C SER C 800 -14.96 26.69 29.59
N ASN C 801 -14.95 25.73 30.52
CA ASN C 801 -14.78 24.31 30.12
C ASN C 801 -16.11 23.64 29.80
N GLY C 802 -17.21 24.36 30.00
CA GLY C 802 -18.52 23.93 29.57
C GLY C 802 -18.70 23.97 28.06
N TRP C 803 -19.88 23.57 27.61
CA TRP C 803 -20.16 23.46 26.19
C TRP C 803 -20.14 24.80 25.46
N LEU C 804 -20.97 25.73 25.87
CA LEU C 804 -21.01 27.04 25.22
C LEU C 804 -19.77 27.88 25.59
N GLY C 805 -19.40 27.84 26.86
CA GLY C 805 -18.29 28.66 27.36
C GLY C 805 -16.95 28.50 26.67
N ARG C 806 -16.62 27.29 26.22
CA ARG C 806 -15.36 27.06 25.50
C ARG C 806 -15.28 27.87 24.21
N PHE C 807 -16.42 28.00 23.53
CA PHE C 807 -16.49 28.78 22.29
C PHE C 807 -16.67 30.28 22.52
N LEU C 808 -17.25 30.68 23.65
CA LEU C 808 -17.18 32.08 24.09
C LEU C 808 -15.75 32.47 24.44
N ALA C 809 -14.99 31.58 25.06
CA ALA C 809 -13.58 31.82 25.37
C ALA C 809 -12.76 32.04 24.10
N LEU C 810 -12.98 31.15 23.15
CA LEU C 810 -12.29 31.21 21.86
C LEU C 810 -12.62 32.51 21.12
N ALA C 811 -13.91 32.87 21.10
CA ALA C 811 -14.37 34.09 20.43
C ALA C 811 -13.75 35.36 21.03
N TRP C 812 -13.61 35.39 22.36
CA TRP C 812 -12.97 36.53 23.03
C TRP C 812 -11.46 36.57 22.83
N LEU C 813 -10.82 35.39 22.87
CA LEU C 813 -9.39 35.30 22.58
C LEU C 813 -9.06 35.76 21.16
N GLU C 814 -9.85 35.33 20.17
CA GLU C 814 -9.70 35.79 18.78
C GLU C 814 -9.75 37.31 18.66
N ARG C 815 -10.69 37.96 19.35
CA ARG C 815 -10.81 39.43 19.34
C ARG C 815 -9.69 40.13 20.11
N LEU C 816 -9.38 39.64 21.31
CA LEU C 816 -8.54 40.37 22.26
C LEU C 816 -7.04 40.14 22.12
N VAL C 817 -6.61 38.93 21.75
CA VAL C 817 -5.17 38.64 21.64
C VAL C 817 -4.45 39.58 20.66
N PRO C 818 -4.99 39.78 19.44
CA PRO C 818 -4.39 40.74 18.51
C PRO C 818 -4.37 42.21 18.99
N GLN C 819 -5.23 42.55 19.96
CA GLN C 819 -5.22 43.89 20.57
C GLN C 819 -4.39 43.97 21.87
N GLY C 820 -3.62 42.92 22.20
CA GLY C 820 -2.89 42.86 23.47
C GLY C 820 -3.76 42.68 24.71
N GLY C 821 -5.00 42.24 24.54
CA GLY C 821 -5.94 42.05 25.64
C GLY C 821 -5.83 40.68 26.29
N LYS C 822 -6.72 40.41 27.24
CA LYS C 822 -6.64 39.24 28.10
C LYS C 822 -8.03 38.65 28.37
N VAL C 823 -8.12 37.33 28.37
CA VAL C 823 -9.31 36.63 28.83
C VAL C 823 -8.91 35.89 30.09
N VAL C 824 -9.57 36.21 31.21
CA VAL C 824 -9.35 35.45 32.45
C VAL C 824 -10.56 34.56 32.68
N VAL C 825 -10.30 33.38 33.21
CA VAL C 825 -11.25 32.33 33.27
C VAL C 825 -11.16 31.66 34.65
N ILE C 826 -12.32 31.36 35.25
CA ILE C 826 -12.40 30.68 36.54
C ILE C 826 -12.94 29.28 36.26
N VAL C 827 -12.19 28.26 36.67
CA VAL C 827 -12.52 26.85 36.41
C VAL C 827 -12.38 26.08 37.71
N ARG C 828 -13.29 25.16 37.95
CA ARG C 828 -13.22 24.34 39.15
C ARG C 828 -12.06 23.35 39.04
N GLY C 829 -11.32 23.23 40.13
CA GLY C 829 -10.19 22.31 40.21
C GLY C 829 -9.46 22.51 41.52
N LYS C 830 -8.66 21.53 41.90
CA LYS C 830 -8.00 21.56 43.22
C LYS C 830 -6.95 22.68 43.32
N ASP C 831 -6.31 23.02 42.21
CA ASP C 831 -5.39 24.16 42.12
C ASP C 831 -5.37 24.70 40.68
N ASP C 832 -4.63 25.78 40.44
CA ASP C 832 -4.56 26.41 39.12
C ASP C 832 -4.04 25.50 38.00
N LYS C 833 -3.13 24.60 38.33
CA LYS C 833 -2.58 23.66 37.36
C LYS C 833 -3.66 22.66 36.92
N ALA C 834 -4.37 22.07 37.89
CA ALA C 834 -5.43 21.11 37.60
C ALA C 834 -6.58 21.77 36.82
N ALA C 835 -6.92 22.99 37.19
CA ALA C 835 -7.97 23.76 36.50
C ALA C 835 -7.62 23.98 35.03
N LYS C 836 -6.37 24.40 34.78
CA LYS C 836 -5.89 24.58 33.42
C LYS C 836 -5.94 23.29 32.61
N ALA C 837 -5.57 22.17 33.22
CA ALA C 837 -5.60 20.87 32.55
C ALA C 837 -7.02 20.47 32.11
N ARG C 838 -8.01 20.70 32.99
CA ARG C 838 -9.41 20.44 32.67
C ARG C 838 -9.90 21.26 31.46
N LEU C 839 -9.56 22.55 31.44
CA LEU C 839 -9.91 23.43 30.33
C LEU C 839 -9.22 23.01 29.03
N ASP C 840 -7.91 22.77 29.09
CA ASP C 840 -7.15 22.33 27.91
C ASP C 840 -7.75 21.06 27.30
N SER C 841 -8.17 20.12 28.14
CA SER C 841 -8.66 18.84 27.64
C SER C 841 -9.93 18.93 26.77
N VAL C 842 -10.76 19.96 26.96
CA VAL C 842 -12.02 20.03 26.17
C VAL C 842 -11.79 20.42 24.71
N PHE C 843 -10.63 21.01 24.41
CA PHE C 843 -10.23 21.31 23.04
C PHE C 843 -9.49 20.17 22.33
N GLU C 844 -9.29 19.05 23.03
CA GLU C 844 -8.72 17.82 22.45
C GLU C 844 -9.87 16.87 22.16
N SER C 845 -10.31 16.84 20.91
CA SER C 845 -11.45 16.00 20.50
C SER C 845 -11.23 15.30 19.15
N GLY C 846 -9.97 15.13 18.76
CA GLY C 846 -9.60 14.57 17.44
C GLY C 846 -9.59 15.58 16.29
N ASP C 847 -9.55 16.88 16.60
CA ASP C 847 -9.54 17.93 15.59
C ASP C 847 -8.23 18.73 15.71
N PRO C 848 -7.25 18.43 14.84
CA PRO C 848 -5.95 19.13 14.91
C PRO C 848 -6.05 20.66 14.79
N ALA C 849 -6.88 21.15 13.87
CA ALA C 849 -7.05 22.59 13.67
C ALA C 849 -7.59 23.31 14.91
N LEU C 850 -8.54 22.67 15.62
CA LEU C 850 -9.06 23.23 16.85
C LEU C 850 -7.96 23.37 17.89
N LEU C 851 -7.21 22.29 18.09
CA LEU C 851 -6.16 22.25 19.09
C LEU C 851 -5.07 23.29 18.81
N ALA C 852 -4.63 23.36 17.55
CA ALA C 852 -3.59 24.34 17.15
C ALA C 852 -4.05 25.78 17.38
N HIS C 853 -5.29 26.06 16.98
CA HIS C 853 -5.92 27.37 17.17
C HIS C 853 -6.03 27.76 18.65
N TYR C 854 -6.50 26.82 19.48
CA TYR C 854 -6.58 27.07 20.93
C TYR C 854 -5.22 27.34 21.56
N GLU C 855 -4.24 26.48 21.30
CA GLU C 855 -2.91 26.61 21.89
C GLU C 855 -2.21 27.91 21.49
N ASP C 856 -2.36 28.28 20.22
CA ASP C 856 -1.87 29.57 19.71
C ASP C 856 -2.41 30.75 20.54
N LEU C 857 -3.74 30.82 20.69
CA LEU C 857 -4.37 31.93 21.40
C LEU C 857 -4.23 31.86 22.93
N ALA C 858 -4.34 30.66 23.50
CA ALA C 858 -4.31 30.48 24.96
C ALA C 858 -2.99 30.89 25.59
N ASP C 859 -1.87 30.51 24.96
CA ASP C 859 -0.54 30.89 25.47
C ASP C 859 -0.31 32.41 25.46
N LYS C 860 -0.95 33.12 24.53
CA LYS C 860 -0.81 34.57 24.43
C LYS C 860 -1.76 35.39 25.30
N GLY C 861 -2.98 34.91 25.53
CA GLY C 861 -4.03 35.73 26.17
C GLY C 861 -4.90 35.13 27.26
N LEU C 862 -4.72 33.86 27.60
CA LEU C 862 -5.59 33.18 28.54
C LEU C 862 -4.94 33.08 29.91
N GLU C 863 -5.66 33.48 30.94
CA GLU C 863 -5.27 33.28 32.33
C GLU C 863 -6.30 32.35 33.01
N VAL C 864 -5.85 31.22 33.53
CA VAL C 864 -6.74 30.27 34.20
C VAL C 864 -6.54 30.31 35.70
N LEU C 865 -7.62 30.55 36.43
CA LEU C 865 -7.62 30.52 37.89
C LEU C 865 -8.56 29.44 38.36
N ALA C 866 -8.08 28.62 39.30
CA ALA C 866 -8.95 27.70 40.03
C ALA C 866 -9.88 28.52 40.92
N GLY C 867 -11.16 28.17 40.92
CA GLY C 867 -12.13 28.87 41.74
C GLY C 867 -13.49 28.20 41.74
N ASP C 868 -14.47 28.93 42.27
CA ASP C 868 -15.82 28.41 42.44
C ASP C 868 -16.75 29.59 42.71
N PHE C 869 -17.62 29.90 41.75
CA PHE C 869 -18.42 31.12 41.87
C PHE C 869 -19.54 31.05 42.91
N SER C 870 -19.82 29.87 43.45
CA SER C 870 -20.74 29.74 44.58
C SER C 870 -20.12 30.14 45.94
N ASP C 871 -18.79 30.26 46.02
CA ASP C 871 -18.08 30.66 47.26
C ASP C 871 -17.76 32.14 47.29
N ALA C 872 -17.45 32.63 48.50
CA ALA C 872 -17.02 34.02 48.69
C ALA C 872 -15.78 34.32 47.87
N ASP C 873 -15.72 35.54 47.33
CA ASP C 873 -14.64 35.99 46.44
C ASP C 873 -14.41 35.06 45.22
N LEU C 874 -15.49 34.44 44.74
CA LEU C 874 -15.45 33.46 43.65
C LEU C 874 -14.47 32.29 43.89
N GLY C 875 -14.25 31.91 45.15
CA GLY C 875 -13.29 30.87 45.51
C GLY C 875 -11.84 31.17 45.21
N LEU C 876 -11.51 32.45 45.02
CA LEU C 876 -10.16 32.87 44.64
C LEU C 876 -9.35 33.31 45.86
N ARG C 877 -8.05 33.47 45.65
CA ARG C 877 -7.19 34.18 46.59
C ARG C 877 -7.64 35.63 46.62
N LYS C 878 -7.58 36.24 47.80
CA LYS C 878 -8.04 37.61 47.97
C LYS C 878 -7.34 38.58 47.01
N ALA C 879 -6.03 38.43 46.83
CA ALA C 879 -5.25 39.29 45.93
C ALA C 879 -5.74 39.21 44.47
N ASP C 880 -6.09 38.01 44.02
CA ASP C 880 -6.64 37.83 42.67
C ASP C 880 -8.01 38.47 42.51
N TRP C 881 -8.90 38.24 43.47
CA TRP C 881 -10.22 38.87 43.44
C TRP C 881 -10.12 40.41 43.39
N ASP C 882 -9.24 41.00 44.22
CA ASP C 882 -9.04 42.46 44.20
C ASP C 882 -8.49 42.95 42.87
N ARG C 883 -7.56 42.20 42.31
CA ARG C 883 -7.00 42.53 41.00
C ARG C 883 -8.08 42.51 39.90
N LEU C 884 -8.92 41.46 39.90
CA LEU C 884 -10.01 41.36 38.93
C LEU C 884 -11.05 42.46 39.08
N ALA C 885 -11.32 42.86 40.32
CA ALA C 885 -12.22 44.01 40.60
C ALA C 885 -11.73 45.31 39.94
N ASP C 886 -10.40 45.44 39.81
CA ASP C 886 -9.77 46.59 39.15
C ASP C 886 -9.60 46.42 37.63
N GLU C 887 -9.13 45.25 37.17
CA GLU C 887 -8.73 45.03 35.77
C GLU C 887 -9.85 44.64 34.80
N VAL C 888 -10.85 43.91 35.28
CA VAL C 888 -11.88 43.34 34.39
C VAL C 888 -12.82 44.43 33.88
N ASP C 889 -13.00 44.48 32.56
CA ASP C 889 -13.88 45.44 31.90
C ASP C 889 -15.29 44.89 31.65
N LEU C 890 -15.38 43.59 31.44
CA LEU C 890 -16.65 42.95 31.09
C LEU C 890 -16.67 41.51 31.60
N ILE C 891 -17.83 41.07 32.09
CA ILE C 891 -18.00 39.73 32.64
C ILE C 891 -18.99 38.93 31.81
N VAL C 892 -18.59 37.72 31.40
CA VAL C 892 -19.48 36.80 30.69
C VAL C 892 -19.77 35.65 31.63
N HIS C 893 -21.01 35.59 32.13
CA HIS C 893 -21.40 34.59 33.11
C HIS C 893 -22.17 33.47 32.44
N SER C 894 -21.42 32.51 31.87
CA SER C 894 -21.99 31.33 31.22
C SER C 894 -22.07 30.09 32.13
N GLY C 895 -21.49 30.16 33.31
CA GLY C 895 -21.34 28.97 34.16
C GLY C 895 -22.57 28.75 34.99
N ALA C 896 -22.95 27.49 35.13
CA ALA C 896 -24.11 27.09 35.91
C ALA C 896 -24.11 25.59 36.04
N LEU C 897 -24.85 25.08 37.02
CA LEU C 897 -25.13 23.66 37.11
C LEU C 897 -26.37 23.41 36.26
N VAL C 898 -26.14 22.84 35.08
CA VAL C 898 -27.18 22.60 34.09
C VAL C 898 -27.63 21.16 34.24
N ASN C 899 -28.77 20.98 34.89
CA ASN C 899 -29.26 19.65 35.22
C ASN C 899 -30.78 19.66 35.25
N HIS C 900 -31.39 18.77 34.47
CA HIS C 900 -32.83 18.73 34.25
C HIS C 900 -33.62 17.91 35.30
N VAL C 901 -32.91 17.23 36.19
CA VAL C 901 -33.51 16.36 37.21
C VAL C 901 -33.41 16.94 38.64
N LEU C 902 -32.31 17.60 38.97
CA LEU C 902 -32.08 18.08 40.33
C LEU C 902 -33.10 19.15 40.75
N PRO C 903 -33.49 19.15 42.04
CA PRO C 903 -34.42 20.17 42.52
C PRO C 903 -33.78 21.53 42.72
N TYR C 904 -34.62 22.56 42.80
CA TYR C 904 -34.19 23.95 42.98
C TYR C 904 -33.21 24.15 44.15
N SER C 905 -33.43 23.46 45.26
CA SER C 905 -32.58 23.61 46.45
C SER C 905 -31.11 23.23 46.17
N GLN C 906 -30.91 22.19 45.36
CA GLN C 906 -29.58 21.77 44.92
C GLN C 906 -28.93 22.69 43.89
N LEU C 907 -29.73 23.43 43.12
CA LEU C 907 -29.20 24.37 42.12
C LEU C 907 -29.09 25.79 42.63
N PHE C 908 -29.65 26.06 43.82
CA PHE C 908 -29.66 27.39 44.41
C PHE C 908 -28.23 27.95 44.60
N GLY C 909 -27.34 27.14 45.17
CA GLY C 909 -25.95 27.53 45.39
C GLY C 909 -25.23 27.95 44.11
N PRO C 910 -25.09 27.03 43.15
CA PRO C 910 -24.37 27.40 41.92
C PRO C 910 -25.05 28.46 41.04
N ASN C 911 -26.36 28.41 40.89
CA ASN C 911 -27.02 29.24 39.89
C ASN C 911 -27.58 30.57 40.40
N VAL C 912 -27.95 30.63 41.69
CA VAL C 912 -28.51 31.85 42.27
C VAL C 912 -27.44 32.59 43.07
N VAL C 913 -26.88 31.94 44.10
CA VAL C 913 -25.79 32.54 44.88
C VAL C 913 -24.61 32.85 43.96
N GLY C 914 -24.31 31.93 43.05
CA GLY C 914 -23.26 32.12 42.07
C GLY C 914 -23.40 33.37 41.21
N THR C 915 -24.62 33.63 40.76
CA THR C 915 -24.91 34.84 39.98
C THR C 915 -24.74 36.11 40.84
N ALA C 916 -25.17 36.04 42.10
CA ALA C 916 -24.95 37.13 43.05
C ALA C 916 -23.46 37.42 43.30
N GLU C 917 -22.65 36.38 43.42
CA GLU C 917 -21.18 36.56 43.54
C GLU C 917 -20.57 37.24 42.33
N VAL C 918 -21.03 36.85 41.14
CA VAL C 918 -20.58 37.48 39.89
C VAL C 918 -21.01 38.96 39.88
N ALA C 919 -22.26 39.22 40.25
CA ALA C 919 -22.75 40.59 40.37
C ALA C 919 -21.92 41.44 41.35
N LYS C 920 -21.52 40.85 42.48
CA LYS C 920 -20.68 41.55 43.45
C LYS C 920 -19.40 42.10 42.84
N LEU C 921 -18.71 41.25 42.06
CA LEU C 921 -17.50 41.68 41.34
C LEU C 921 -17.81 42.80 40.34
N ALA C 922 -18.93 42.67 39.63
CA ALA C 922 -19.40 43.70 38.70
C ALA C 922 -19.77 45.03 39.39
N LEU C 923 -20.13 44.98 40.68
CA LEU C 923 -20.47 46.14 41.49
C LEU C 923 -19.37 46.54 42.51
N THR C 924 -18.11 46.21 42.23
CA THR C 924 -16.99 46.59 43.11
C THR C 924 -15.94 47.35 42.31
N LYS C 925 -15.46 48.46 42.88
CA LYS C 925 -14.38 49.31 42.31
C LYS C 925 -14.82 50.11 41.07
N ARG C 926 -15.31 49.43 40.04
CA ARG C 926 -15.99 50.09 38.91
C ARG C 926 -16.99 49.15 38.25
N LEU C 927 -17.96 49.73 37.54
CA LEU C 927 -19.01 48.93 36.91
C LEU C 927 -18.46 48.12 35.73
N LYS C 928 -18.92 46.88 35.65
CA LYS C 928 -18.50 45.93 34.62
C LYS C 928 -19.76 45.34 34.01
N PRO C 929 -20.05 45.65 32.73
CA PRO C 929 -21.23 45.05 32.09
C PRO C 929 -21.22 43.52 32.15
N VAL C 930 -22.40 42.94 32.31
CA VAL C 930 -22.55 41.50 32.49
C VAL C 930 -23.37 40.89 31.34
N THR C 931 -22.77 39.91 30.67
CA THR C 931 -23.52 39.00 29.80
C THR C 931 -23.94 37.84 30.70
N TYR C 932 -25.24 37.54 30.73
CA TYR C 932 -25.78 36.44 31.51
C TYR C 932 -26.46 35.42 30.62
N LEU C 933 -26.09 34.15 30.75
CA LEU C 933 -26.75 33.08 30.02
C LEU C 933 -27.94 32.59 30.82
N SER C 934 -29.09 32.49 30.14
CA SER C 934 -30.32 31.97 30.72
C SER C 934 -30.86 30.91 29.78
N THR C 935 -32.16 30.67 29.79
CA THR C 935 -32.71 29.47 29.16
C THR C 935 -34.19 29.65 28.83
N VAL C 936 -34.63 28.98 27.77
CA VAL C 936 -36.05 28.88 27.40
C VAL C 936 -36.92 28.32 28.54
N ALA C 937 -36.31 27.51 29.42
CA ALA C 937 -36.98 26.96 30.61
C ALA C 937 -37.55 28.01 31.61
N VAL C 938 -37.11 29.27 31.55
CA VAL C 938 -37.72 30.33 32.37
C VAL C 938 -39.12 30.69 31.85
N ALA C 939 -39.42 30.39 30.58
CA ALA C 939 -40.75 30.59 30.04
C ALA C 939 -41.78 29.54 30.49
N VAL C 940 -41.33 28.42 31.08
CA VAL C 940 -42.26 27.42 31.62
C VAL C 940 -43.11 28.04 32.74
N GLY C 941 -44.41 27.77 32.71
CA GLY C 941 -45.39 28.37 33.62
C GLY C 941 -45.90 29.74 33.22
N VAL C 942 -45.41 30.28 32.09
CA VAL C 942 -45.83 31.58 31.55
C VAL C 942 -46.52 31.35 30.21
N GLU C 943 -47.54 32.16 29.91
CA GLU C 943 -48.29 32.07 28.65
C GLU C 943 -47.39 32.66 27.55
N PRO C 944 -47.16 31.89 26.46
CA PRO C 944 -46.31 32.39 25.36
C PRO C 944 -46.58 33.85 24.97
N SER C 945 -47.85 34.25 24.83
CA SER C 945 -48.19 35.65 24.53
C SER C 945 -47.82 36.65 25.63
N ALA C 946 -47.75 36.18 26.88
CA ALA C 946 -47.30 37.01 28.02
C ALA C 946 -45.78 36.99 28.22
N PHE C 947 -45.07 36.02 27.65
CA PHE C 947 -43.61 35.97 27.80
C PHE C 947 -42.92 37.05 26.97
N GLU C 948 -42.76 38.21 27.57
CA GLU C 948 -42.19 39.36 26.91
C GLU C 948 -40.67 39.19 26.85
N GLU C 949 -40.14 38.98 25.65
CA GLU C 949 -38.71 38.76 25.41
C GLU C 949 -37.84 39.81 26.10
N ASP C 950 -38.09 41.08 25.81
CA ASP C 950 -37.33 42.19 26.39
C ASP C 950 -38.11 42.95 27.48
N GLY C 951 -38.99 42.26 28.20
CA GLY C 951 -39.71 42.85 29.33
C GLY C 951 -38.92 42.78 30.63
N ASP C 952 -39.59 43.18 31.71
CA ASP C 952 -39.08 42.97 33.06
C ASP C 952 -39.50 41.57 33.51
N ILE C 953 -38.51 40.72 33.76
CA ILE C 953 -38.77 39.33 34.19
C ILE C 953 -39.53 39.24 35.54
N ARG C 954 -39.36 40.26 36.39
CA ARG C 954 -40.08 40.32 37.66
C ARG C 954 -41.60 40.47 37.49
N ASP C 955 -42.03 41.19 36.44
CA ASP C 955 -43.45 41.29 36.06
C ASP C 955 -43.91 40.06 35.25
N VAL C 956 -43.11 39.67 34.27
CA VAL C 956 -43.44 38.52 33.39
C VAL C 956 -43.64 37.24 34.20
N SER C 957 -42.77 37.01 35.18
CA SER C 957 -42.83 35.82 36.03
C SER C 957 -42.55 36.22 37.49
N ALA C 958 -43.59 36.74 38.14
CA ALA C 958 -43.51 37.22 39.53
C ALA C 958 -43.54 36.09 40.55
N VAL C 959 -44.26 35.02 40.24
CA VAL C 959 -44.42 33.88 41.14
C VAL C 959 -44.22 32.60 40.34
N ARG C 960 -43.50 31.63 40.92
CA ARG C 960 -43.27 30.32 40.30
C ARG C 960 -43.40 29.26 41.37
N SER C 961 -43.75 28.05 40.95
CA SER C 961 -43.89 26.94 41.87
C SER C 961 -42.69 25.99 41.79
N ILE C 962 -42.40 25.33 42.91
CA ILE C 962 -41.45 24.25 42.99
C ILE C 962 -42.26 22.96 42.95
N ASP C 963 -41.91 22.08 42.00
CA ASP C 963 -42.64 20.82 41.80
C ASP C 963 -41.77 19.81 41.06
N GLU C 964 -42.36 18.67 40.70
CA GLU C 964 -41.65 17.55 40.08
C GLU C 964 -41.64 17.57 38.54
N GLY C 965 -42.07 18.67 37.93
CA GLY C 965 -42.04 18.80 36.47
C GLY C 965 -40.64 18.85 35.88
N TYR C 966 -40.53 18.47 34.61
CA TYR C 966 -39.25 18.36 33.91
C TYR C 966 -38.50 19.69 33.94
N ALA C 967 -37.26 19.65 34.43
CA ALA C 967 -36.38 20.82 34.52
C ALA C 967 -36.93 22.00 35.36
N ASN C 968 -37.82 21.70 36.30
CA ASN C 968 -38.43 22.73 37.15
C ASN C 968 -37.39 23.49 37.95
N GLY C 969 -36.54 22.75 38.65
CA GLY C 969 -35.47 23.33 39.45
C GLY C 969 -34.54 24.19 38.61
N TYR C 970 -34.14 23.66 37.45
CA TYR C 970 -33.23 24.36 36.55
C TYR C 970 -33.84 25.66 36.05
N GLY C 971 -35.07 25.59 35.54
CA GLY C 971 -35.79 26.80 35.10
C GLY C 971 -35.90 27.85 36.19
N ASN C 972 -36.31 27.42 37.38
CA ASN C 972 -36.38 28.31 38.54
C ASN C 972 -35.04 28.95 38.89
N SER C 973 -33.98 28.15 38.91
CA SER C 973 -32.64 28.67 39.26
C SER C 973 -32.13 29.74 38.30
N LYS C 974 -32.39 29.57 37.01
CA LYS C 974 -31.95 30.54 35.99
C LYS C 974 -32.79 31.82 35.99
N TRP C 975 -34.09 31.66 36.20
CA TRP C 975 -35.01 32.77 36.47
C TRP C 975 -34.52 33.61 37.64
N ALA C 976 -34.16 32.95 38.74
CA ALA C 976 -33.70 33.64 39.96
C ALA C 976 -32.49 34.52 39.70
N GLY C 977 -31.54 34.02 38.91
CA GLY C 977 -30.38 34.79 38.48
C GLY C 977 -30.73 36.01 37.64
N GLU C 978 -31.71 35.87 36.75
CA GLU C 978 -32.20 37.01 35.99
C GLU C 978 -32.76 38.10 36.90
N VAL C 979 -33.59 37.69 37.85
CA VAL C 979 -34.21 38.63 38.80
C VAL C 979 -33.13 39.43 39.54
N LEU C 980 -32.13 38.73 40.07
CA LEU C 980 -31.04 39.39 40.80
C LEU C 980 -30.28 40.41 39.95
N LEU C 981 -30.02 40.07 38.69
CA LEU C 981 -29.32 40.99 37.79
C LEU C 981 -30.20 42.17 37.43
N ARG C 982 -31.51 41.95 37.27
CA ARG C 982 -32.45 43.06 37.08
C ARG C 982 -32.47 44.00 38.31
N GLU C 983 -32.46 43.42 39.51
CA GLU C 983 -32.31 44.20 40.74
C GLU C 983 -31.02 45.02 40.75
N ALA C 984 -29.92 44.42 40.31
CA ALA C 984 -28.62 45.11 40.24
C ALA C 984 -28.65 46.29 39.26
N TYR C 985 -29.34 46.12 38.14
CA TYR C 985 -29.50 47.23 37.18
C TYR C 985 -30.31 48.37 37.79
N GLU C 986 -31.43 48.04 38.44
CA GLU C 986 -32.31 49.07 39.01
C GLU C 986 -31.65 49.82 40.18
N HIS C 987 -30.84 49.11 40.97
CA HIS C 987 -30.15 49.73 42.10
C HIS C 987 -28.92 50.55 41.69
N ALA C 988 -28.09 50.03 40.78
CA ALA C 988 -26.80 50.65 40.45
C ALA C 988 -26.59 51.06 38.98
N GLY C 989 -27.57 50.78 38.12
CA GLY C 989 -27.39 51.00 36.68
C GLY C 989 -26.38 50.07 36.04
N LEU C 990 -26.20 48.87 36.61
CA LEU C 990 -25.32 47.84 36.05
C LEU C 990 -25.82 47.40 34.67
N PRO C 991 -25.00 47.61 33.61
CA PRO C 991 -25.45 47.15 32.28
C PRO C 991 -25.48 45.62 32.18
N VAL C 992 -26.58 45.08 31.67
CA VAL C 992 -26.76 43.64 31.57
C VAL C 992 -27.35 43.29 30.21
N ARG C 993 -26.92 42.15 29.67
CA ARG C 993 -27.57 41.52 28.52
C ARG C 993 -27.81 40.05 28.85
N VAL C 994 -29.08 39.66 28.87
CA VAL C 994 -29.44 38.25 29.08
C VAL C 994 -29.74 37.57 27.75
N PHE C 995 -29.20 36.35 27.61
CA PHE C 995 -29.40 35.52 26.43
C PHE C 995 -30.00 34.21 26.86
N ARG C 996 -31.27 34.01 26.54
CA ARG C 996 -31.99 32.82 26.89
C ARG C 996 -31.81 31.80 25.77
N SER C 997 -31.09 30.72 26.03
CA SER C 997 -30.78 29.75 25.00
C SER C 997 -31.85 28.68 24.87
N ASP C 998 -31.99 28.20 23.64
CA ASP C 998 -32.68 26.94 23.34
C ASP C 998 -31.62 25.83 23.42
N MET C 999 -31.80 24.72 22.70
CA MET C 999 -30.75 23.69 22.62
C MET C 999 -29.60 24.18 21.72
N ILE C 1000 -28.40 24.35 22.30
CA ILE C 1000 -27.22 24.79 21.56
C ILE C 1000 -26.53 23.58 20.94
N LEU C 1001 -26.70 23.40 19.62
CA LEU C 1001 -26.26 22.18 18.93
C LEU C 1001 -24.78 22.23 18.52
N ALA C 1002 -24.31 21.13 17.94
CA ALA C 1002 -22.90 20.91 17.60
C ALA C 1002 -22.25 22.02 16.79
N HIS C 1003 -20.93 22.13 16.93
CA HIS C 1003 -20.14 23.05 16.13
C HIS C 1003 -20.13 22.52 14.68
N ARG C 1004 -20.28 23.42 13.71
CA ARG C 1004 -20.44 23.00 12.30
C ARG C 1004 -19.11 22.74 11.59
N LYS C 1005 -18.04 23.33 12.10
CA LYS C 1005 -16.66 23.06 11.68
C LYS C 1005 -15.91 22.00 12.53
N TYR C 1006 -15.68 22.30 13.80
CA TYR C 1006 -14.80 21.50 14.66
C TYR C 1006 -15.35 20.13 14.99
N THR C 1007 -14.58 19.09 14.66
CA THR C 1007 -15.01 17.71 14.79
C THR C 1007 -14.82 17.21 16.22
N GLY C 1008 -15.66 16.28 16.60
CA GLY C 1008 -15.77 15.82 17.98
C GLY C 1008 -16.30 16.84 18.98
N GLN C 1009 -16.86 17.96 18.49
CA GLN C 1009 -17.39 19.01 19.36
C GLN C 1009 -18.92 19.02 19.27
N LEU C 1010 -19.52 18.41 20.28
CA LEU C 1010 -20.95 18.43 20.52
C LEU C 1010 -21.15 18.37 22.02
N ASN C 1011 -22.30 18.85 22.50
CA ASN C 1011 -22.61 18.81 23.93
C ASN C 1011 -23.04 17.39 24.28
N VAL C 1012 -22.09 16.59 24.73
CA VAL C 1012 -22.30 15.15 24.95
C VAL C 1012 -23.46 14.84 25.92
N PRO C 1013 -23.50 15.51 27.09
CA PRO C 1013 -24.59 15.20 28.03
C PRO C 1013 -25.97 15.83 27.74
N ASP C 1014 -26.11 16.69 26.71
CA ASP C 1014 -27.43 17.32 26.48
C ASP C 1014 -28.48 16.35 25.97
N GLN C 1015 -29.73 16.76 26.10
CA GLN C 1015 -30.88 15.92 25.75
C GLN C 1015 -30.90 15.50 24.28
N PHE C 1016 -30.54 16.42 23.38
CA PHE C 1016 -30.51 16.15 21.94
C PHE C 1016 -29.45 15.10 21.56
N THR C 1017 -28.21 15.32 21.97
CA THR C 1017 -27.12 14.35 21.73
C THR C 1017 -27.50 12.97 22.27
N ARG C 1018 -28.01 12.95 23.50
CA ARG C 1018 -28.47 11.70 24.12
C ARG C 1018 -29.52 11.01 23.24
N LEU C 1019 -30.47 11.78 22.72
CA LEU C 1019 -31.49 11.24 21.83
C LEU C 1019 -30.91 10.66 20.54
N ILE C 1020 -30.05 11.43 19.87
CA ILE C 1020 -29.46 10.99 18.59
C ILE C 1020 -28.65 9.71 18.79
N LEU C 1021 -27.81 9.70 19.83
CA LEU C 1021 -27.02 8.52 20.21
C LEU C 1021 -27.92 7.31 20.46
N SER C 1022 -29.02 7.54 21.16
CA SER C 1022 -29.98 6.48 21.50
C SER C 1022 -30.68 5.91 20.26
N LEU C 1023 -31.06 6.79 19.33
CA LEU C 1023 -31.67 6.36 18.07
C LEU C 1023 -30.73 5.53 17.22
N LEU C 1024 -29.46 5.95 17.15
CA LEU C 1024 -28.43 5.19 16.44
C LEU C 1024 -28.16 3.86 17.10
N ALA C 1025 -28.08 3.86 18.43
CA ALA C 1025 -27.76 2.65 19.20
C ALA C 1025 -28.88 1.61 19.19
N THR C 1026 -30.12 2.05 19.40
CA THR C 1026 -31.28 1.16 19.42
C THR C 1026 -31.80 0.79 18.01
N GLY C 1027 -31.57 1.66 17.03
CA GLY C 1027 -32.04 1.43 15.67
C GLY C 1027 -33.54 1.55 15.46
N ILE C 1028 -34.25 2.20 16.39
CA ILE C 1028 -35.71 2.37 16.27
C ILE C 1028 -36.17 3.77 16.66
N ALA C 1029 -37.06 4.31 15.85
CA ALA C 1029 -37.62 5.65 16.03
C ALA C 1029 -39.12 5.58 15.83
N PRO C 1030 -39.87 6.54 16.39
CA PRO C 1030 -41.29 6.55 16.10
C PRO C 1030 -41.55 7.11 14.70
N LYS C 1031 -42.74 6.82 14.16
CA LYS C 1031 -43.20 7.43 12.91
C LYS C 1031 -43.18 8.95 13.02
N SER C 1032 -43.61 9.45 14.17
CA SER C 1032 -43.43 10.85 14.52
C SER C 1032 -43.14 11.02 16.01
N PHE C 1033 -42.29 11.98 16.32
CA PHE C 1033 -42.09 12.43 17.70
C PHE C 1033 -43.19 13.38 18.14
N TYR C 1034 -43.95 13.91 17.17
CA TYR C 1034 -45.00 14.89 17.43
C TYR C 1034 -46.39 14.27 17.29
N GLN C 1035 -47.42 15.03 17.70
CA GLN C 1035 -48.81 14.59 17.63
C GLN C 1035 -49.21 14.37 16.18
N LEU C 1036 -49.80 13.21 15.91
CA LEU C 1036 -50.36 12.91 14.60
C LEU C 1036 -51.62 13.75 14.36
N ASP C 1037 -51.99 13.94 13.09
CA ASP C 1037 -53.27 14.60 12.75
C ASP C 1037 -54.42 13.62 12.93
N ALA C 1038 -55.65 14.10 12.75
CA ALA C 1038 -56.88 13.27 12.91
C ALA C 1038 -56.81 11.89 12.23
N THR C 1039 -56.29 11.84 11.01
CA THR C 1039 -56.22 10.58 10.22
C THR C 1039 -55.02 9.67 10.54
N GLY C 1040 -54.16 10.07 11.50
CA GLY C 1040 -52.98 9.30 11.90
C GLY C 1040 -51.70 9.62 11.14
N GLY C 1041 -51.65 10.80 10.51
CA GLY C 1041 -50.55 11.21 9.65
C GLY C 1041 -49.60 12.21 10.29
N ARG C 1042 -48.35 12.13 9.87
CA ARG C 1042 -47.28 13.02 10.34
C ARG C 1042 -47.56 14.49 10.03
N GLN C 1043 -47.33 15.37 11.01
CA GLN C 1043 -47.60 16.81 10.85
C GLN C 1043 -46.31 17.63 10.79
N ARG C 1044 -46.42 18.83 10.22
CA ARG C 1044 -45.28 19.75 10.13
C ARG C 1044 -44.87 20.21 11.52
N ALA C 1045 -43.58 20.15 11.82
CA ALA C 1045 -43.03 20.53 13.13
C ALA C 1045 -41.59 21.05 13.01
N HIS C 1046 -41.14 21.72 14.07
CA HIS C 1046 -39.88 22.46 14.09
C HIS C 1046 -39.10 22.17 15.37
N TYR C 1047 -37.80 21.92 15.24
CA TYR C 1047 -36.93 21.78 16.40
C TYR C 1047 -36.28 23.11 16.75
N ASP C 1048 -36.40 23.51 18.01
CA ASP C 1048 -35.86 24.79 18.48
C ASP C 1048 -34.40 24.60 18.87
N GLY C 1049 -33.52 24.78 17.89
CA GLY C 1049 -32.08 24.57 18.07
C GLY C 1049 -31.26 25.50 17.21
N ILE C 1050 -30.13 25.94 17.74
CA ILE C 1050 -29.17 26.78 17.04
C ILE C 1050 -27.76 26.21 17.27
N PRO C 1051 -26.95 26.07 16.21
CA PRO C 1051 -25.58 25.57 16.40
C PRO C 1051 -24.69 26.54 17.18
N VAL C 1052 -23.75 25.98 17.94
CA VAL C 1052 -22.92 26.73 18.87
C VAL C 1052 -22.02 27.76 18.22
N ASP C 1053 -21.54 27.48 17.00
CA ASP C 1053 -20.66 28.41 16.29
C ASP C 1053 -21.34 29.73 15.95
N PHE C 1054 -22.63 29.66 15.60
CA PHE C 1054 -23.44 30.87 15.44
C PHE C 1054 -23.75 31.51 16.80
N THR C 1055 -24.20 30.70 17.76
CA THR C 1055 -24.59 31.21 19.08
C THR C 1055 -23.45 31.97 19.78
N ALA C 1056 -22.25 31.40 19.73
CA ALA C 1056 -21.08 32.02 20.35
C ALA C 1056 -20.68 33.36 19.70
N GLU C 1057 -20.82 33.46 18.38
CA GLU C 1057 -20.52 34.72 17.68
C GLU C 1057 -21.56 35.79 18.00
N ALA C 1058 -22.84 35.42 17.94
CA ALA C 1058 -23.95 36.31 18.25
C ALA C 1058 -23.87 36.87 19.68
N ILE C 1059 -23.73 35.98 20.66
CA ILE C 1059 -23.66 36.40 22.07
C ILE C 1059 -22.48 37.32 22.34
N THR C 1060 -21.34 37.04 21.73
CA THR C 1060 -20.14 37.86 21.92
C THR C 1060 -20.32 39.24 21.28
N THR C 1061 -20.85 39.28 20.05
CA THR C 1061 -21.09 40.56 19.34
C THR C 1061 -22.12 41.44 20.07
N LEU C 1062 -23.28 40.87 20.37
CA LEU C 1062 -24.35 41.63 21.07
C LEU C 1062 -23.96 41.99 22.50
N GLY C 1063 -23.26 41.08 23.20
CA GLY C 1063 -22.76 41.35 24.54
C GLY C 1063 -21.74 42.48 24.59
N LEU C 1064 -20.87 42.54 23.59
CA LEU C 1064 -19.89 43.63 23.48
C LEU C 1064 -20.56 45.00 23.27
N ALA C 1065 -21.70 45.01 22.57
CA ALA C 1065 -22.50 46.22 22.39
C ALA C 1065 -23.27 46.66 23.66
N GLY C 1066 -23.30 45.84 24.70
CA GLY C 1066 -24.11 46.10 25.89
C GLY C 1066 -23.44 46.86 27.02
N SER C 1067 -22.82 47.99 26.71
CA SER C 1067 -22.18 48.83 27.73
C SER C 1067 -23.16 49.76 28.48
N ASP C 1068 -24.45 49.73 28.12
CA ASP C 1068 -25.47 50.56 28.76
C ASP C 1068 -26.83 49.86 28.77
N GLY C 1069 -27.63 50.10 29.81
CA GLY C 1069 -29.00 49.60 29.88
C GLY C 1069 -29.13 48.12 30.22
N TYR C 1070 -30.37 47.63 30.19
CA TYR C 1070 -30.68 46.23 30.46
C TYR C 1070 -31.55 45.74 29.33
N HIS C 1071 -31.13 44.68 28.66
CA HIS C 1071 -31.91 44.06 27.59
C HIS C 1071 -31.78 42.56 27.61
N SER C 1072 -32.81 41.89 27.15
CA SER C 1072 -32.87 40.44 27.11
C SER C 1072 -33.07 39.99 25.67
N PHE C 1073 -32.55 38.82 25.34
CA PHE C 1073 -32.69 38.20 24.02
C PHE C 1073 -33.16 36.77 24.16
N ASP C 1074 -34.10 36.35 23.31
CA ASP C 1074 -34.50 34.97 23.22
C ASP C 1074 -33.74 34.34 22.06
N VAL C 1075 -32.75 33.51 22.38
CA VAL C 1075 -31.87 32.88 21.39
C VAL C 1075 -32.54 31.58 21.00
N PHE C 1076 -33.68 31.70 20.32
CA PHE C 1076 -34.47 30.56 19.87
C PHE C 1076 -34.47 30.59 18.35
N ASN C 1077 -34.74 29.42 17.76
CA ASN C 1077 -34.87 29.27 16.32
C ASN C 1077 -36.35 29.53 15.90
N PRO C 1078 -36.65 30.69 15.29
CA PRO C 1078 -38.04 31.06 15.01
C PRO C 1078 -38.59 30.66 13.64
N HIS C 1079 -37.80 29.94 12.84
CA HIS C 1079 -38.16 29.68 11.45
C HIS C 1079 -39.33 28.70 11.32
N HIS C 1080 -40.30 29.09 10.50
CA HIS C 1080 -41.40 28.20 10.13
C HIS C 1080 -40.99 27.37 8.92
N ASP C 1081 -39.98 26.53 9.12
CA ASP C 1081 -39.31 25.79 8.05
C ASP C 1081 -39.62 24.30 8.02
N GLY C 1082 -40.42 23.82 8.98
CA GLY C 1082 -40.76 22.40 9.05
C GLY C 1082 -39.59 21.44 9.30
N VAL C 1083 -38.47 21.95 9.81
CA VAL C 1083 -37.30 21.11 10.10
C VAL C 1083 -37.33 20.71 11.57
N GLY C 1084 -37.71 19.48 11.85
CA GLY C 1084 -37.84 18.96 13.21
C GLY C 1084 -37.28 17.57 13.35
N LEU C 1085 -37.58 16.93 14.48
CA LEU C 1085 -36.99 15.64 14.82
C LEU C 1085 -37.23 14.55 13.78
N ASP C 1086 -38.38 14.57 13.12
CA ASP C 1086 -38.70 13.56 12.09
C ASP C 1086 -37.84 13.73 10.84
N GLU C 1087 -37.52 14.97 10.48
CA GLU C 1087 -36.60 15.23 9.36
C GLU C 1087 -35.18 14.74 9.70
N PHE C 1088 -34.78 14.91 10.96
CA PHE C 1088 -33.46 14.45 11.42
C PHE C 1088 -33.31 12.93 11.31
N VAL C 1089 -34.37 12.20 11.62
CA VAL C 1089 -34.36 10.73 11.48
C VAL C 1089 -34.26 10.35 10.00
N ASP C 1090 -35.07 11.00 9.16
CA ASP C 1090 -35.03 10.79 7.69
C ASP C 1090 -33.62 10.98 7.14
N TRP C 1091 -32.99 12.09 7.54
CA TRP C 1091 -31.64 12.41 7.12
C TRP C 1091 -30.60 11.38 7.56
N LEU C 1092 -30.72 10.87 8.79
CA LEU C 1092 -29.81 9.81 9.26
C LEU C 1092 -29.99 8.52 8.46
N VAL C 1093 -31.23 8.18 8.13
CA VAL C 1093 -31.52 7.02 7.27
C VAL C 1093 -30.97 7.22 5.85
N GLU C 1094 -31.18 8.40 5.28
CA GLU C 1094 -30.61 8.73 3.96
C GLU C 1094 -29.08 8.69 3.93
N ALA C 1095 -28.44 9.00 5.06
CA ALA C 1095 -26.98 8.93 5.18
C ALA C 1095 -26.44 7.51 5.42
N GLY C 1096 -27.32 6.52 5.57
CA GLY C 1096 -26.93 5.11 5.65
C GLY C 1096 -27.06 4.45 7.00
N HIS C 1097 -27.59 5.15 7.99
CA HIS C 1097 -27.77 4.58 9.33
C HIS C 1097 -29.10 3.85 9.44
N PRO C 1098 -29.06 2.53 9.74
CA PRO C 1098 -30.30 1.76 9.84
C PRO C 1098 -31.16 2.13 11.07
N ILE C 1099 -32.23 2.88 10.83
CA ILE C 1099 -33.22 3.22 11.85
C ILE C 1099 -34.59 2.89 11.26
N SER C 1100 -35.24 1.86 11.80
CA SER C 1100 -36.60 1.50 11.39
C SER C 1100 -37.63 2.33 12.15
N ARG C 1101 -38.77 2.57 11.51
CA ARG C 1101 -39.83 3.38 12.07
C ARG C 1101 -40.92 2.49 12.67
N VAL C 1102 -41.23 2.70 13.95
CA VAL C 1102 -42.33 2.03 14.64
C VAL C 1102 -43.55 2.95 14.60
N ASP C 1103 -44.69 2.42 14.18
CA ASP C 1103 -45.84 3.25 13.85
C ASP C 1103 -46.52 3.86 15.07
N ASP C 1104 -46.80 3.05 16.09
CA ASP C 1104 -47.43 3.52 17.33
C ASP C 1104 -46.39 4.12 18.29
N TYR C 1105 -46.60 5.37 18.69
CA TYR C 1105 -45.66 6.07 19.57
C TYR C 1105 -45.45 5.38 20.92
N ALA C 1106 -46.56 4.96 21.56
CA ALA C 1106 -46.50 4.28 22.86
C ALA C 1106 -45.81 2.91 22.78
N GLU C 1107 -45.95 2.23 21.64
CA GLU C 1107 -45.23 0.98 21.39
C GLU C 1107 -43.72 1.25 21.16
N TRP C 1108 -43.40 2.30 20.41
CA TRP C 1108 -42.01 2.71 20.22
C TRP C 1108 -41.37 2.99 21.59
N LEU C 1109 -42.00 3.90 22.35
CA LEU C 1109 -41.49 4.33 23.67
C LEU C 1109 -41.18 3.16 24.60
N SER C 1110 -42.03 2.14 24.56
CA SER C 1110 -41.85 0.93 25.36
C SER C 1110 -40.62 0.13 24.90
N ARG C 1111 -40.56 -0.14 23.59
CA ARG C 1111 -39.45 -0.91 23.00
C ARG C 1111 -38.11 -0.15 23.08
N PHE C 1112 -38.19 1.17 22.88
CA PHE C 1112 -37.06 2.08 23.00
C PHE C 1112 -36.41 1.97 24.38
N GLU C 1113 -37.24 2.04 25.43
CA GLU C 1113 -36.78 1.87 26.81
C GLU C 1113 -36.13 0.51 27.07
N THR C 1114 -36.74 -0.55 26.55
CA THR C 1114 -36.21 -1.91 26.72
C THR C 1114 -34.84 -2.05 26.08
N SER C 1115 -34.75 -1.63 24.82
CA SER C 1115 -33.50 -1.61 24.06
C SER C 1115 -32.40 -0.83 24.79
N LEU C 1116 -32.75 0.36 25.31
CA LEU C 1116 -31.81 1.19 26.08
C LEU C 1116 -31.26 0.50 27.33
N ARG C 1117 -32.13 -0.20 28.06
CA ARG C 1117 -31.71 -0.95 29.26
C ARG C 1117 -30.80 -2.14 28.93
N GLY C 1118 -30.96 -2.71 27.73
CA GLY C 1118 -30.09 -3.77 27.23
C GLY C 1118 -28.72 -3.35 26.70
N LEU C 1119 -28.46 -2.05 26.56
CA LEU C 1119 -27.16 -1.57 26.06
C LEU C 1119 -26.06 -1.78 27.12
N PRO C 1120 -24.78 -1.85 26.68
CA PRO C 1120 -23.66 -1.83 27.64
C PRO C 1120 -23.64 -0.57 28.51
N GLU C 1121 -23.12 -0.70 29.72
CA GLU C 1121 -23.17 0.38 30.73
C GLU C 1121 -22.77 1.78 30.26
N ALA C 1122 -21.63 1.88 29.56
CA ALA C 1122 -21.11 3.17 29.09
C ALA C 1122 -22.09 3.85 28.12
N GLN C 1123 -22.59 3.07 27.17
CA GLN C 1123 -23.58 3.56 26.20
C GLN C 1123 -24.91 3.93 26.86
N ARG C 1124 -25.36 3.11 27.79
CA ARG C 1124 -26.60 3.38 28.54
C ARG C 1124 -26.51 4.67 29.34
N GLN C 1125 -25.37 4.91 29.99
CA GLN C 1125 -25.16 6.17 30.73
C GLN C 1125 -25.12 7.41 29.84
N HIS C 1126 -24.63 7.24 28.61
CA HIS C 1126 -24.61 8.32 27.61
C HIS C 1126 -25.94 8.46 26.84
N SER C 1127 -26.86 7.52 27.03
CA SER C 1127 -28.14 7.51 26.34
C SER C 1127 -29.13 8.50 26.94
N VAL C 1128 -30.33 8.54 26.35
CA VAL C 1128 -31.42 9.41 26.82
C VAL C 1128 -32.23 8.80 27.98
N LEU C 1129 -31.86 7.60 28.45
CA LEU C 1129 -32.58 6.90 29.54
C LEU C 1129 -32.92 7.73 30.79
N PRO C 1130 -31.94 8.42 31.41
CA PRO C 1130 -32.29 9.24 32.59
C PRO C 1130 -33.22 10.43 32.33
N LEU C 1131 -33.42 10.80 31.06
CA LEU C 1131 -34.36 11.87 30.67
C LEU C 1131 -35.56 11.35 29.87
N LEU C 1132 -35.81 10.03 29.88
CA LEU C 1132 -36.87 9.44 29.03
C LEU C 1132 -38.28 9.97 29.34
N HIS C 1133 -38.52 10.31 30.61
CA HIS C 1133 -39.78 10.93 31.06
C HIS C 1133 -40.18 12.24 30.32
N ALA C 1134 -39.22 12.92 29.70
CA ALA C 1134 -39.53 14.02 28.77
C ALA C 1134 -40.29 13.60 27.50
N PHE C 1135 -40.17 12.32 27.13
CA PHE C 1135 -40.79 11.75 25.93
C PHE C 1135 -42.01 10.87 26.26
N ALA C 1136 -42.66 11.11 27.40
CA ALA C 1136 -43.81 10.31 27.83
C ALA C 1136 -44.95 10.42 26.82
N GLN C 1137 -45.24 11.66 26.41
CA GLN C 1137 -46.24 11.97 25.39
C GLN C 1137 -45.55 12.48 24.12
N PRO C 1138 -46.19 12.30 22.94
CA PRO C 1138 -45.75 13.03 21.75
C PRO C 1138 -45.79 14.53 21.97
N ALA C 1139 -44.80 15.25 21.44
CA ALA C 1139 -44.76 16.70 21.59
C ALA C 1139 -45.80 17.39 20.70
N PRO C 1140 -46.22 18.62 21.04
CA PRO C 1140 -47.13 19.31 20.14
C PRO C 1140 -46.47 19.64 18.79
N ALA C 1141 -47.21 19.47 17.68
CA ALA C 1141 -46.71 19.75 16.35
C ALA C 1141 -46.75 21.25 16.11
N ILE C 1142 -45.69 21.92 16.55
CA ILE C 1142 -45.55 23.36 16.41
C ILE C 1142 -44.44 23.66 15.41
N ASP C 1143 -44.72 24.54 14.45
CA ASP C 1143 -43.73 25.05 13.52
C ASP C 1143 -43.34 26.43 14.03
N GLY C 1144 -42.09 26.83 13.82
CA GLY C 1144 -41.53 28.03 14.45
C GLY C 1144 -41.45 27.90 15.97
N SER C 1145 -41.27 29.04 16.62
CA SER C 1145 -41.24 29.16 18.08
C SER C 1145 -42.54 29.79 18.58
N PRO C 1146 -43.14 29.27 19.67
CA PRO C 1146 -44.25 29.99 20.31
C PRO C 1146 -43.88 31.36 20.91
N PHE C 1147 -42.60 31.57 21.22
CA PHE C 1147 -42.16 32.76 21.98
C PHE C 1147 -41.60 33.83 21.08
N GLN C 1148 -41.54 35.05 21.60
CA GLN C 1148 -41.00 36.20 20.88
C GLN C 1148 -39.49 36.04 20.65
N THR C 1149 -39.03 36.35 19.45
CA THR C 1149 -37.61 36.25 19.09
C THR C 1149 -37.09 37.48 18.38
N LYS C 1150 -37.88 38.55 18.34
CA LYS C 1150 -37.65 39.59 17.36
C LYS C 1150 -36.48 40.49 17.76
N ASN C 1151 -36.27 40.69 19.05
CA ASN C 1151 -35.12 41.47 19.53
C ASN C 1151 -33.80 40.75 19.17
N PHE C 1152 -33.78 39.42 19.32
CA PHE C 1152 -32.58 38.65 18.97
C PHE C 1152 -32.39 38.62 17.46
N GLN C 1153 -33.42 38.18 16.74
CA GLN C 1153 -33.37 38.06 15.29
C GLN C 1153 -32.99 39.37 14.62
N SER C 1154 -33.61 40.47 15.01
CA SER C 1154 -33.34 41.76 14.38
C SER C 1154 -31.96 42.29 14.74
N SER C 1155 -31.51 42.08 15.97
CA SER C 1155 -30.15 42.50 16.36
C SER C 1155 -29.06 41.69 15.64
N VAL C 1156 -29.37 40.42 15.40
CA VAL C 1156 -28.47 39.52 14.66
C VAL C 1156 -28.39 39.89 13.17
N GLN C 1157 -29.53 40.24 12.58
CA GLN C 1157 -29.58 40.76 11.19
C GLN C 1157 -28.86 42.09 11.04
N GLU C 1158 -29.08 42.99 11.99
CA GLU C 1158 -28.45 44.32 11.96
C GLU C 1158 -26.93 44.23 12.14
N ALA C 1159 -26.48 43.37 13.06
CA ALA C 1159 -25.03 43.15 13.26
C ALA C 1159 -24.38 42.30 12.15
N LYS C 1160 -25.20 41.61 11.35
CA LYS C 1160 -24.75 40.85 10.17
C LYS C 1160 -23.82 39.72 10.62
N VAL C 1161 -24.39 38.84 11.44
CA VAL C 1161 -23.66 37.78 12.13
C VAL C 1161 -23.56 36.57 11.23
N GLY C 1162 -22.38 35.97 11.18
CA GLY C 1162 -22.16 34.71 10.47
C GLY C 1162 -22.27 34.83 8.96
N ALA C 1163 -22.51 33.68 8.33
CA ALA C 1163 -22.72 33.59 6.89
C ALA C 1163 -24.18 33.85 6.53
N GLU C 1164 -25.07 33.76 7.51
CA GLU C 1164 -26.50 33.84 7.30
C GLU C 1164 -27.01 35.28 7.39
N HIS C 1165 -26.32 36.12 8.16
CA HIS C 1165 -26.80 37.48 8.52
C HIS C 1165 -28.20 37.39 9.12
N ASP C 1166 -28.43 36.31 9.87
CA ASP C 1166 -29.74 35.91 10.34
C ASP C 1166 -29.54 34.63 11.17
N ILE C 1167 -30.58 34.19 11.86
CA ILE C 1167 -30.53 32.95 12.59
C ILE C 1167 -30.51 31.82 11.57
N PRO C 1168 -29.62 30.82 11.74
CA PRO C 1168 -29.54 29.73 10.74
C PRO C 1168 -30.72 28.78 10.76
N HIS C 1169 -30.84 27.98 9.70
CA HIS C 1169 -31.68 26.81 9.68
C HIS C 1169 -30.81 25.61 10.00
N LEU C 1170 -31.40 24.60 10.63
CA LEU C 1170 -30.71 23.34 10.88
C LEU C 1170 -30.78 22.52 9.60
N ASP C 1171 -29.67 21.89 9.24
CA ASP C 1171 -29.54 21.22 7.94
C ASP C 1171 -28.97 19.81 8.06
N LYS C 1172 -29.00 19.09 6.95
CA LYS C 1172 -28.54 17.70 6.86
C LYS C 1172 -27.07 17.53 7.25
N ALA C 1173 -26.21 18.46 6.84
CA ALA C 1173 -24.79 18.40 7.19
C ALA C 1173 -24.57 18.37 8.71
N LEU C 1174 -25.29 19.21 9.45
CA LEU C 1174 -25.19 19.24 10.91
C LEU C 1174 -25.61 17.92 11.56
N ILE C 1175 -26.71 17.34 11.10
CA ILE C 1175 -27.25 16.10 11.69
C ILE C 1175 -26.37 14.89 11.40
N VAL C 1176 -25.86 14.80 10.17
CA VAL C 1176 -24.94 13.72 9.80
C VAL C 1176 -23.64 13.86 10.62
N LYS C 1177 -23.21 15.11 10.88
CA LYS C 1177 -22.04 15.36 11.73
C LYS C 1177 -22.19 14.78 13.14
N TYR C 1178 -23.41 14.79 13.70
CA TYR C 1178 -23.65 14.12 15.00
C TYR C 1178 -23.21 12.66 14.98
N ALA C 1179 -23.62 11.93 13.94
CA ALA C 1179 -23.24 10.51 13.79
C ALA C 1179 -21.72 10.34 13.65
N GLU C 1180 -21.10 11.19 12.86
CA GLU C 1180 -19.64 11.19 12.70
C GLU C 1180 -18.90 11.54 14.01
N ASP C 1181 -19.34 12.59 14.71
CA ASP C 1181 -18.77 12.98 16.01
C ASP C 1181 -18.91 11.86 17.05
N ILE C 1182 -20.07 11.21 17.08
CA ILE C 1182 -20.34 10.10 18.01
C ILE C 1182 -19.37 8.94 17.78
N LYS C 1183 -19.12 8.63 16.51
CA LYS C 1183 -18.13 7.61 16.15
C LYS C 1183 -16.70 8.06 16.49
N GLN C 1184 -16.37 9.31 16.16
CA GLN C 1184 -15.03 9.85 16.41
C GLN C 1184 -14.65 9.84 17.88
N LEU C 1185 -15.62 10.16 18.75
CA LEU C 1185 -15.43 10.12 20.21
C LEU C 1185 -15.56 8.72 20.85
N GLY C 1186 -15.94 7.72 20.07
CA GLY C 1186 -16.08 6.34 20.57
C GLY C 1186 -17.25 6.12 21.51
N LEU C 1187 -18.34 6.86 21.33
CA LEU C 1187 -19.50 6.78 22.20
C LEU C 1187 -20.40 5.67 21.72
N LEU C 1188 -20.43 5.44 20.40
CA LEU C 1188 -20.81 4.13 19.81
C LEU C 1188 -19.66 3.73 18.87
N ARG D 668 52.11 -16.58 39.97
CA ARG D 668 50.68 -16.17 39.78
C ARG D 668 49.80 -17.33 39.27
N PRO D 669 48.48 -17.30 39.56
CA PRO D 669 47.57 -18.36 39.06
C PRO D 669 47.43 -18.29 37.53
N VAL D 670 47.40 -19.45 36.88
CA VAL D 670 47.41 -19.53 35.41
C VAL D 670 46.25 -18.76 34.79
N ILE D 671 45.04 -18.94 35.36
CA ILE D 671 43.83 -18.24 34.88
C ILE D 671 43.97 -16.71 34.86
N GLU D 672 44.70 -16.15 35.82
CA GLU D 672 44.91 -14.70 35.89
C GLU D 672 45.72 -14.20 34.69
N THR D 673 46.79 -14.91 34.36
CA THR D 673 47.62 -14.58 33.21
C THR D 673 46.82 -14.72 31.91
N VAL D 674 46.07 -15.81 31.80
CA VAL D 674 45.15 -16.05 30.68
C VAL D 674 44.17 -14.88 30.50
N GLN D 675 43.54 -14.47 31.60
CA GLN D 675 42.62 -13.31 31.60
C GLN D 675 43.29 -12.00 31.18
N ARG D 676 44.44 -11.71 31.79
CA ARG D 676 45.13 -10.43 31.53
C ARG D 676 45.68 -10.34 30.12
N ALA D 677 46.24 -11.45 29.64
CA ALA D 677 46.74 -11.53 28.25
C ALA D 677 45.62 -11.29 27.24
N ALA D 678 44.45 -11.89 27.48
CA ALA D 678 43.28 -11.69 26.60
C ALA D 678 42.83 -10.24 26.59
N ALA D 679 42.70 -9.65 27.78
CA ALA D 679 42.36 -8.23 27.95
C ALA D 679 43.30 -7.30 27.18
N ALA D 680 44.60 -7.52 27.33
CA ALA D 680 45.60 -6.70 26.65
C ALA D 680 45.54 -6.86 25.13
N LEU D 681 45.36 -8.10 24.69
CA LEU D 681 45.28 -8.41 23.26
C LEU D 681 44.05 -7.80 22.58
N LEU D 682 42.89 -7.98 23.18
CA LEU D 682 41.59 -7.65 22.54
C LEU D 682 40.98 -6.31 22.96
N GLY D 683 41.59 -5.61 23.92
CA GLY D 683 41.11 -4.28 24.32
C GLY D 683 39.90 -4.29 25.24
N ALA D 684 39.90 -5.19 26.21
CA ALA D 684 38.83 -5.33 27.19
C ALA D 684 39.11 -4.50 28.45
N VAL D 689 37.11 -9.46 31.22
CA VAL D 689 37.41 -10.86 30.84
C VAL D 689 37.15 -11.89 31.96
N ASP D 690 35.88 -12.26 32.06
CA ASP D 690 35.41 -13.29 32.97
C ASP D 690 36.02 -14.64 32.54
N PRO D 691 36.41 -15.51 33.49
CA PRO D 691 36.94 -16.84 33.11
C PRO D 691 35.99 -17.75 32.31
N GLU D 692 34.69 -17.52 32.43
CA GLU D 692 33.66 -18.26 31.67
C GLU D 692 33.42 -17.71 30.26
N ALA D 693 34.05 -16.59 29.92
CA ALA D 693 33.96 -16.03 28.56
C ALA D 693 34.70 -16.89 27.53
N HIS D 694 34.19 -16.87 26.31
CA HIS D 694 34.85 -17.50 25.18
C HIS D 694 35.67 -16.45 24.47
N PHE D 695 36.83 -16.86 23.96
CA PHE D 695 37.76 -15.97 23.24
C PHE D 695 37.09 -15.22 22.09
N SER D 696 36.24 -15.92 21.32
CA SER D 696 35.50 -15.32 20.20
C SER D 696 34.45 -14.27 20.62
N ASP D 697 33.84 -14.44 21.80
CA ASP D 697 32.90 -13.46 22.35
C ASP D 697 33.56 -12.14 22.76
N LEU D 698 34.87 -12.17 23.03
CA LEU D 698 35.64 -10.96 23.39
C LEU D 698 36.21 -10.19 22.20
N GLY D 699 35.83 -10.56 20.97
CA GLY D 699 36.37 -9.94 19.75
C GLY D 699 37.50 -10.73 19.10
N GLY D 700 37.74 -11.95 19.61
CA GLY D 700 38.81 -12.80 19.11
C GLY D 700 38.43 -13.55 17.84
N ASP D 701 39.44 -13.85 17.03
CA ASP D 701 39.29 -14.69 15.83
C ASP D 701 40.50 -15.63 15.75
N SER D 702 40.57 -16.44 14.69
CA SER D 702 41.68 -17.39 14.50
C SER D 702 43.09 -16.75 14.38
N LEU D 703 43.16 -15.48 13.95
CA LEU D 703 44.44 -14.79 13.75
C LEU D 703 44.95 -14.09 15.01
N SER D 704 44.06 -13.41 15.74
CA SER D 704 44.41 -12.93 17.08
C SER D 704 44.59 -14.11 18.05
N ALA D 705 43.96 -15.25 17.78
CA ALA D 705 44.23 -16.48 18.52
C ALA D 705 45.67 -16.99 18.35
N LEU D 706 46.24 -16.78 17.16
CA LEU D 706 47.64 -17.16 16.90
C LEU D 706 48.59 -16.33 17.75
N THR D 707 48.36 -15.02 17.78
CA THR D 707 49.11 -14.10 18.67
C THR D 707 49.02 -14.53 20.13
N TYR D 708 47.81 -14.85 20.57
CA TYR D 708 47.51 -15.30 21.93
C TYR D 708 48.23 -16.61 22.23
N SER D 709 48.13 -17.54 21.30
CA SER D 709 48.80 -18.85 21.39
C SER D 709 50.33 -18.73 21.60
N ASN D 710 50.96 -17.90 20.76
CA ASN D 710 52.41 -17.69 20.85
C ASN D 710 52.82 -16.99 22.15
N PHE D 711 52.01 -16.03 22.59
CA PHE D 711 52.25 -15.32 23.84
C PHE D 711 52.24 -16.29 25.02
N LEU D 712 51.19 -17.09 25.12
CA LEU D 712 51.04 -18.05 26.23
C LEU D 712 52.06 -19.17 26.16
N HIS D 713 52.40 -19.60 24.94
CA HIS D 713 53.45 -20.58 24.71
C HIS D 713 54.80 -20.14 25.29
N GLU D 714 55.20 -18.90 25.02
CA GLU D 714 56.48 -18.38 25.51
C GLU D 714 56.47 -18.19 27.03
N ILE D 715 55.35 -17.75 27.59
CA ILE D 715 55.23 -17.57 29.04
C ILE D 715 55.37 -18.91 29.77
N PHE D 716 54.56 -19.91 29.40
CA PHE D 716 54.47 -21.16 30.17
C PHE D 716 55.31 -22.33 29.63
N GLN D 717 55.99 -22.13 28.51
CA GLN D 717 56.84 -23.16 27.90
C GLN D 717 56.13 -24.52 27.67
N VAL D 718 54.86 -24.43 27.25
CA VAL D 718 54.07 -25.59 26.82
C VAL D 718 53.32 -25.24 25.54
N GLU D 719 52.78 -26.26 24.88
CA GLU D 719 51.97 -26.04 23.67
C GLU D 719 50.61 -25.50 24.07
N VAL D 720 50.19 -24.40 23.45
CA VAL D 720 48.85 -23.81 23.65
C VAL D 720 48.23 -23.57 22.26
N PRO D 721 47.74 -24.64 21.61
CA PRO D 721 47.30 -24.53 20.22
C PRO D 721 46.11 -23.59 20.02
N VAL D 722 46.04 -22.98 18.84
CA VAL D 722 44.91 -22.16 18.43
C VAL D 722 43.58 -22.90 18.61
N SER D 723 43.57 -24.20 18.29
CA SER D 723 42.38 -25.03 18.39
C SER D 723 41.79 -25.11 19.82
N VAL D 724 42.65 -25.09 20.83
CA VAL D 724 42.20 -25.05 22.23
C VAL D 724 41.53 -23.69 22.55
N ILE D 725 42.09 -22.62 22.01
CA ILE D 725 41.58 -21.26 22.24
C ILE D 725 40.24 -21.01 21.54
N VAL D 726 40.07 -21.47 20.31
CA VAL D 726 38.87 -21.14 19.50
C VAL D 726 37.75 -22.18 19.52
N SER D 727 37.99 -23.39 20.02
CA SER D 727 36.95 -24.42 20.06
C SER D 727 35.70 -23.91 20.78
N ALA D 728 34.54 -24.20 20.21
CA ALA D 728 33.26 -23.83 20.82
C ALA D 728 33.02 -24.49 22.18
N ALA D 729 33.70 -25.61 22.46
CA ALA D 729 33.65 -26.27 23.77
C ALA D 729 34.41 -25.55 24.89
N ASN D 730 35.26 -24.58 24.55
CA ASN D 730 36.25 -24.04 25.47
C ASN D 730 36.07 -22.56 25.80
N ASN D 731 36.23 -22.23 27.07
CA ASN D 731 36.28 -20.84 27.55
C ASN D 731 37.70 -20.61 28.08
N LEU D 732 37.98 -19.42 28.59
CA LEU D 732 39.30 -19.11 29.13
C LEU D 732 39.73 -20.05 30.26
N ARG D 733 38.76 -20.49 31.07
CA ARG D 733 39.00 -21.54 32.08
C ARG D 733 39.59 -22.80 31.45
N SER D 734 39.02 -23.24 30.32
CA SER D 734 39.54 -24.41 29.58
C SER D 734 40.98 -24.23 29.08
N VAL D 735 41.30 -23.00 28.64
CA VAL D 735 42.65 -22.66 28.19
C VAL D 735 43.63 -22.77 29.37
N ALA D 736 43.25 -22.23 30.53
CA ALA D 736 44.06 -22.33 31.75
C ALA D 736 44.25 -23.78 32.20
N ALA D 737 43.16 -24.55 32.16
CA ALA D 737 43.21 -25.98 32.49
C ALA D 737 44.14 -26.76 31.55
N HIS D 738 44.11 -26.43 30.26
CA HIS D 738 45.03 -27.05 29.28
C HIS D 738 46.48 -26.76 29.65
N ILE D 739 46.77 -25.50 30.00
CA ILE D 739 48.13 -25.09 30.40
C ILE D 739 48.59 -25.85 31.65
N GLU D 740 47.75 -25.88 32.69
CA GLU D 740 48.07 -26.60 33.94
C GLU D 740 48.35 -28.08 33.72
N LYS D 741 47.56 -28.71 32.86
CA LYS D 741 47.75 -30.12 32.53
C LYS D 741 49.08 -30.38 31.81
N GLU D 742 49.41 -29.53 30.83
CA GLU D 742 50.68 -29.64 30.10
C GLU D 742 51.91 -29.43 31.00
N ARG D 743 51.79 -28.54 31.99
CA ARG D 743 52.90 -28.27 32.93
C ARG D 743 53.20 -29.40 33.92
N SER D 744 52.23 -30.27 34.22
CA SER D 744 52.46 -31.46 35.04
C SER D 744 52.41 -32.73 34.18
N GLY D 746 52.27 -33.81 31.27
CA GLY D 746 52.20 -33.33 29.89
C GLY D 746 51.96 -34.45 28.89
N SER D 747 50.76 -34.48 28.28
CA SER D 747 50.20 -35.69 27.62
C SER D 747 51.07 -36.38 26.53
N ASP D 748 50.68 -37.62 26.24
CA ASP D 748 51.47 -38.53 25.41
C ASP D 748 50.87 -38.68 23.97
N ARG D 749 50.41 -37.59 23.36
CA ARG D 749 49.82 -37.62 22.01
C ARG D 749 50.91 -37.37 20.97
N PRO D 750 50.71 -37.80 19.71
CA PRO D 750 51.69 -37.46 18.68
C PRO D 750 51.80 -35.96 18.46
N THR D 751 53.03 -35.47 18.23
CA THR D 751 53.30 -34.05 18.00
C THR D 751 54.10 -33.88 16.73
N PHE D 752 54.23 -32.63 16.29
CA PHE D 752 55.11 -32.26 15.18
C PHE D 752 56.53 -32.79 15.42
N ALA D 753 57.03 -32.59 16.65
CA ALA D 753 58.37 -33.02 17.06
C ALA D 753 58.54 -34.53 17.00
N SER D 754 57.60 -35.27 17.61
CA SER D 754 57.70 -36.74 17.64
C SER D 754 57.58 -37.41 16.27
N VAL D 755 56.97 -36.74 15.29
CA VAL D 755 56.73 -37.30 13.96
C VAL D 755 57.75 -36.80 12.92
N HIS D 756 57.98 -35.50 12.87
CA HIS D 756 58.84 -34.88 11.84
C HIS D 756 60.24 -34.45 12.35
N GLY D 757 60.45 -34.51 13.66
CA GLY D 757 61.68 -34.00 14.28
C GLY D 757 61.58 -32.52 14.57
N ALA D 758 61.95 -32.13 15.80
CA ALA D 758 61.84 -30.74 16.26
C ALA D 758 62.64 -29.77 15.39
N GLY D 759 62.05 -28.62 15.10
CA GLY D 759 62.69 -27.60 14.27
C GLY D 759 62.79 -27.91 12.77
N ALA D 760 62.18 -29.00 12.30
CA ALA D 760 62.30 -29.40 10.90
C ALA D 760 61.59 -28.40 9.99
N THR D 761 62.28 -27.97 8.93
CA THR D 761 61.71 -27.05 7.93
C THR D 761 61.30 -27.77 6.65
N THR D 762 61.56 -29.08 6.56
CA THR D 762 61.01 -29.94 5.51
C THR D 762 60.40 -31.18 6.17
N ILE D 763 59.41 -31.76 5.49
CA ILE D 763 58.72 -32.94 5.98
C ILE D 763 58.65 -33.97 4.85
N ARG D 764 58.69 -35.25 5.22
CA ARG D 764 58.73 -36.35 4.26
C ARG D 764 57.56 -37.30 4.50
N ALA D 765 57.02 -37.88 3.42
CA ALA D 765 55.99 -38.89 3.53
C ALA D 765 56.43 -40.07 4.41
N SER D 766 57.70 -40.45 4.33
CA SER D 766 58.27 -41.52 5.16
C SER D 766 58.27 -41.22 6.68
N ASP D 767 58.20 -39.96 7.08
CA ASP D 767 57.97 -39.58 8.49
C ASP D 767 56.64 -40.11 9.03
N LEU D 768 55.62 -40.14 8.17
CA LEU D 768 54.23 -40.38 8.58
C LEU D 768 53.88 -41.86 8.54
N LYS D 769 54.38 -42.60 9.53
CA LYS D 769 54.08 -44.02 9.68
C LYS D 769 53.06 -44.22 10.80
N LEU D 770 52.22 -45.24 10.65
CA LEU D 770 51.14 -45.49 11.61
C LEU D 770 51.61 -45.84 13.04
N GLU D 771 52.85 -46.37 13.18
CA GLU D 771 53.46 -46.74 14.51
C GLU D 771 53.53 -45.49 15.41
N LYS D 772 53.73 -44.32 14.80
CA LYS D 772 53.81 -43.05 15.52
C LYS D 772 52.47 -42.43 15.93
N PHE D 773 51.34 -42.97 15.43
CA PHE D 773 50.00 -42.46 15.76
C PHE D 773 49.09 -43.47 16.46
N LEU D 774 49.11 -44.73 16.02
CA LEU D 774 48.26 -45.78 16.58
C LEU D 774 49.06 -46.76 17.42
N ASP D 775 48.41 -47.32 18.44
CA ASP D 775 49.00 -48.34 19.31
C ASP D 775 49.27 -49.65 18.57
N ALA D 776 50.25 -50.40 19.07
CA ALA D 776 50.71 -51.64 18.44
C ALA D 776 49.63 -52.73 18.35
N GLN D 777 48.73 -52.74 19.33
CA GLN D 777 47.67 -53.76 19.40
C GLN D 777 46.64 -53.57 18.28
N THR D 778 46.25 -52.31 18.05
CA THR D 778 45.36 -51.94 16.93
C THR D 778 46.00 -52.32 15.59
N LEU D 779 47.28 -51.97 15.42
CA LEU D 779 47.99 -52.27 14.17
C LEU D 779 48.21 -53.76 13.93
N ALA D 780 48.47 -54.53 14.97
CA ALA D 780 48.66 -55.99 14.85
C ALA D 780 47.36 -56.71 14.45
N ALA D 781 46.25 -56.31 15.05
CA ALA D 781 44.93 -56.90 14.76
C ALA D 781 44.29 -56.45 13.44
N ALA D 782 44.77 -55.34 12.86
CA ALA D 782 44.08 -54.67 11.74
C ALA D 782 43.98 -55.49 10.44
N PRO D 783 45.09 -56.11 9.98
CA PRO D 783 45.04 -56.86 8.71
C PRO D 783 44.03 -58.01 8.64
N SER D 784 43.71 -58.62 9.78
CA SER D 784 42.77 -59.74 9.83
C SER D 784 41.34 -59.34 10.25
N LEU D 785 41.04 -58.04 10.28
CA LEU D 785 39.69 -57.59 10.65
C LEU D 785 38.64 -58.01 9.63
N PRO D 786 37.38 -58.21 10.09
CA PRO D 786 36.28 -58.46 9.15
C PRO D 786 36.18 -57.37 8.07
N ARG D 787 35.84 -57.78 6.86
CA ARG D 787 35.77 -56.88 5.71
C ARG D 787 34.55 -55.93 5.83
N PRO D 788 34.50 -54.86 5.00
CA PRO D 788 33.36 -53.94 5.09
C PRO D 788 31.99 -54.61 4.92
N ALA D 789 30.98 -54.08 5.61
CA ALA D 789 29.60 -54.55 5.46
C ALA D 789 29.12 -54.30 4.04
N SER D 790 28.40 -55.26 3.48
CA SER D 790 27.89 -55.13 2.11
C SER D 790 26.80 -54.03 1.97
N GLU D 791 26.03 -53.79 3.03
CA GLU D 791 25.01 -52.71 3.06
C GLU D 791 25.39 -51.61 4.06
N VAL D 792 25.44 -50.37 3.56
CA VAL D 792 25.69 -49.19 4.40
C VAL D 792 24.37 -48.72 5.02
N ARG D 793 24.20 -48.96 6.32
CA ARG D 793 23.03 -48.49 7.09
C ARG D 793 23.37 -47.35 8.05
N THR D 794 24.61 -47.32 8.58
CA THR D 794 25.05 -46.29 9.52
C THR D 794 26.33 -45.61 9.02
N VAL D 795 26.30 -44.28 8.95
CA VAL D 795 27.44 -43.48 8.51
C VAL D 795 27.86 -42.53 9.63
N LEU D 796 29.17 -42.45 9.88
CA LEU D 796 29.75 -41.45 10.78
C LEU D 796 30.29 -40.32 9.91
N LEU D 797 29.89 -39.09 10.23
CA LEU D 797 30.29 -37.95 9.44
C LEU D 797 30.95 -36.93 10.33
N THR D 798 32.16 -36.56 9.93
CA THR D 798 32.92 -35.51 10.57
C THR D 798 32.71 -34.18 9.83
N GLY D 799 32.78 -33.07 10.56
CA GLY D 799 32.68 -31.74 9.96
C GLY D 799 31.31 -31.30 9.47
N SER D 800 30.25 -31.87 10.06
CA SER D 800 28.86 -31.64 9.59
C SER D 800 28.34 -30.21 9.68
N ASN D 801 28.84 -29.41 10.60
CA ASN D 801 28.41 -28.00 10.69
C ASN D 801 29.26 -27.09 9.80
N GLY D 802 30.29 -27.67 9.17
CA GLY D 802 31.08 -26.97 8.17
C GLY D 802 30.33 -26.79 6.87
N TRP D 803 30.99 -26.14 5.92
CA TRP D 803 30.36 -25.76 4.65
C TRP D 803 29.95 -26.98 3.80
N LEU D 804 30.90 -27.84 3.46
CA LEU D 804 30.60 -29.03 2.66
C LEU D 804 29.87 -30.08 3.49
N GLY D 805 30.33 -30.29 4.73
CA GLY D 805 29.77 -31.32 5.59
C GLY D 805 28.27 -31.27 5.84
N ARG D 806 27.68 -30.08 5.93
CA ARG D 806 26.23 -29.95 6.15
C ARG D 806 25.43 -30.56 5.01
N PHE D 807 25.96 -30.43 3.79
CA PHE D 807 25.30 -31.01 2.62
C PHE D 807 25.64 -32.47 2.39
N LEU D 808 26.79 -32.93 2.87
CA LEU D 808 27.07 -34.35 2.96
C LEU D 808 26.13 -35.02 3.99
N ALA D 809 25.85 -34.33 5.10
CA ALA D 809 24.91 -34.85 6.11
C ALA D 809 23.51 -35.01 5.53
N LEU D 810 23.08 -33.98 4.83
CA LEU D 810 21.77 -33.96 4.20
C LEU D 810 21.66 -35.07 3.17
N ALA D 811 22.69 -35.23 2.33
CA ALA D 811 22.70 -36.25 1.29
C ALA D 811 22.62 -37.67 1.85
N TRP D 812 23.31 -37.91 2.97
CA TRP D 812 23.25 -39.22 3.65
C TRP D 812 21.91 -39.46 4.34
N LEU D 813 21.37 -38.42 5.00
CA LEU D 813 20.05 -38.49 5.61
C LEU D 813 18.94 -38.81 4.58
N GLU D 814 18.98 -38.12 3.43
CA GLU D 814 18.05 -38.39 2.32
C GLU D 814 18.07 -39.86 1.88
N ARG D 815 19.26 -40.44 1.76
CA ARG D 815 19.41 -41.86 1.38
C ARG D 815 19.00 -42.83 2.49
N LEU D 816 19.45 -42.56 3.71
CA LEU D 816 19.37 -43.55 4.80
C LEU D 816 18.08 -43.53 5.61
N VAL D 817 17.46 -42.36 5.81
CA VAL D 817 16.24 -42.29 6.62
C VAL D 817 15.13 -43.19 6.06
N PRO D 818 14.84 -43.13 4.75
CA PRO D 818 13.84 -44.02 4.17
C PRO D 818 14.17 -45.53 4.26
N GLN D 819 15.44 -45.88 4.46
CA GLN D 819 15.87 -47.27 4.68
C GLN D 819 15.99 -47.65 6.16
N GLY D 820 15.53 -46.79 7.07
CA GLY D 820 15.68 -47.03 8.51
C GLY D 820 17.11 -46.89 9.04
N GLY D 821 17.99 -46.26 8.27
CA GLY D 821 19.39 -46.07 8.64
C GLY D 821 19.63 -44.83 9.49
N LYS D 822 20.90 -44.57 9.79
CA LYS D 822 21.31 -43.55 10.75
C LYS D 822 22.55 -42.80 10.27
N VAL D 823 22.57 -41.49 10.49
CA VAL D 823 23.77 -40.68 10.30
C VAL D 823 24.17 -40.20 11.69
N VAL D 824 25.38 -40.56 12.13
CA VAL D 824 25.91 -40.04 13.39
C VAL D 824 27.00 -39.02 13.07
N VAL D 825 27.06 -37.99 13.89
CA VAL D 825 27.81 -36.82 13.59
C VAL D 825 28.52 -36.36 14.86
N ILE D 826 29.79 -35.98 14.73
CA ILE D 826 30.59 -35.47 15.84
C ILE D 826 30.79 -33.99 15.58
N VAL D 827 30.39 -33.17 16.55
CA VAL D 827 30.45 -31.70 16.45
C VAL D 827 31.07 -31.15 17.72
N ARG D 828 31.92 -30.14 17.59
CA ARG D 828 32.54 -29.51 18.74
C ARG D 828 31.50 -28.71 19.52
N GLY D 829 31.55 -28.85 20.83
CA GLY D 829 30.64 -28.14 21.73
C GLY D 829 30.84 -28.63 23.14
N LYS D 830 30.38 -27.84 24.11
CA LYS D 830 30.64 -28.15 25.51
C LYS D 830 29.93 -29.44 25.98
N ASP D 831 28.77 -29.72 25.42
CA ASP D 831 28.04 -30.97 25.65
C ASP D 831 27.18 -31.31 24.41
N ASP D 832 26.50 -32.45 24.43
CA ASP D 832 25.69 -32.89 23.28
C ASP D 832 24.58 -31.91 22.88
N LYS D 833 24.00 -31.22 23.86
CA LYS D 833 22.93 -30.26 23.60
C LYS D 833 23.49 -29.07 22.83
N ALA D 834 24.61 -28.53 23.31
CA ALA D 834 25.25 -27.37 22.67
C ALA D 834 25.73 -27.72 21.25
N ALA D 835 26.27 -28.92 21.09
CA ALA D 835 26.73 -29.41 19.79
C ALA D 835 25.59 -29.49 18.79
N LYS D 836 24.46 -30.05 19.21
CA LYS D 836 23.25 -30.10 18.38
C LYS D 836 22.76 -28.72 17.97
N ALA D 837 22.79 -27.76 18.91
CA ALA D 837 22.36 -26.39 18.63
C ALA D 837 23.22 -25.71 17.54
N ARG D 838 24.53 -25.92 17.61
CA ARG D 838 25.46 -25.40 16.60
C ARG D 838 25.15 -25.94 15.20
N LEU D 839 24.91 -27.25 15.12
CA LEU D 839 24.59 -27.91 13.85
C LEU D 839 23.25 -27.42 13.31
N ASP D 840 22.23 -27.40 14.17
CA ASP D 840 20.90 -26.91 13.76
C ASP D 840 20.97 -25.50 13.20
N SER D 841 21.76 -24.63 13.81
CA SER D 841 21.80 -23.23 13.39
C SER D 841 22.31 -23.01 11.95
N VAL D 842 23.13 -23.91 11.41
CA VAL D 842 23.67 -23.68 10.05
C VAL D 842 22.63 -23.88 8.94
N PHE D 843 21.55 -24.59 9.25
CA PHE D 843 20.42 -24.76 8.33
C PHE D 843 19.36 -23.66 8.43
N GLU D 844 19.57 -22.69 9.33
CA GLU D 844 18.73 -21.50 9.46
C GLU D 844 19.44 -20.34 8.76
N SER D 845 19.05 -20.07 7.51
CA SER D 845 19.68 -19.00 6.71
C SER D 845 18.67 -18.18 5.92
N GLY D 846 17.42 -18.15 6.37
CA GLY D 846 16.32 -17.48 5.67
C GLY D 846 15.67 -18.30 4.55
N ASP D 847 15.87 -19.62 4.55
CA ASP D 847 15.28 -20.51 3.55
C ASP D 847 14.34 -21.51 4.24
N PRO D 848 13.02 -21.24 4.19
CA PRO D 848 12.04 -22.13 4.84
C PRO D 848 12.10 -23.60 4.38
N ALA D 849 12.25 -23.82 3.07
CA ALA D 849 12.33 -25.19 2.53
C ALA D 849 13.53 -25.97 3.05
N LEU D 850 14.68 -25.29 3.19
CA LEU D 850 15.87 -25.94 3.75
C LEU D 850 15.62 -26.40 5.17
N LEU D 851 15.09 -25.48 5.98
CA LEU D 851 14.84 -25.74 7.40
C LEU D 851 13.83 -26.88 7.60
N ALA D 852 12.73 -26.84 6.86
CA ALA D 852 11.71 -27.91 6.92
C ALA D 852 12.27 -29.28 6.53
N HIS D 853 13.04 -29.30 5.44
CA HIS D 853 13.71 -30.52 4.95
C HIS D 853 14.70 -31.09 5.98
N TYR D 854 15.53 -30.22 6.56
CA TYR D 854 16.47 -30.64 7.60
C TYR D 854 15.77 -31.22 8.83
N GLU D 855 14.78 -30.49 9.35
CA GLU D 855 14.08 -30.90 10.58
C GLU D 855 13.33 -32.23 10.39
N ASP D 856 12.72 -32.40 9.24
CA ASP D 856 12.07 -33.65 8.85
C ASP D 856 13.05 -34.84 8.95
N LEU D 857 14.20 -34.72 8.30
CA LEU D 857 15.18 -35.81 8.26
C LEU D 857 15.97 -35.98 9.58
N ALA D 858 16.35 -34.87 10.21
CA ALA D 858 17.19 -34.91 11.41
C ALA D 858 16.53 -35.59 12.60
N ASP D 859 15.25 -35.31 12.83
CA ASP D 859 14.50 -35.96 13.91
C ASP D 859 14.38 -37.48 13.72
N LYS D 860 14.37 -37.95 12.47
CA LYS D 860 14.25 -39.38 12.17
C LYS D 860 15.57 -40.15 12.14
N GLY D 861 16.66 -39.52 11.71
CA GLY D 861 17.90 -40.24 11.43
C GLY D 861 19.24 -39.69 11.91
N LEU D 862 19.23 -38.51 12.53
CA LEU D 862 20.47 -37.85 12.93
C LEU D 862 20.76 -38.04 14.42
N GLU D 863 21.98 -38.48 14.74
CA GLU D 863 22.48 -38.55 16.11
C GLU D 863 23.66 -37.58 16.24
N VAL D 864 23.57 -36.61 17.15
CA VAL D 864 24.64 -35.63 17.35
C VAL D 864 25.37 -35.93 18.64
N LEU D 865 26.69 -36.11 18.54
CA LEU D 865 27.57 -36.27 19.71
C LEU D 865 28.56 -35.12 19.76
N ALA D 866 28.70 -34.53 20.95
CA ALA D 866 29.79 -33.59 21.21
C ALA D 866 31.11 -34.36 21.22
N GLY D 867 32.12 -33.81 20.56
CA GLY D 867 33.41 -34.48 20.49
C GLY D 867 34.47 -33.62 19.84
N ASP D 868 35.60 -34.24 19.54
CA ASP D 868 36.77 -33.56 19.00
C ASP D 868 37.71 -34.61 18.44
N PHE D 869 37.86 -34.65 17.11
CA PHE D 869 38.62 -35.75 16.49
C PHE D 869 40.14 -35.66 16.70
N SER D 870 40.63 -34.53 17.20
CA SER D 870 42.05 -34.43 17.58
C SER D 870 42.38 -35.12 18.93
N ASP D 871 41.36 -35.44 19.73
CA ASP D 871 41.56 -36.10 21.03
C ASP D 871 41.36 -37.61 20.94
N ALA D 872 41.86 -38.30 21.97
CA ALA D 872 41.68 -39.76 22.10
C ALA D 872 40.21 -40.13 22.10
N ASP D 873 39.88 -41.25 21.46
CA ASP D 873 38.51 -41.73 21.30
C ASP D 873 37.57 -40.68 20.66
N LEU D 874 38.11 -39.84 19.79
CA LEU D 874 37.40 -38.73 19.14
C LEU D 874 36.71 -37.77 20.14
N GLY D 875 37.28 -37.63 21.33
CA GLY D 875 36.69 -36.80 22.39
C GLY D 875 35.35 -37.28 22.95
N LEU D 876 35.02 -38.55 22.72
CA LEU D 876 33.74 -39.12 23.11
C LEU D 876 33.82 -39.83 24.45
N ARG D 877 32.66 -40.14 25.01
CA ARG D 877 32.56 -41.10 26.10
C ARG D 877 33.00 -42.46 25.57
N LYS D 878 33.67 -43.24 26.41
CA LYS D 878 34.19 -44.54 26.00
C LYS D 878 33.11 -45.47 25.45
N ALA D 879 31.94 -45.48 26.10
CA ALA D 879 30.81 -46.33 25.64
C ALA D 879 30.34 -45.98 24.22
N ASP D 880 30.30 -44.68 23.92
CA ASP D 880 29.93 -44.23 22.57
C ASP D 880 30.97 -44.63 21.52
N TRP D 881 32.25 -44.41 21.82
CA TRP D 881 33.31 -44.82 20.90
C TRP D 881 33.27 -46.32 20.60
N ASP D 882 33.08 -47.15 21.63
CA ASP D 882 32.96 -48.60 21.45
C ASP D 882 31.75 -48.98 20.61
N ARG D 883 30.63 -48.31 20.85
CA ARG D 883 29.41 -48.53 20.06
C ARG D 883 29.61 -48.18 18.59
N LEU D 884 30.24 -47.04 18.32
CA LEU D 884 30.53 -46.63 16.94
C LEU D 884 31.51 -47.57 16.23
N ALA D 885 32.48 -48.10 16.98
CA ALA D 885 33.40 -49.11 16.44
C ALA D 885 32.67 -50.36 15.91
N ASP D 886 31.53 -50.69 16.54
CA ASP D 886 30.68 -51.81 16.16
C ASP D 886 29.63 -51.46 15.10
N GLU D 887 28.95 -50.31 15.27
CA GLU D 887 27.78 -49.97 14.42
C GLU D 887 28.07 -49.26 13.09
N VAL D 888 29.14 -48.46 13.04
CA VAL D 888 29.42 -47.63 11.85
C VAL D 888 29.92 -48.48 10.68
N ASP D 889 29.27 -48.31 9.53
CA ASP D 889 29.63 -49.03 8.29
C ASP D 889 30.59 -48.25 7.42
N LEU D 890 30.48 -46.91 7.46
CA LEU D 890 31.26 -46.06 6.58
C LEU D 890 31.53 -44.73 7.28
N ILE D 891 32.73 -44.19 7.09
CA ILE D 891 33.13 -42.92 7.69
C ILE D 891 33.39 -41.87 6.62
N VAL D 892 32.78 -40.71 6.77
CA VAL D 892 33.02 -39.57 5.88
C VAL D 892 33.78 -38.52 6.70
N HIS D 893 35.06 -38.35 6.40
CA HIS D 893 35.93 -37.44 7.14
C HIS D 893 36.09 -36.12 6.40
N SER D 894 35.11 -35.23 6.58
CA SER D 894 35.13 -33.90 5.97
C SER D 894 35.69 -32.81 6.90
N GLY D 895 35.93 -33.13 8.17
CA GLY D 895 36.27 -32.11 9.16
C GLY D 895 37.76 -31.81 9.17
N ALA D 896 38.09 -30.53 9.31
CA ALA D 896 39.46 -30.07 9.35
C ALA D 896 39.47 -28.62 9.76
N LEU D 897 40.63 -28.15 10.21
CA LEU D 897 40.85 -26.72 10.41
C LEU D 897 41.32 -26.18 9.07
N VAL D 898 40.41 -25.49 8.38
CA VAL D 898 40.64 -24.96 7.05
C VAL D 898 41.04 -23.50 7.21
N ASN D 899 42.34 -23.24 7.10
CA ASN D 899 42.89 -21.91 7.36
C ASN D 899 44.13 -21.70 6.49
N HIS D 900 44.11 -20.62 5.71
CA HIS D 900 45.14 -20.34 4.71
C HIS D 900 46.35 -19.55 5.24
N VAL D 901 46.30 -19.13 6.51
CA VAL D 901 47.35 -18.34 7.14
C VAL D 901 48.14 -19.11 8.19
N LEU D 902 47.47 -19.97 8.98
CA LEU D 902 48.13 -20.66 10.09
C LEU D 902 49.22 -21.62 9.63
N PRO D 903 50.31 -21.73 10.41
CA PRO D 903 51.39 -22.64 10.05
C PRO D 903 51.04 -24.11 10.31
N TYR D 904 51.81 -25.00 9.66
CA TYR D 904 51.62 -26.45 9.75
C TYR D 904 51.55 -26.97 11.19
N SER D 905 52.36 -26.42 12.09
CA SER D 905 52.38 -26.86 13.49
C SER D 905 51.02 -26.67 14.20
N GLN D 906 50.34 -25.58 13.89
CA GLN D 906 48.99 -25.30 14.40
C GLN D 906 47.90 -26.17 13.77
N LEU D 907 48.11 -26.65 12.55
CA LEU D 907 47.14 -27.51 11.87
C LEU D 907 47.41 -28.99 12.03
N PHE D 908 48.57 -29.33 12.62
CA PHE D 908 48.99 -30.72 12.79
C PHE D 908 47.99 -31.52 13.65
N GLY D 909 47.59 -30.94 14.78
CA GLY D 909 46.61 -31.57 15.67
C GLY D 909 45.29 -31.92 14.99
N PRO D 910 44.57 -30.90 14.49
CA PRO D 910 43.26 -31.20 13.88
C PRO D 910 43.33 -32.01 12.58
N ASN D 911 44.28 -31.73 11.71
CA ASN D 911 44.25 -32.30 10.36
C ASN D 911 45.05 -33.60 10.17
N VAL D 912 46.12 -33.78 10.95
CA VAL D 912 46.97 -34.96 10.84
C VAL D 912 46.62 -35.97 11.94
N VAL D 913 46.77 -35.56 13.20
CA VAL D 913 46.40 -36.42 14.32
C VAL D 913 44.91 -36.78 14.22
N GLY D 914 44.08 -35.80 13.85
CA GLY D 914 42.65 -36.01 13.66
C GLY D 914 42.32 -37.09 12.65
N THR D 915 43.03 -37.09 11.53
CA THR D 915 42.85 -38.11 10.50
C THR D 915 43.28 -39.50 11.00
N ALA D 916 44.36 -39.55 11.77
CA ALA D 916 44.79 -40.79 12.41
C ALA D 916 43.75 -41.34 13.39
N GLU D 917 43.12 -40.46 14.19
CA GLU D 917 42.03 -40.88 15.11
C GLU D 917 40.85 -41.45 14.37
N VAL D 918 40.50 -40.84 13.25
CA VAL D 918 39.43 -41.36 12.39
C VAL D 918 39.83 -42.73 11.85
N ALA D 919 41.06 -42.85 11.35
CA ALA D 919 41.57 -44.13 10.86
C ALA D 919 41.53 -45.22 11.94
N LYS D 920 41.85 -44.86 13.17
CA LYS D 920 41.80 -45.82 14.28
C LYS D 920 40.43 -46.45 14.41
N LEU D 921 39.38 -45.63 14.38
CA LEU D 921 37.99 -46.14 14.43
C LEU D 921 37.68 -47.04 13.23
N ALA D 922 38.15 -46.64 12.06
CA ALA D 922 38.02 -47.46 10.84
C ALA D 922 38.77 -48.79 10.90
N LEU D 923 39.82 -48.85 11.72
CA LEU D 923 40.63 -50.06 11.93
C LEU D 923 40.38 -50.77 13.28
N THR D 924 39.19 -50.60 13.86
CA THR D 924 38.83 -51.26 15.14
C THR D 924 37.54 -52.05 14.96
N LYS D 925 37.54 -53.29 15.45
CA LYS D 925 36.37 -54.21 15.44
C LYS D 925 36.03 -54.75 14.04
N ARG D 926 35.77 -53.86 13.08
CA ARG D 926 35.67 -54.24 11.67
C ARG D 926 36.04 -53.07 10.76
N LEU D 927 36.42 -53.39 9.52
CA LEU D 927 36.84 -52.36 8.58
C LEU D 927 35.67 -51.50 8.12
N LYS D 928 35.94 -50.19 8.06
CA LYS D 928 34.95 -49.19 7.67
C LYS D 928 35.57 -48.32 6.58
N PRO D 929 35.07 -48.41 5.34
CA PRO D 929 35.59 -47.55 4.28
C PRO D 929 35.57 -46.07 4.65
N VAL D 930 36.59 -45.34 4.22
CA VAL D 930 36.76 -43.93 4.57
C VAL D 930 36.70 -43.05 3.32
N THR D 931 35.78 -42.08 3.32
CA THR D 931 35.82 -40.95 2.40
C THR D 931 36.65 -39.89 3.09
N TYR D 932 37.69 -39.41 2.43
CA TYR D 932 38.55 -38.34 2.98
C TYR D 932 38.52 -37.12 2.07
N LEU D 933 38.24 -35.97 2.66
CA LEU D 933 38.30 -34.71 1.92
C LEU D 933 39.71 -34.15 1.96
N SER D 934 40.21 -33.79 0.79
CA SER D 934 41.52 -33.16 0.64
C SER D 934 41.35 -31.90 -0.21
N THR D 935 42.39 -31.47 -0.92
CA THR D 935 42.40 -30.13 -1.48
C THR D 935 43.41 -30.03 -2.62
N VAL D 936 43.10 -29.16 -3.58
CA VAL D 936 44.00 -28.78 -4.67
C VAL D 936 45.36 -28.25 -4.14
N ALA D 937 45.36 -27.68 -2.94
CA ALA D 937 46.58 -27.22 -2.27
C ALA D 937 47.68 -28.28 -2.03
N VAL D 938 47.34 -29.57 -2.08
CA VAL D 938 48.38 -30.64 -2.00
C VAL D 938 49.20 -30.68 -3.28
N ALA D 939 48.67 -30.16 -4.39
CA ALA D 939 49.42 -30.06 -5.63
C ALA D 939 50.46 -28.94 -5.66
N VAL D 940 50.40 -28.00 -4.71
CA VAL D 940 51.42 -26.94 -4.61
C VAL D 940 52.80 -27.57 -4.34
N GLY D 941 53.82 -27.08 -5.07
CA GLY D 941 55.17 -27.65 -5.04
C GLY D 941 55.41 -28.85 -5.96
N VAL D 942 54.37 -29.29 -6.66
CA VAL D 942 54.43 -30.43 -7.57
C VAL D 942 54.16 -29.90 -8.97
N GLU D 943 54.86 -30.48 -9.95
CA GLU D 943 54.67 -30.09 -11.35
C GLU D 943 53.33 -30.67 -11.85
N PRO D 944 52.45 -29.83 -12.43
CA PRO D 944 51.17 -30.31 -12.92
C PRO D 944 51.21 -31.64 -13.68
N SER D 945 52.16 -31.79 -14.60
CA SER D 945 52.33 -33.07 -15.33
C SER D 945 52.73 -34.27 -14.44
N ALA D 946 53.39 -34.00 -13.32
CA ALA D 946 53.74 -35.03 -12.33
C ALA D 946 52.64 -35.28 -11.28
N PHE D 947 51.68 -34.36 -11.14
CA PHE D 947 50.60 -34.56 -10.17
C PHE D 947 49.59 -35.61 -10.65
N GLU D 948 49.88 -36.86 -10.33
CA GLU D 948 49.08 -37.99 -10.77
C GLU D 948 47.81 -38.07 -9.90
N GLU D 949 46.66 -37.77 -10.50
CA GLU D 949 45.37 -37.75 -9.81
C GLU D 949 45.13 -39.00 -8.97
N ASP D 950 45.21 -40.16 -9.62
CA ASP D 950 44.99 -41.45 -8.94
C ASP D 950 46.29 -42.22 -8.68
N GLY D 951 47.40 -41.50 -8.47
CA GLY D 951 48.68 -42.13 -8.14
C GLY D 951 48.82 -42.36 -6.64
N ASP D 952 50.01 -42.81 -6.25
CA ASP D 952 50.39 -42.88 -4.85
C ASP D 952 50.92 -41.50 -4.46
N ILE D 953 50.25 -40.86 -3.50
CA ILE D 953 50.66 -39.52 -3.02
C ILE D 953 52.08 -39.51 -2.40
N ARG D 954 52.50 -40.65 -1.85
CA ARG D 954 53.83 -40.78 -1.26
C ARG D 954 54.95 -40.67 -2.31
N ASP D 955 54.69 -41.14 -3.54
CA ASP D 955 55.61 -40.95 -4.68
C ASP D 955 55.44 -39.58 -5.33
N VAL D 956 54.20 -39.18 -5.55
CA VAL D 956 53.88 -37.88 -6.19
C VAL D 956 54.47 -36.70 -5.40
N SER D 957 54.35 -36.77 -4.08
CA SER D 957 54.86 -35.71 -3.19
C SER D 957 55.52 -36.36 -1.97
N ALA D 958 56.77 -36.80 -2.17
CA ALA D 958 57.55 -37.48 -1.12
C ALA D 958 58.13 -36.52 -0.10
N VAL D 959 58.48 -35.30 -0.54
CA VAL D 959 59.10 -34.29 0.31
C VAL D 959 58.40 -32.96 0.05
N ARG D 960 58.14 -32.22 1.13
CA ARG D 960 57.55 -30.89 1.06
C ARG D 960 58.24 -29.99 2.04
N SER D 961 58.22 -28.68 1.76
CA SER D 961 58.84 -27.71 2.65
C SER D 961 57.80 -26.96 3.48
N ILE D 962 58.22 -26.53 4.67
CA ILE D 962 57.46 -25.63 5.52
C ILE D 962 58.02 -24.24 5.27
N ASP D 963 57.15 -23.30 4.91
CA ASP D 963 57.56 -21.93 4.59
C ASP D 963 56.37 -20.97 4.72
N GLU D 964 56.58 -19.71 4.35
CA GLU D 964 55.59 -18.65 4.52
C GLU D 964 54.65 -18.45 3.32
N GLY D 965 54.68 -19.37 2.35
CA GLY D 965 53.83 -19.28 1.16
C GLY D 965 52.36 -19.47 1.50
N TYR D 966 51.50 -18.93 0.62
CA TYR D 966 50.06 -18.93 0.83
C TYR D 966 49.54 -20.35 1.00
N ALA D 967 48.82 -20.57 2.11
CA ALA D 967 48.21 -21.87 2.44
C ALA D 967 49.20 -23.04 2.56
N ASN D 968 50.46 -22.75 2.86
CA ASN D 968 51.50 -23.77 2.94
C ASN D 968 51.17 -24.80 4.03
N GLY D 969 50.88 -24.30 5.23
CA GLY D 969 50.51 -25.16 6.36
C GLY D 969 49.29 -26.02 6.07
N TYR D 970 48.27 -25.40 5.49
CA TYR D 970 47.03 -26.09 5.15
C TYR D 970 47.29 -27.21 4.14
N GLY D 971 47.96 -26.89 3.04
CA GLY D 971 48.32 -27.87 2.01
C GLY D 971 49.08 -29.05 2.60
N ASN D 972 50.11 -28.72 3.40
CA ASN D 972 50.90 -29.75 4.07
C ASN D 972 50.06 -30.64 4.99
N SER D 973 49.18 -30.02 5.78
CA SER D 973 48.35 -30.77 6.72
C SER D 973 47.41 -31.78 6.03
N LYS D 974 46.83 -31.39 4.90
CA LYS D 974 45.92 -32.25 4.15
C LYS D 974 46.64 -33.37 3.40
N TRP D 975 47.80 -33.04 2.84
CA TRP D 975 48.74 -34.03 2.30
C TRP D 975 49.10 -35.09 3.34
N ALA D 976 49.44 -34.65 4.56
CA ALA D 976 49.83 -35.57 5.62
C ALA D 976 48.73 -36.60 5.93
N GLY D 977 47.48 -36.13 5.94
CA GLY D 977 46.33 -37.01 6.14
C GLY D 977 46.15 -38.02 5.04
N GLU D 978 46.38 -37.60 3.79
CA GLU D 978 46.38 -38.54 2.67
C GLU D 978 47.41 -39.65 2.85
N VAL D 979 48.64 -39.26 3.20
CA VAL D 979 49.74 -40.22 3.39
C VAL D 979 49.36 -41.26 4.43
N LEU D 980 48.83 -40.82 5.58
CA LEU D 980 48.42 -41.73 6.65
C LEU D 980 47.36 -42.71 6.21
N LEU D 981 46.38 -42.25 5.45
CA LEU D 981 45.34 -43.14 4.94
C LEU D 981 45.87 -44.11 3.90
N ARG D 982 46.80 -43.67 3.07
CA ARG D 982 47.47 -44.57 2.15
C ARG D 982 48.26 -45.65 2.90
N GLU D 983 48.94 -45.26 3.97
CA GLU D 983 49.61 -46.22 4.88
C GLU D 983 48.61 -47.23 5.48
N ALA D 984 47.44 -46.74 5.90
CA ALA D 984 46.39 -47.62 6.44
C ALA D 984 45.86 -48.62 5.40
N TYR D 985 45.73 -48.19 4.15
CA TYR D 985 45.35 -49.12 3.06
C TYR D 985 46.40 -50.19 2.84
N GLU D 986 47.68 -49.80 2.77
CA GLU D 986 48.77 -50.74 2.50
C GLU D 986 48.97 -51.74 3.65
N HIS D 987 48.78 -51.29 4.89
CA HIS D 987 48.90 -52.17 6.06
C HIS D 987 47.71 -53.10 6.28
N ALA D 988 46.49 -52.58 6.15
CA ALA D 988 45.27 -53.34 6.51
C ALA D 988 44.24 -53.56 5.39
N GLY D 989 44.49 -53.03 4.19
CA GLY D 989 43.51 -53.06 3.11
C GLY D 989 42.28 -52.21 3.38
N LEU D 990 42.43 -51.15 4.19
CA LEU D 990 41.34 -50.21 4.47
C LEU D 990 40.90 -49.51 3.18
N PRO D 991 39.63 -49.70 2.75
CA PRO D 991 39.19 -48.99 1.55
C PRO D 991 39.08 -47.47 1.77
N VAL D 992 39.63 -46.70 0.84
CA VAL D 992 39.66 -45.24 0.95
C VAL D 992 39.30 -44.61 -0.39
N ARG D 993 38.58 -43.49 -0.32
CA ARG D 993 38.38 -42.62 -1.47
C ARG D 993 38.71 -41.20 -1.05
N VAL D 994 39.72 -40.60 -1.69
CA VAL D 994 40.10 -39.22 -1.45
C VAL D 994 39.51 -38.31 -2.52
N PHE D 995 38.96 -37.18 -2.07
CA PHE D 995 38.37 -36.19 -2.95
C PHE D 995 39.06 -34.86 -2.69
N ARG D 996 39.86 -34.43 -3.65
CA ARG D 996 40.62 -33.19 -3.54
C ARG D 996 39.76 -32.08 -4.11
N SER D 997 39.30 -31.18 -3.26
CA SER D 997 38.38 -30.13 -3.70
C SER D 997 39.12 -28.89 -4.20
N ASP D 998 38.49 -28.24 -5.16
CA ASP D 998 38.81 -26.86 -5.55
C ASP D 998 37.96 -25.95 -4.64
N MET D 999 37.64 -24.73 -5.08
CA MET D 999 36.71 -23.88 -4.35
C MET D 999 35.27 -24.41 -4.50
N ILE D 1000 34.66 -24.83 -3.38
CA ILE D 1000 33.29 -25.34 -3.37
C ILE D 1000 32.34 -24.16 -3.22
N LEU D 1001 31.69 -23.78 -4.31
CA LEU D 1001 30.85 -22.56 -4.36
C LEU D 1001 29.43 -22.79 -3.85
N ALA D 1002 28.65 -21.71 -3.81
CA ALA D 1002 27.32 -21.66 -3.20
C ALA D 1002 26.35 -22.73 -3.70
N HIS D 1003 25.38 -23.05 -2.85
CA HIS D 1003 24.30 -23.96 -3.21
C HIS D 1003 23.42 -23.26 -4.24
N ARG D 1004 23.01 -23.96 -5.28
CA ARG D 1004 22.28 -23.33 -6.40
C ARG D 1004 20.76 -23.21 -6.16
N LYS D 1005 20.24 -24.02 -5.26
CA LYS D 1005 18.87 -23.89 -4.72
C LYS D 1005 18.73 -23.08 -3.39
N TYR D 1006 19.32 -23.60 -2.32
CA TYR D 1006 19.08 -23.08 -0.95
C TYR D 1006 19.67 -21.68 -0.74
N THR D 1007 18.81 -20.75 -0.34
CA THR D 1007 19.18 -19.36 -0.21
C THR D 1007 19.86 -19.09 1.13
N GLY D 1008 20.73 -18.09 1.14
CA GLY D 1008 21.62 -17.83 2.27
C GLY D 1008 22.70 -18.88 2.52
N GLN D 1009 22.91 -19.81 1.59
CA GLN D 1009 23.88 -20.89 1.77
C GLN D 1009 25.04 -20.65 0.81
N LEU D 1010 26.10 -20.10 1.38
CA LEU D 1010 27.39 -19.94 0.74
C LEU D 1010 28.45 -20.06 1.84
N ASN D 1011 29.66 -20.43 1.45
CA ASN D 1011 30.77 -20.53 2.40
C ASN D 1011 31.26 -19.13 2.71
N VAL D 1012 30.74 -18.56 3.79
CA VAL D 1012 30.99 -17.15 4.13
C VAL D 1012 32.48 -16.82 4.29
N PRO D 1013 33.24 -17.63 5.04
CA PRO D 1013 34.66 -17.30 5.20
C PRO D 1013 35.62 -17.67 4.06
N ASP D 1014 35.15 -18.33 3.00
CA ASP D 1014 36.09 -18.72 1.92
C ASP D 1014 36.60 -17.52 1.11
N GLN D 1015 37.69 -17.75 0.39
CA GLN D 1015 38.38 -16.72 -0.36
C GLN D 1015 37.49 -16.09 -1.45
N PHE D 1016 36.71 -16.93 -2.14
CA PHE D 1016 35.81 -16.45 -3.20
C PHE D 1016 34.69 -15.54 -2.69
N THR D 1017 33.95 -16.01 -1.68
CA THR D 1017 32.90 -15.19 -1.04
C THR D 1017 33.46 -13.86 -0.53
N ARG D 1018 34.61 -13.93 0.14
CA ARG D 1018 35.29 -12.72 0.61
C ARG D 1018 35.58 -11.77 -0.55
N LEU D 1019 36.06 -12.31 -1.67
CA LEU D 1019 36.35 -11.49 -2.85
C LEU D 1019 35.08 -10.84 -3.42
N ILE D 1020 34.01 -11.63 -3.61
CA ILE D 1020 32.77 -11.10 -4.18
C ILE D 1020 32.18 -10.00 -3.29
N LEU D 1021 32.12 -10.27 -1.99
CA LEU D 1021 31.68 -9.28 -0.99
C LEU D 1021 32.51 -8.00 -1.06
N SER D 1022 33.83 -8.15 -1.19
CA SER D 1022 34.74 -7.01 -1.26
C SER D 1022 34.55 -6.18 -2.52
N LEU D 1023 34.34 -6.85 -3.66
CA LEU D 1023 34.06 -6.17 -4.93
C LEU D 1023 32.75 -5.38 -4.89
N LEU D 1024 31.71 -5.97 -4.30
CA LEU D 1024 30.43 -5.28 -4.12
C LEU D 1024 30.56 -4.10 -3.16
N ALA D 1025 31.29 -4.30 -2.06
CA ALA D 1025 31.43 -3.27 -1.02
C ALA D 1025 32.29 -2.10 -1.45
N THR D 1026 33.41 -2.38 -2.10
CA THR D 1026 34.32 -1.32 -2.58
C THR D 1026 33.87 -0.68 -3.90
N GLY D 1027 33.15 -1.43 -4.73
CA GLY D 1027 32.69 -0.95 -6.03
C GLY D 1027 33.78 -0.80 -7.09
N ILE D 1028 34.93 -1.47 -6.90
CA ILE D 1028 36.04 -1.38 -7.87
C ILE D 1028 36.70 -2.74 -8.12
N ALA D 1029 36.94 -3.02 -9.40
CA ALA D 1029 37.56 -4.26 -9.83
C ALA D 1029 38.63 -3.94 -10.86
N PRO D 1030 39.60 -4.84 -11.05
CA PRO D 1030 40.56 -4.59 -12.11
C PRO D 1030 39.95 -4.90 -13.46
N LYS D 1031 40.56 -4.36 -14.52
CA LYS D 1031 40.20 -4.71 -15.90
C LYS D 1031 40.32 -6.22 -16.11
N SER D 1032 41.38 -6.81 -15.54
CA SER D 1032 41.52 -8.25 -15.46
C SER D 1032 42.18 -8.67 -14.16
N PHE D 1033 41.73 -9.78 -13.61
CA PHE D 1033 42.42 -10.45 -12.49
C PHE D 1033 43.60 -11.27 -12.99
N TYR D 1034 43.64 -11.54 -14.30
CA TYR D 1034 44.68 -12.36 -14.91
C TYR D 1034 45.68 -11.52 -15.71
N GLN D 1035 46.77 -12.16 -16.13
CA GLN D 1035 47.84 -11.50 -16.90
C GLN D 1035 47.28 -11.03 -18.22
N LEU D 1036 47.55 -9.77 -18.56
CA LEU D 1036 47.19 -9.22 -19.87
C LEU D 1036 48.09 -9.81 -20.95
N ASP D 1037 47.63 -9.75 -22.20
CA ASP D 1037 48.47 -10.16 -23.34
C ASP D 1037 49.46 -9.03 -23.67
N ALA D 1038 50.36 -9.29 -24.64
CA ALA D 1038 51.39 -8.31 -25.07
C ALA D 1038 50.87 -6.87 -25.30
N THR D 1039 49.72 -6.74 -25.94
CA THR D 1039 49.12 -5.41 -26.26
C THR D 1039 48.32 -4.76 -25.12
N GLY D 1040 48.23 -5.41 -23.95
CA GLY D 1040 47.50 -4.89 -22.78
C GLY D 1040 46.04 -5.32 -22.69
N GLY D 1041 45.67 -6.38 -23.39
CA GLY D 1041 44.29 -6.82 -23.51
C GLY D 1041 43.95 -8.02 -22.63
N ARG D 1042 42.68 -8.09 -22.19
CA ARG D 1042 42.23 -9.23 -21.37
C ARG D 1042 42.24 -10.57 -22.11
N GLN D 1043 42.70 -11.60 -21.42
CA GLN D 1043 42.88 -12.93 -22.00
C GLN D 1043 41.84 -13.91 -21.48
N ARG D 1044 41.63 -14.98 -22.23
CA ARG D 1044 40.72 -16.06 -21.83
C ARG D 1044 41.25 -16.78 -20.58
N ALA D 1045 40.38 -16.94 -19.59
CA ALA D 1045 40.75 -17.58 -18.30
C ALA D 1045 39.55 -18.28 -17.67
N HIS D 1046 39.85 -19.15 -16.70
CA HIS D 1046 38.89 -20.07 -16.11
C HIS D 1046 39.02 -20.08 -14.59
N TYR D 1047 37.88 -20.04 -13.89
CA TYR D 1047 37.88 -20.20 -12.44
C TYR D 1047 37.61 -21.64 -12.06
N ASP D 1048 38.47 -22.19 -11.21
CA ASP D 1048 38.37 -23.58 -10.80
C ASP D 1048 37.43 -23.68 -9.60
N GLY D 1049 36.14 -23.86 -9.89
CA GLY D 1049 35.10 -23.90 -8.88
C GLY D 1049 33.97 -24.81 -9.29
N ILE D 1050 33.39 -25.50 -8.29
CA ILE D 1050 32.24 -26.37 -8.46
C ILE D 1050 31.23 -26.06 -7.35
N PRO D 1051 29.93 -25.90 -7.70
CA PRO D 1051 28.93 -25.64 -6.65
C PRO D 1051 28.70 -26.83 -5.72
N VAL D 1052 28.40 -26.54 -4.45
CA VAL D 1052 28.32 -27.54 -3.39
C VAL D 1052 27.23 -28.60 -3.60
N ASP D 1053 26.13 -28.22 -4.23
CA ASP D 1053 25.02 -29.16 -4.46
C ASP D 1053 25.42 -30.30 -5.40
N PHE D 1054 26.24 -29.98 -6.41
CA PHE D 1054 26.85 -31.01 -7.24
C PHE D 1054 27.94 -31.78 -6.48
N THR D 1055 28.84 -31.06 -5.81
CA THR D 1055 29.96 -31.68 -5.10
C THR D 1055 29.49 -32.69 -4.06
N ALA D 1056 28.48 -32.31 -3.28
CA ALA D 1056 27.93 -33.19 -2.23
C ALA D 1056 27.27 -34.46 -2.78
N GLU D 1057 26.59 -34.36 -3.92
CA GLU D 1057 26.00 -35.54 -4.57
C GLU D 1057 27.08 -36.48 -5.14
N ALA D 1058 28.05 -35.89 -5.84
CA ALA D 1058 29.17 -36.65 -6.43
C ALA D 1058 29.97 -37.40 -5.37
N ILE D 1059 30.40 -36.70 -4.32
CA ILE D 1059 31.21 -37.30 -3.26
C ILE D 1059 30.47 -38.44 -2.56
N THR D 1060 29.18 -38.25 -2.32
CA THR D 1060 28.37 -39.26 -1.65
C THR D 1060 28.17 -40.50 -2.53
N THR D 1061 27.87 -40.30 -3.82
CA THR D 1061 27.69 -41.40 -4.78
C THR D 1061 28.99 -42.20 -4.99
N LEU D 1062 30.08 -41.51 -5.29
CA LEU D 1062 31.37 -42.17 -5.52
C LEU D 1062 31.94 -42.79 -4.24
N GLY D 1063 31.76 -42.11 -3.11
CA GLY D 1063 32.17 -42.63 -1.81
C GLY D 1063 31.43 -43.91 -1.41
N LEU D 1064 30.14 -43.96 -1.71
CA LEU D 1064 29.34 -45.16 -1.45
C LEU D 1064 29.81 -46.36 -2.29
N ALA D 1065 30.30 -46.10 -3.50
CA ALA D 1065 30.88 -47.14 -4.34
C ALA D 1065 32.28 -47.62 -3.90
N GLY D 1066 32.88 -46.96 -2.92
CA GLY D 1066 34.26 -47.26 -2.49
C GLY D 1066 34.42 -48.27 -1.38
N SER D 1067 33.78 -49.43 -1.50
CA SER D 1067 33.91 -50.49 -0.50
C SER D 1067 35.18 -51.36 -0.66
N ASP D 1068 35.98 -51.08 -1.69
CA ASP D 1068 37.23 -51.82 -1.94
C ASP D 1068 38.30 -50.93 -2.59
N GLY D 1069 39.57 -51.18 -2.27
CA GLY D 1069 40.69 -50.48 -2.90
C GLY D 1069 40.93 -49.06 -2.39
N TYR D 1070 41.89 -48.37 -3.03
CA TYR D 1070 42.24 -47.00 -2.71
C TYR D 1070 42.24 -46.24 -4.01
N HIS D 1071 41.44 -45.17 -4.08
CA HIS D 1071 41.41 -44.29 -5.26
C HIS D 1071 41.24 -42.84 -4.85
N SER D 1072 41.79 -41.96 -5.67
CA SER D 1072 41.76 -40.53 -5.43
C SER D 1072 41.05 -39.87 -6.60
N PHE D 1073 40.39 -38.75 -6.31
CA PHE D 1073 39.68 -37.95 -7.33
C PHE D 1073 40.08 -36.49 -7.18
N ASP D 1074 40.31 -35.82 -8.31
CA ASP D 1074 40.53 -34.39 -8.34
C ASP D 1074 39.20 -33.74 -8.69
N VAL D 1075 38.55 -33.15 -7.68
CA VAL D 1075 37.24 -32.53 -7.83
C VAL D 1075 37.48 -31.09 -8.26
N PHE D 1076 38.00 -30.94 -9.49
CA PHE D 1076 38.33 -29.64 -10.07
C PHE D 1076 37.42 -29.44 -11.28
N ASN D 1077 37.23 -28.18 -11.66
CA ASN D 1077 36.48 -27.82 -12.84
C ASN D 1077 37.43 -27.78 -14.06
N PRO D 1078 37.35 -28.80 -14.96
CA PRO D 1078 38.31 -28.90 -16.06
C PRO D 1078 37.90 -28.23 -17.38
N HIS D 1079 36.77 -27.53 -17.42
CA HIS D 1079 36.22 -27.03 -18.68
C HIS D 1079 37.03 -25.89 -19.25
N HIS D 1080 37.35 -26.01 -20.54
CA HIS D 1080 37.98 -24.92 -21.29
C HIS D 1080 36.88 -24.01 -21.84
N ASP D 1081 36.15 -23.36 -20.92
CA ASP D 1081 34.95 -22.60 -21.23
C ASP D 1081 35.12 -21.08 -21.12
N GLY D 1082 36.31 -20.61 -20.72
CA GLY D 1082 36.56 -19.18 -20.59
C GLY D 1082 35.73 -18.47 -19.53
N VAL D 1083 35.17 -19.21 -18.57
CA VAL D 1083 34.39 -18.61 -17.50
C VAL D 1083 35.28 -18.42 -16.26
N GLY D 1084 35.70 -17.19 -16.03
CA GLY D 1084 36.60 -16.87 -14.92
C GLY D 1084 36.18 -15.59 -14.20
N LEU D 1085 37.06 -15.08 -13.36
CA LEU D 1085 36.75 -13.97 -12.47
C LEU D 1085 36.27 -12.71 -13.20
N ASP D 1086 36.79 -12.47 -14.40
CA ASP D 1086 36.40 -11.29 -15.19
C ASP D 1086 34.96 -11.40 -15.72
N GLU D 1087 34.53 -12.61 -16.08
CA GLU D 1087 33.15 -12.85 -16.47
C GLU D 1087 32.21 -12.61 -15.29
N PHE D 1088 32.63 -13.03 -14.09
CA PHE D 1088 31.84 -12.85 -12.88
C PHE D 1088 31.59 -11.39 -12.56
N VAL D 1089 32.59 -10.55 -12.77
CA VAL D 1089 32.44 -9.11 -12.58
C VAL D 1089 31.47 -8.53 -13.62
N ASP D 1090 31.63 -8.93 -14.88
CA ASP D 1090 30.72 -8.52 -15.96
C ASP D 1090 29.28 -8.84 -15.62
N TRP D 1091 29.05 -10.08 -15.17
CA TRP D 1091 27.73 -10.55 -14.79
C TRP D 1091 27.11 -9.77 -13.64
N LEU D 1092 27.91 -9.43 -12.63
CA LEU D 1092 27.44 -8.60 -11.53
C LEU D 1092 27.04 -7.20 -12.01
N VAL D 1093 27.82 -6.63 -12.93
CA VAL D 1093 27.51 -5.32 -13.52
C VAL D 1093 26.23 -5.39 -14.36
N GLU D 1094 26.11 -6.44 -15.18
CA GLU D 1094 24.88 -6.66 -15.96
C GLU D 1094 23.63 -6.86 -15.09
N ALA D 1095 23.80 -7.43 -13.89
CA ALA D 1095 22.69 -7.59 -12.94
C ALA D 1095 22.36 -6.31 -12.15
N GLY D 1096 23.12 -5.23 -12.33
CA GLY D 1096 22.79 -3.93 -11.75
C GLY D 1096 23.68 -3.44 -10.62
N HIS D 1097 24.74 -4.19 -10.29
CA HIS D 1097 25.65 -3.80 -9.21
C HIS D 1097 26.76 -2.90 -9.73
N PRO D 1098 26.86 -1.67 -9.18
CA PRO D 1098 27.86 -0.72 -9.70
C PRO D 1098 29.29 -1.12 -9.30
N ILE D 1099 30.03 -1.64 -10.27
CA ILE D 1099 31.44 -1.97 -10.11
C ILE D 1099 32.18 -1.35 -11.30
N SER D 1100 32.98 -0.33 -11.04
CA SER D 1100 33.81 0.29 -12.08
C SER D 1100 35.14 -0.47 -12.23
N ARG D 1101 35.67 -0.44 -13.45
CA ARG D 1101 36.89 -1.15 -13.80
C ARG D 1101 38.08 -0.19 -13.78
N VAL D 1102 39.10 -0.54 -12.98
CA VAL D 1102 40.37 0.20 -12.92
C VAL D 1102 41.34 -0.52 -13.86
N ASP D 1103 41.99 0.23 -14.75
CA ASP D 1103 42.75 -0.37 -15.86
C ASP D 1103 44.05 -1.04 -15.40
N ASP D 1104 44.84 -0.33 -14.59
CA ASP D 1104 46.10 -0.86 -14.07
C ASP D 1104 45.87 -1.74 -12.84
N TYR D 1105 46.33 -2.99 -12.89
CA TYR D 1105 46.14 -3.94 -11.78
C TYR D 1105 46.75 -3.47 -10.46
N ALA D 1106 47.99 -2.98 -10.52
CA ALA D 1106 48.69 -2.52 -9.31
C ALA D 1106 48.04 -1.28 -8.69
N GLU D 1107 47.44 -0.42 -9.53
CA GLU D 1107 46.66 0.73 -9.07
C GLU D 1107 45.33 0.27 -8.43
N TRP D 1108 44.67 -0.71 -9.06
CA TRP D 1108 43.46 -1.30 -8.48
C TRP D 1108 43.78 -1.86 -7.08
N LEU D 1109 44.78 -2.74 -7.02
CA LEU D 1109 45.18 -3.44 -5.78
C LEU D 1109 45.44 -2.49 -4.63
N SER D 1110 46.05 -1.36 -4.94
CA SER D 1110 46.34 -0.30 -3.95
C SER D 1110 45.06 0.37 -3.46
N ARG D 1111 44.22 0.80 -4.39
CA ARG D 1111 42.93 1.45 -4.05
C ARG D 1111 41.95 0.50 -3.38
N PHE D 1112 41.93 -0.75 -3.85
CA PHE D 1112 41.13 -1.83 -3.28
C PHE D 1112 41.43 -2.03 -1.80
N GLU D 1113 42.73 -2.10 -1.46
CA GLU D 1113 43.17 -2.21 -0.07
C GLU D 1113 42.76 -1.02 0.78
N THR D 1114 42.89 0.19 0.23
CA THR D 1114 42.51 1.42 0.95
C THR D 1114 41.01 1.43 1.26
N SER D 1115 40.19 1.20 0.23
CA SER D 1115 38.71 1.10 0.38
C SER D 1115 38.32 0.04 1.43
N LEU D 1116 38.97 -1.12 1.38
CA LEU D 1116 38.73 -2.19 2.37
C LEU D 1116 39.01 -1.78 3.82
N ARG D 1117 40.11 -1.08 4.04
CA ARG D 1117 40.46 -0.56 5.38
C ARG D 1117 39.49 0.50 5.88
N GLY D 1118 38.87 1.24 4.95
CA GLY D 1118 37.84 2.22 5.29
C GLY D 1118 36.44 1.68 5.57
N LEU D 1119 36.20 0.39 5.36
CA LEU D 1119 34.88 -0.21 5.62
C LEU D 1119 34.63 -0.33 7.12
N PRO D 1120 33.34 -0.38 7.54
CA PRO D 1120 33.01 -0.72 8.94
C PRO D 1120 33.58 -2.08 9.38
N GLU D 1121 33.87 -2.21 10.67
CA GLU D 1121 34.55 -3.39 11.22
C GLU D 1121 34.00 -4.78 10.80
N ALA D 1122 32.68 -4.93 10.88
CA ALA D 1122 32.04 -6.21 10.54
C ALA D 1122 32.28 -6.58 9.06
N GLN D 1123 32.07 -5.62 8.18
CA GLN D 1123 32.30 -5.81 6.75
C GLN D 1123 33.78 -6.06 6.42
N ARG D 1124 34.68 -5.31 7.06
CA ARG D 1124 36.11 -5.49 6.87
C ARG D 1124 36.58 -6.89 7.31
N GLN D 1125 36.06 -7.39 8.42
CA GLN D 1125 36.38 -8.75 8.88
C GLN D 1125 35.86 -9.84 7.95
N HIS D 1126 34.74 -9.58 7.28
CA HIS D 1126 34.17 -10.49 6.30
C HIS D 1126 34.78 -10.33 4.89
N SER D 1127 35.60 -9.30 4.70
CA SER D 1127 36.21 -8.98 3.41
C SER D 1127 37.40 -9.89 3.12
N VAL D 1128 38.02 -9.66 1.95
CA VAL D 1128 39.20 -10.40 1.51
C VAL D 1128 40.52 -9.85 2.08
N LEU D 1129 40.45 -8.80 2.92
CA LEU D 1129 41.64 -8.16 3.49
C LEU D 1129 42.69 -9.09 4.11
N PRO D 1130 42.29 -10.01 5.02
CA PRO D 1130 43.32 -10.91 5.59
C PRO D 1130 43.95 -11.91 4.62
N LEU D 1131 43.38 -12.07 3.42
CA LEU D 1131 43.95 -12.89 2.37
C LEU D 1131 44.42 -12.09 1.14
N LEU D 1132 44.56 -10.76 1.27
CA LEU D 1132 44.88 -9.91 0.10
C LEU D 1132 46.22 -10.26 -0.58
N HIS D 1133 47.18 -10.73 0.22
CA HIS D 1133 48.49 -11.19 -0.29
C HIS D 1133 48.42 -12.29 -1.37
N ALA D 1134 47.30 -13.02 -1.45
CA ALA D 1134 47.04 -13.93 -2.57
C ALA D 1134 46.88 -13.23 -3.92
N PHE D 1135 46.50 -11.96 -3.90
CA PHE D 1135 46.27 -11.13 -5.10
C PHE D 1135 47.40 -10.12 -5.36
N ALA D 1136 48.60 -10.42 -4.87
CA ALA D 1136 49.76 -9.52 -5.05
C ALA D 1136 50.07 -9.32 -6.54
N GLN D 1137 50.09 -10.44 -7.28
CA GLN D 1137 50.30 -10.43 -8.73
C GLN D 1137 49.01 -10.88 -9.44
N PRO D 1138 48.82 -10.43 -10.69
CA PRO D 1138 47.78 -11.03 -11.53
C PRO D 1138 48.01 -12.53 -11.69
N ALA D 1139 46.93 -13.30 -11.71
CA ALA D 1139 47.03 -14.76 -11.85
C ALA D 1139 47.36 -15.14 -13.31
N PRO D 1140 47.93 -16.34 -13.53
CA PRO D 1140 48.17 -16.73 -14.92
C PRO D 1140 46.85 -16.98 -15.66
N ALA D 1141 46.79 -16.54 -16.92
CA ALA D 1141 45.59 -16.71 -17.74
C ALA D 1141 45.53 -18.14 -18.26
N ILE D 1142 44.97 -19.01 -17.44
CA ILE D 1142 44.84 -20.42 -17.75
C ILE D 1142 43.35 -20.74 -17.95
N ASP D 1143 43.05 -21.42 -19.05
CA ASP D 1143 41.73 -21.95 -19.33
C ASP D 1143 41.78 -23.43 -18.98
N GLY D 1144 40.66 -23.98 -18.50
CA GLY D 1144 40.65 -25.32 -17.91
C GLY D 1144 41.47 -25.42 -16.64
N SER D 1145 41.76 -26.65 -16.24
CA SER D 1145 42.60 -26.94 -15.09
C SER D 1145 43.97 -27.44 -15.57
N PRO D 1146 45.07 -26.99 -14.93
CA PRO D 1146 46.38 -27.59 -15.23
C PRO D 1146 46.51 -29.07 -14.82
N PHE D 1147 45.69 -29.52 -13.87
CA PHE D 1147 45.82 -30.85 -13.27
C PHE D 1147 44.89 -31.86 -13.91
N GLN D 1148 45.21 -33.14 -13.70
CA GLN D 1148 44.38 -34.25 -14.20
C GLN D 1148 43.04 -34.30 -13.47
N THR D 1149 41.96 -34.50 -14.22
CA THR D 1149 40.61 -34.59 -13.64
C THR D 1149 39.82 -35.78 -14.17
N LYS D 1150 40.48 -36.69 -14.88
CA LYS D 1150 39.76 -37.63 -15.74
C LYS D 1150 39.09 -38.74 -14.93
N ASN D 1151 39.71 -39.15 -13.83
CA ASN D 1151 39.09 -40.14 -12.95
C ASN D 1151 37.78 -39.59 -12.33
N PHE D 1152 37.81 -38.32 -11.91
CA PHE D 1152 36.61 -37.71 -11.33
C PHE D 1152 35.55 -37.49 -12.41
N GLN D 1153 35.93 -36.80 -13.48
CA GLN D 1153 35.01 -36.49 -14.57
C GLN D 1153 34.35 -37.73 -15.16
N SER D 1154 35.14 -38.76 -15.44
CA SER D 1154 34.60 -39.98 -16.05
C SER D 1154 33.72 -40.77 -15.08
N SER D 1155 34.08 -40.80 -13.80
CA SER D 1155 33.27 -41.48 -12.79
C SER D 1155 31.92 -40.76 -12.57
N VAL D 1156 31.95 -39.43 -12.66
CA VAL D 1156 30.77 -38.59 -12.53
C VAL D 1156 29.84 -38.75 -13.74
N GLN D 1157 30.41 -38.82 -14.94
CA GLN D 1157 29.64 -39.13 -16.16
C GLN D 1157 29.02 -40.52 -16.12
N GLU D 1158 29.79 -41.51 -15.70
CA GLU D 1158 29.33 -42.90 -15.64
C GLU D 1158 28.22 -43.07 -14.59
N ALA D 1159 28.37 -42.43 -13.44
CA ALA D 1159 27.33 -42.47 -12.40
C ALA D 1159 26.11 -41.60 -12.72
N LYS D 1160 26.26 -40.69 -13.69
CA LYS D 1160 25.16 -39.84 -14.20
C LYS D 1160 24.64 -38.94 -13.07
N VAL D 1161 25.55 -38.12 -12.57
CA VAL D 1161 25.33 -37.29 -11.39
C VAL D 1161 24.66 -35.99 -11.82
N GLY D 1162 23.66 -35.58 -11.04
CA GLY D 1162 23.02 -34.26 -11.22
C GLY D 1162 22.21 -34.15 -12.49
N ALA D 1163 21.96 -32.90 -12.88
CA ALA D 1163 21.27 -32.59 -14.13
C ALA D 1163 22.24 -32.57 -15.31
N GLU D 1164 23.53 -32.48 -15.03
CA GLU D 1164 24.56 -32.32 -16.04
C GLU D 1164 25.06 -33.67 -16.57
N HIS D 1165 25.00 -34.71 -15.73
CA HIS D 1165 25.66 -36.00 -15.99
C HIS D 1165 27.15 -35.78 -16.32
N ASP D 1166 27.72 -34.79 -15.65
CA ASP D 1166 29.05 -34.26 -15.94
C ASP D 1166 29.33 -33.16 -14.90
N ILE D 1167 30.56 -32.67 -14.88
CA ILE D 1167 30.92 -31.56 -14.03
C ILE D 1167 30.24 -30.32 -14.60
N PRO D 1168 29.58 -29.51 -13.75
CA PRO D 1168 28.89 -28.31 -14.26
C PRO D 1168 29.82 -27.20 -14.74
N HIS D 1169 29.23 -26.27 -15.49
CA HIS D 1169 29.86 -24.98 -15.76
C HIS D 1169 29.30 -23.97 -14.76
N LEU D 1170 30.11 -22.99 -14.37
CA LEU D 1170 29.65 -21.90 -13.52
C LEU D 1170 28.92 -20.90 -14.40
N ASP D 1171 27.78 -20.40 -13.92
CA ASP D 1171 26.88 -19.59 -14.73
C ASP D 1171 26.43 -18.32 -14.01
N LYS D 1172 25.76 -17.45 -14.77
CA LYS D 1172 25.29 -16.15 -14.30
C LYS D 1172 24.34 -16.26 -13.10
N ALA D 1173 23.44 -17.24 -13.12
CA ALA D 1173 22.50 -17.45 -12.00
C ALA D 1173 23.23 -17.67 -10.66
N LEU D 1174 24.28 -18.49 -10.67
CA LEU D 1174 25.08 -18.74 -9.48
C LEU D 1174 25.74 -17.48 -8.93
N ILE D 1175 26.34 -16.68 -9.81
CA ILE D 1175 27.08 -15.47 -9.40
C ILE D 1175 26.15 -14.39 -8.87
N VAL D 1176 25.01 -14.19 -9.54
CA VAL D 1176 24.01 -13.22 -9.07
C VAL D 1176 23.46 -13.67 -7.71
N LYS D 1177 23.31 -14.98 -7.51
CA LYS D 1177 22.90 -15.53 -6.21
C LYS D 1177 23.85 -15.14 -5.06
N TYR D 1178 25.16 -15.04 -5.32
CA TYR D 1178 26.10 -14.54 -4.31
C TYR D 1178 25.69 -13.18 -3.77
N ALA D 1179 25.36 -12.25 -4.67
CA ALA D 1179 24.91 -10.91 -4.28
C ALA D 1179 23.61 -10.95 -3.48
N GLU D 1180 22.66 -11.78 -3.92
CA GLU D 1180 21.41 -11.97 -3.21
C GLU D 1180 21.59 -12.61 -1.82
N ASP D 1181 22.41 -13.66 -1.74
CA ASP D 1181 22.74 -14.31 -0.45
C ASP D 1181 23.44 -13.35 0.52
N ILE D 1182 24.36 -12.53 0.00
CA ILE D 1182 25.08 -11.54 0.80
C ILE D 1182 24.13 -10.51 1.42
N LYS D 1183 23.16 -10.06 0.64
CA LYS D 1183 22.10 -9.16 1.12
C LYS D 1183 21.18 -9.87 2.12
N GLN D 1184 20.76 -11.10 1.80
CA GLN D 1184 19.85 -11.88 2.66
C GLN D 1184 20.44 -12.12 4.06
N LEU D 1185 21.74 -12.41 4.11
CA LEU D 1185 22.45 -12.62 5.38
C LEU D 1185 22.87 -11.32 6.11
N GLY D 1186 22.69 -10.16 5.46
CA GLY D 1186 23.05 -8.87 6.06
C GLY D 1186 24.55 -8.58 6.18
N LEU D 1187 25.34 -9.07 5.23
CA LEU D 1187 26.82 -8.90 5.27
C LEU D 1187 27.47 -7.60 4.71
O23 PNS E . 1.07 26.94 -13.94
P24 PNS E . -0.18 26.86 -14.77
O26 PNS E . -1.19 25.77 -14.46
O27 PNS E . -0.94 28.29 -14.84
C28 PNS E . -0.83 29.27 -13.80
C29 PNS E . -2.10 30.13 -13.76
C30 PNS E . -1.90 31.20 -12.68
C31 PNS E . -2.26 30.82 -15.11
C32 PNS E . -3.32 29.24 -13.44
O33 PNS E . -3.14 28.58 -12.17
C34 PNS E . -4.63 29.99 -13.38
O35 PNS E . -5.16 30.34 -14.42
N36 PNS E . -5.15 30.19 -12.15
C37 PNS E . -6.43 30.81 -11.86
C38 PNS E . -7.52 29.76 -11.73
C39 PNS E . -8.81 30.28 -11.13
O40 PNS E . -8.86 31.40 -10.62
N41 PNS E . -9.85 29.42 -11.18
C42 PNS E . -11.18 29.64 -10.60
C43 PNS E . -11.99 30.77 -11.23
S44 PNS E . -12.51 30.37 -12.92
PA NAP F . -9.86 22.48 -11.56
O1A NAP F . -9.71 22.38 -10.08
O2A NAP F . -8.79 23.09 -12.41
O5B NAP F . -10.16 21.00 -12.05
C5B NAP F . -10.18 20.64 -13.42
C4B NAP F . -10.45 19.14 -13.49
O4B NAP F . -10.64 18.72 -14.84
C3B NAP F . -9.24 18.36 -12.98
O3B NAP F . -9.67 17.15 -12.36
C2B NAP F . -8.49 18.04 -14.25
O2B NAP F . -7.57 16.96 -14.12
C1B NAP F . -9.68 17.70 -15.14
N9A NAP F . -9.28 17.66 -16.56
C8A NAP F . -8.72 18.65 -17.29
N7A NAP F . -8.46 18.22 -18.55
C5A NAP F . -8.85 16.95 -18.62
C6A NAP F . -8.88 15.91 -19.66
N6A NAP F . -8.41 16.19 -20.89
N1A NAP F . -9.37 14.70 -19.34
C2A NAP F . -9.82 14.41 -18.09
N3A NAP F . -9.83 15.31 -17.09
C4A NAP F . -9.38 16.57 -17.30
O3 NAP F . -11.24 23.21 -11.96
PN NAP F . -12.37 23.68 -10.91
O1N NAP F . -11.89 24.94 -10.25
O2N NAP F . -12.75 22.47 -10.08
O5D NAP F . -13.58 24.07 -11.89
C5D NAP F . -14.70 23.21 -12.08
C4D NAP F . -15.51 23.61 -13.31
O4D NAP F . -16.16 24.88 -13.07
C3D NAP F . -14.68 23.79 -14.56
O3D NAP F . -15.26 23.12 -15.68
C2D NAP F . -14.64 25.28 -14.78
O2D NAP F . -14.49 25.65 -16.14
C1D NAP F . -15.98 25.73 -14.20
N1N NAP F . -15.94 27.12 -13.76
P2B NAP F . -5.98 17.10 -14.01
O1X NAP F . -5.59 18.41 -14.66
O2X NAP F . -5.65 17.06 -12.53
O3X NAP F . -5.54 15.87 -14.77
O23 PNS G . -9.14 -25.13 -16.74
P24 PNS G . -10.09 -26.30 -16.72
O26 PNS G . -10.68 -26.85 -15.44
O27 PNS G . -9.38 -27.50 -17.54
C28 PNS G . -8.91 -28.67 -16.87
C29 PNS G . -7.83 -29.35 -17.70
C30 PNS G . -7.40 -30.59 -16.91
C31 PNS G . -8.45 -29.78 -19.02
C32 PNS G . -6.65 -28.36 -17.92
O33 PNS G . -6.11 -27.94 -16.67
C34 PNS G . -5.52 -28.90 -18.77
O35 PNS G . -5.67 -28.98 -19.98
N36 PNS G . -4.38 -29.22 -18.15
C37 PNS G . -3.17 -29.66 -18.83
C38 PNS G . -2.24 -28.49 -19.15
C39 PNS G . -0.84 -28.93 -19.56
O40 PNS G . -0.49 -30.10 -19.46
N41 PNS G . -0.06 -27.95 -20.03
C42 PNS G . 1.32 -28.11 -20.50
C43 PNS G . 1.40 -28.83 -21.85
S44 PNS G . 1.07 -27.73 -23.27
PA NAP H . -0.61 -21.09 -18.88
O1A NAP H . 0.07 -21.29 -17.56
O2A NAP H . -1.95 -21.73 -19.07
O5B NAP H . -0.72 -19.51 -19.09
C5B NAP H . -1.60 -18.98 -20.05
C4B NAP H . -1.46 -17.48 -20.03
O4B NAP H . -2.17 -16.91 -21.14
C3B NAP H . -2.07 -16.89 -18.75
O3B NAP H . -1.35 -15.73 -18.35
C2B NAP H . -3.44 -16.50 -19.25
O2B NAP H . -4.12 -15.56 -18.42
C1B NAP H . -3.06 -15.94 -20.61
N9A NAP H . -4.23 -15.72 -21.49
C8A NAP H . -5.09 -16.65 -21.91
N7A NAP H . -6.03 -16.10 -22.68
C5A NAP H . -5.79 -14.79 -22.73
C6A NAP H . -6.41 -13.63 -23.39
N6A NAP H . -7.51 -13.81 -24.14
N1A NAP H . -5.83 -12.43 -23.21
C2A NAP H . -4.73 -12.25 -22.43
N3A NAP H . -4.12 -13.27 -21.80
C4A NAP H . -4.59 -14.53 -21.92
O3 NAP H . 0.30 -21.47 -20.16
PN NAP H . 1.84 -21.94 -20.04
O1N NAP H . 1.84 -23.32 -19.43
O2N NAP H . 2.61 -20.81 -19.37
O5D NAP H . 2.27 -22.05 -21.59
C5D NAP H . 2.99 -21.01 -22.23
C4D NAP H . 2.93 -21.13 -23.74
O4D NAP H . 3.60 -22.33 -24.18
C3D NAP H . 1.50 -21.20 -24.27
O3D NAP H . 1.31 -20.30 -25.37
C2D NAP H . 1.34 -22.66 -24.69
O2D NAP H . 0.39 -22.80 -25.76
C1D NAP H . 2.76 -23.04 -25.10
N1N NAP H . 2.98 -24.48 -24.99
P2B NAP H . -5.33 -15.99 -17.45
O1X NAP H . -6.00 -17.21 -18.03
O2X NAP H . -4.71 -16.26 -16.12
O3X NAP H . -6.22 -14.77 -17.49
O23 PNS I . -24.74 15.11 35.59
P24 PNS I . -25.67 13.98 35.99
O26 PNS I . -25.27 12.53 35.90
O27 PNS I . -27.11 14.22 35.32
C28 PNS I . -27.54 13.54 34.15
C29 PNS I . -28.55 14.41 33.40
C30 PNS I . -29.06 13.60 32.22
C31 PNS I . -29.70 14.73 34.36
C32 PNS I . -27.86 15.71 32.93
O33 PNS I . -26.70 15.40 32.13
C34 PNS I . -28.77 16.64 32.16
O35 PNS I . -29.66 17.24 32.75
N36 PNS I . -28.55 16.78 30.83
C37 PNS I . -29.28 17.69 29.97
C38 PNS I . -28.56 19.03 29.77
C39 PNS I . -29.07 19.84 28.58
O40 PNS I . -29.95 19.39 27.86
N41 PNS I . -28.48 21.04 28.41
C42 PNS I . -28.76 21.98 27.33
C43 PNS I . -30.20 22.53 27.29
S44 PNS I . -30.59 23.49 28.77
PA NAP J . -22.39 23.17 30.75
O1A NAP J . -21.73 22.63 29.53
O2A NAP J . -23.01 22.21 31.71
O5B NAP J . -21.29 24.09 31.48
C5B NAP J . -21.47 24.63 32.80
C4B NAP J . -20.15 25.26 33.22
O4B NAP J . -20.28 25.89 34.50
C3B NAP J . -19.01 24.25 33.37
O3B NAP J . -17.78 24.88 32.99
C2B NAP J . -19.02 23.96 34.84
O2B NAP J . -17.80 23.46 35.36
C1B NAP J . -19.28 25.36 35.37
N9A NAP J . -19.72 25.40 36.80
C8A NAP J . -20.77 24.80 37.36
N7A NAP J . -20.85 25.08 38.67
C5A NAP J . -19.80 25.88 38.96
C6A NAP J . -19.25 26.55 40.16
N6A NAP J . -19.87 26.43 41.35
N1A NAP J . -18.13 27.28 40.02
C2A NAP J . -17.51 27.42 38.85
N3A NAP J . -17.95 26.84 37.72
C4A NAP J . -19.06 26.08 37.72
O3 NAP J . -23.51 24.26 30.37
PN NAP J . -23.71 24.89 28.89
O1N NAP J . -24.45 23.89 28.05
O2N NAP J . -22.37 25.36 28.41
O5D NAP J . -24.68 26.11 29.27
C5D NAP J . -24.15 27.42 29.36
C4D NAP J . -25.16 28.41 29.95
O4D NAP J . -26.35 28.53 29.15
C3D NAP J . -25.60 27.96 31.34
O3D NAP J . -25.55 29.07 32.25
C2D NAP J . -27.02 27.47 31.11
O2D NAP J . -27.82 27.52 32.31
C1D NAP J . -27.48 28.42 30.01
N1N NAP J . -28.64 27.89 29.30
P2B NAP J . -17.58 21.95 35.84
O1X NAP J . -18.93 21.41 36.23
O2X NAP J . -17.02 21.18 34.69
O3X NAP J . -16.60 22.14 36.99
O23 PNS K . 39.77 -15.69 11.62
P24 PNS K . 40.15 -17.07 11.19
O26 PNS K . 39.14 -18.19 11.22
O27 PNS K . 40.89 -17.05 9.77
C28 PNS K . 40.59 -16.07 8.77
C29 PNS K . 41.00 -16.62 7.40
C30 PNS K . 40.75 -15.52 6.38
C31 PNS K . 42.49 -16.96 7.44
C32 PNS K . 40.16 -17.89 7.09
O33 PNS K . 38.76 -17.57 7.10
C34 PNS K . 40.51 -18.57 5.78
O35 PNS K . 41.56 -19.18 5.67
N36 PNS K . 39.61 -18.48 4.79
C37 PNS K . 39.73 -19.14 3.49
C38 PNS K . 39.17 -20.57 3.52
C39 PNS K . 38.77 -21.10 2.17
O40 PNS K . 38.90 -20.42 1.17
N41 PNS K . 38.29 -22.35 2.17
C42 PNS K . 37.78 -23.08 1.01
C43 PNS K . 38.87 -23.47 0.01
S44 PNS K . 40.15 -24.46 0.81
PA NAP L . 34.84 -25.75 7.06
O1A NAP L . 33.58 -25.11 6.54
O2A NAP L . 35.90 -24.88 7.67
O5B NAP L . 34.43 -26.93 8.06
C5B NAP L . 35.35 -27.53 8.97
C4B NAP L . 34.58 -28.50 9.84
O4B NAP L . 35.45 -29.33 10.63
C3B NAP L . 33.71 -27.77 10.87
O3B NAP L . 32.57 -28.60 11.16
C2B NAP L . 34.64 -27.65 12.06
O2B NAP L . 34.00 -27.45 13.31
C1B NAP L . 35.19 -29.06 12.02
N9A NAP L . 36.36 -29.24 12.89
C8A NAP L . 37.54 -28.58 12.89
N7A NAP L . 38.36 -29.07 13.87
C5A NAP L . 37.70 -30.03 14.50
C6A NAP L . 37.96 -30.95 15.62
N6A NAP L . 39.13 -30.95 16.27
N1A NAP L . 36.99 -31.82 15.96
C2A NAP L . 35.81 -31.86 15.33
N3A NAP L . 35.50 -31.05 14.30
C4A NAP L . 36.39 -30.14 13.85
O3 NAP L . 35.56 -26.58 5.89
PN NAP L . 34.86 -27.03 4.52
O1N NAP L . 34.90 -25.84 3.60
O2N NAP L . 33.55 -27.72 4.87
O5D NAP L . 35.93 -28.12 4.02
C5D NAP L . 35.58 -29.48 3.95
C4D NAP L . 36.80 -30.37 3.74
O4D NAP L . 37.23 -30.21 2.39
C3D NAP L . 37.98 -30.00 4.65
O3D NAP L . 38.54 -31.17 5.26
C2D NAP L . 38.95 -29.33 3.71
O2D NAP L . 40.32 -29.53 4.11
C1D NAP L . 38.64 -29.97 2.37
N1N NAP L . 38.94 -29.07 1.27
P2B NAP L . 34.02 -26.06 14.14
O1X NAP L . 35.31 -25.40 13.81
O2X NAP L . 32.82 -25.32 13.62
O3X NAP L . 33.88 -26.53 15.56
#